data_9AQZ
# 
_entry.id   9AQZ 
# 
_audit_conform.dict_name       mmcif_pdbx.dic 
_audit_conform.dict_version    5.399 
_audit_conform.dict_location   http://mmcif.pdb.org/dictionaries/ascii/mmcif_pdbx.dic 
# 
loop_
_database_2.database_id 
_database_2.database_code 
_database_2.pdbx_database_accession 
_database_2.pdbx_DOI 
PDB   9AQZ         pdb_00009aqz 10.2210/pdb9aqz/pdb 
WWPDB D_1000281797 ?            ?                   
# 
loop_
_pdbx_audit_revision_history.ordinal 
_pdbx_audit_revision_history.data_content_type 
_pdbx_audit_revision_history.major_revision 
_pdbx_audit_revision_history.minor_revision 
_pdbx_audit_revision_history.revision_date 
1 'Structure model' 1 0 2024-10-16 
2 'Structure model' 1 1 2024-11-20 
# 
_pdbx_audit_revision_details.ordinal             1 
_pdbx_audit_revision_details.revision_ordinal    1 
_pdbx_audit_revision_details.data_content_type   'Structure model' 
_pdbx_audit_revision_details.provider            repository 
_pdbx_audit_revision_details.type                'Initial release' 
_pdbx_audit_revision_details.description         ? 
_pdbx_audit_revision_details.details             ? 
# 
_pdbx_audit_revision_group.ordinal             1 
_pdbx_audit_revision_group.revision_ordinal    2 
_pdbx_audit_revision_group.data_content_type   'Structure model' 
_pdbx_audit_revision_group.group               'Database references' 
# 
_pdbx_audit_revision_category.ordinal             1 
_pdbx_audit_revision_category.revision_ordinal    2 
_pdbx_audit_revision_category.data_content_type   'Structure model' 
_pdbx_audit_revision_category.category            citation 
# 
_pdbx_audit_revision_item.ordinal             1 
_pdbx_audit_revision_item.revision_ordinal    2 
_pdbx_audit_revision_item.data_content_type   'Structure model' 
_pdbx_audit_revision_item.item                '_citation.journal_issue' 
# 
_pdbx_database_status.status_code                     REL 
_pdbx_database_status.status_code_sf                  REL 
_pdbx_database_status.status_code_mr                  ? 
_pdbx_database_status.entry_id                        9AQZ 
_pdbx_database_status.recvd_initial_deposition_date   2024-02-22 
_pdbx_database_status.SG_entry                        N 
_pdbx_database_status.deposit_site                    RCSB 
_pdbx_database_status.process_site                    RCSB 
_pdbx_database_status.status_code_cs                  ? 
_pdbx_database_status.status_code_nmr_data            ? 
_pdbx_database_status.methods_development_category    ? 
_pdbx_database_status.pdb_format_compatible           N 
# 
_pdbx_contact_author.id                 2 
_pdbx_contact_author.email              andrew.judd@abbvie.com 
_pdbx_contact_author.name_first         Andrew 
_pdbx_contact_author.name_last          Judd 
_pdbx_contact_author.name_mi            ? 
_pdbx_contact_author.role               'principal investigator/group leader' 
_pdbx_contact_author.identifier_ORCID   0000-0003-2562-8841 
# 
loop_
_audit_author.name 
_audit_author.pdbx_ordinal 
_audit_author.identifier_ORCID 
'Judge, R.A.' 1 0000-0001-5917-9269 
'Judd, A.S.'  2 0000-0003-2562-8841 
# 
_citation.abstract                  ? 
_citation.abstract_id_CAS           ? 
_citation.book_id_ISBN              ? 
_citation.book_publisher            ? 
_citation.book_publisher_city       ? 
_citation.book_title                ? 
_citation.coordinate_linkage        ? 
_citation.country                   US 
_citation.database_id_Medline       ? 
_citation.details                   ? 
_citation.id                        primary 
_citation.journal_abbrev            'Sci Adv' 
_citation.journal_id_ASTM           ? 
_citation.journal_id_CSD            ? 
_citation.journal_id_ISSN           2375-2548 
_citation.journal_full              ? 
_citation.journal_issue             40 
_citation.journal_volume            10 
_citation.language                  ? 
_citation.page_first                eado7120 
_citation.page_last                 eado7120 
_citation.title                     
;BCL-X L -targeting antibody-drug conjugates are active in preclinical models and mitigate on-mechanism toxicity of small-molecule inhibitors.
;
_citation.year                      2024 
_citation.database_id_CSD           ? 
_citation.pdbx_database_id_DOI      10.1126/sciadv.ado7120 
_citation.pdbx_database_id_PubMed   39365864 
_citation.pdbx_database_id_patent   ? 
_citation.unpublished_flag          ? 
# 
loop_
_citation_author.citation_id 
_citation_author.name 
_citation_author.ordinal 
_citation_author.identifier_ORCID 
primary 'Judd, A.S.'      1  0000-0003-2562-8841 
primary 'Bawa, B.'        2  0000-0001-9891-4078 
primary 'Buck, W.R.'      3  0000-0002-0698-2178 
primary 'Tao, Z.F.'       4  0000-0001-5040-2444 
primary 'Li, Y.'          5  0000-0002-9428-7780 
primary 'Mitten, M.J.'    6  ?                   
primary 'Bruncko, M.'     7  ?                   
primary 'Catron, N.'      8  ?                   
primary 'Doherty, G.'     9  0009-0006-2283-7962 
primary 'Durbin, K.R.'    10 0000-0001-7163-4877 
primary 'Enright, B.'     11 ?                   
primary 'Frey, R.'        12 0009-0007-6116-7436 
primary 'Haasch, D.'      13 0009-0004-6805-0730 
primary 'Haman, S.'       14 0009-0001-7556-9045 
primary 'Haight, A.R.'    15 0009-0005-5300-7163 
primary 'Henriques, T.A.' 16 ?                   
primary 'Holms, J.'       17 0009-0002-7007-3822 
primary 'Izeradjene, K.'  18 ?                   
primary 'Judge, R.A.'     19 0000-0001-5917-9269 
primary 'Jenkins, G.J.'   20 0009-0004-4585-8542 
primary 'Kunzer, A.'      21 ?                   
primary 'Leverson, J.D.'  22 ?                   
primary 'Martin, R.L.'    23 0000-0002-0318-5325 
primary 'Mitra, D.'       24 0009-0003-4478-6594 
primary 'Mittelstadt, S.' 25 0009-0005-7554-2618 
primary 'Nelson, L.'      26 0009-0004-8825-209X 
primary 'Nimmer, P.'      27 0009-0003-4804-4555 
primary 'Palma, J.'       28 0009-0008-9500-5002 
primary 'Peterson, R.'    29 0009-0001-3750-817X 
primary 'Phillips, D.C.'  30 ?                   
primary 'Ralston, S.L.'   31 0009-0005-4664-4025 
primary 'Rosenberg, S.H.' 32 ?                   
primary 'Shen, X.'        33 0000-0002-2746-4484 
primary 'Song, X.'        34 ?                   
primary 'Vaidya, K.R.'    35 0000-0001-6600-2648 
primary 'Wang, X.'        36 ?                   
primary 'Wang, J.'        37 0000-0001-5420-5704 
primary 'Xiao, Y.'        38 ?                   
primary 'Zhang, H.'       39 ?                   
primary 'Zhang, X.'       40 0009-0009-4032-0272 
primary 'Blomme, E.A.'    41 0000-0001-5657-7667 
primary 'Boghaert, E.R.'  42 ?                   
primary 'Kalvass, J.C.'   43 0000-0003-4414-2804 
primary 'Phillips, A.'    44 0009-0008-0826-236X 
primary 'Souers, A.J.'    45 0009-0002-5965-0633 
# 
loop_
_entity.id 
_entity.type 
_entity.src_method 
_entity.pdbx_description 
_entity.formula_weight 
_entity.pdbx_number_of_molecules 
_entity.pdbx_ec 
_entity.pdbx_mutation 
_entity.pdbx_fragment 
_entity.details 
1 polymer     man 'Bcl-2-like protein 1' 18689.816 1  ? W24A,E158K,D189A ? 
;The following clone was used for structure studies [Bcl-xL (1-25)-GGGGGGG-(83-209) W24A, E158K, D189A]-LE-6His. In this form of the protein, an extended loop, residues 26-82 has been deleted and replaced with seven glycine residues. Point mutations are listed above.,The following clone was used for structure studies [Bcl-xL (1-25)-GGGGGGG-(83-209) W24A, E158K, D189A]-LE-6His. In this form of the protein, an extended loop, residues 26-82 has been deleted and replaced with seven glycine residues. Point mutations are listed above.
;
2 non-polymer syn 
;(3M)-3-(1-{[(1r,3R,5S,7r)-adamantan-1-yl]methyl}-5-methyl-1H-pyrazol-4-yl)-6-{8-[(1,3-benzothiazol-2-yl)carbamoyl]-3,4-dihydroisoquinolin-2(1H)-yl}pyridine-2-carboxylic acid
;
658.812   1  ? ?                ? ? 
3 non-polymer syn 'CADMIUM ION' 112.411   2  ? ?                ? ? 
4 water       nat water 18.015    85 ? ?                ? ? 
# 
_entity_name_com.entity_id   1 
_entity_name_com.name        'Bcl2-L-1,Apoptosis regulator Bcl-X' 
# 
_entity_poly.entity_id                      1 
_entity_poly.type                           'polypeptide(L)' 
_entity_poly.nstd_linkage                   no 
_entity_poly.nstd_monomer                   no 
_entity_poly.pdbx_seq_one_letter_code       
;MSQSNRELVVDFLSYKLSQKGYSASGGGGGGGMAAVKQALREAGDEFELRYRRAFSDLTSQLHITPGTAYQSFEQVVNEL
FRDGVNWGRIVAFFSFGGALCVESVDKKMQVLVSRIAAWMATYLNDHLEPWIQENGGWATFVELYGNNAAAESRKGQERL
EHHHHHH
;
_entity_poly.pdbx_seq_one_letter_code_can   
;MSQSNRELVVDFLSYKLSQKGYSASGGGGGGGMAAVKQALREAGDEFELRYRRAFSDLTSQLHITPGTAYQSFEQVVNEL
FRDGVNWGRIVAFFSFGGALCVESVDKKMQVLVSRIAAWMATYLNDHLEPWIQENGGWATFVELYGNNAAAESRKGQERL
EHHHHHH
;
_entity_poly.pdbx_strand_id                 A 
_entity_poly.pdbx_target_identifier         ? 
# 
loop_
_pdbx_entity_nonpoly.entity_id 
_pdbx_entity_nonpoly.name 
_pdbx_entity_nonpoly.comp_id 
2 
;(3M)-3-(1-{[(1r,3R,5S,7r)-adamantan-1-yl]methyl}-5-methyl-1H-pyrazol-4-yl)-6-{8-[(1,3-benzothiazol-2-yl)carbamoyl]-3,4-dihydroisoquinolin-2(1H)-yl}pyridine-2-carboxylic acid
;
A1AFG 
3 'CADMIUM ION' CD    
4 water HOH   
# 
loop_
_entity_poly_seq.entity_id 
_entity_poly_seq.num 
_entity_poly_seq.mon_id 
_entity_poly_seq.hetero 
1 1   MET n 
1 2   SER n 
1 3   GLN n 
1 4   SER n 
1 5   ASN n 
1 6   ARG n 
1 7   GLU n 
1 8   LEU n 
1 9   VAL n 
1 10  VAL n 
1 11  ASP n 
1 12  PHE n 
1 13  LEU n 
1 14  SER n 
1 15  TYR n 
1 16  LYS n 
1 17  LEU n 
1 18  SER n 
1 19  GLN n 
1 20  LYS n 
1 21  GLY n 
1 22  TYR n 
1 23  SER n 
1 24  ALA n 
1 25  SER n 
1 26  GLY n 
1 27  GLY n 
1 28  GLY n 
1 29  GLY n 
1 30  GLY n 
1 31  GLY n 
1 32  GLY n 
1 33  MET n 
1 34  ALA n 
1 35  ALA n 
1 36  VAL n 
1 37  LYS n 
1 38  GLN n 
1 39  ALA n 
1 40  LEU n 
1 41  ARG n 
1 42  GLU n 
1 43  ALA n 
1 44  GLY n 
1 45  ASP n 
1 46  GLU n 
1 47  PHE n 
1 48  GLU n 
1 49  LEU n 
1 50  ARG n 
1 51  TYR n 
1 52  ARG n 
1 53  ARG n 
1 54  ALA n 
1 55  PHE n 
1 56  SER n 
1 57  ASP n 
1 58  LEU n 
1 59  THR n 
1 60  SER n 
1 61  GLN n 
1 62  LEU n 
1 63  HIS n 
1 64  ILE n 
1 65  THR n 
1 66  PRO n 
1 67  GLY n 
1 68  THR n 
1 69  ALA n 
1 70  TYR n 
1 71  GLN n 
1 72  SER n 
1 73  PHE n 
1 74  GLU n 
1 75  GLN n 
1 76  VAL n 
1 77  VAL n 
1 78  ASN n 
1 79  GLU n 
1 80  LEU n 
1 81  PHE n 
1 82  ARG n 
1 83  ASP n 
1 84  GLY n 
1 85  VAL n 
1 86  ASN n 
1 87  TRP n 
1 88  GLY n 
1 89  ARG n 
1 90  ILE n 
1 91  VAL n 
1 92  ALA n 
1 93  PHE n 
1 94  PHE n 
1 95  SER n 
1 96  PHE n 
1 97  GLY n 
1 98  GLY n 
1 99  ALA n 
1 100 LEU n 
1 101 CYS n 
1 102 VAL n 
1 103 GLU n 
1 104 SER n 
1 105 VAL n 
1 106 ASP n 
1 107 LYS n 
1 108 LYS n 
1 109 MET n 
1 110 GLN n 
1 111 VAL n 
1 112 LEU n 
1 113 VAL n 
1 114 SER n 
1 115 ARG n 
1 116 ILE n 
1 117 ALA n 
1 118 ALA n 
1 119 TRP n 
1 120 MET n 
1 121 ALA n 
1 122 THR n 
1 123 TYR n 
1 124 LEU n 
1 125 ASN n 
1 126 ASP n 
1 127 HIS n 
1 128 LEU n 
1 129 GLU n 
1 130 PRO n 
1 131 TRP n 
1 132 ILE n 
1 133 GLN n 
1 134 GLU n 
1 135 ASN n 
1 136 GLY n 
1 137 GLY n 
1 138 TRP n 
1 139 ALA n 
1 140 THR n 
1 141 PHE n 
1 142 VAL n 
1 143 GLU n 
1 144 LEU n 
1 145 TYR n 
1 146 GLY n 
1 147 ASN n 
1 148 ASN n 
1 149 ALA n 
1 150 ALA n 
1 151 ALA n 
1 152 GLU n 
1 153 SER n 
1 154 ARG n 
1 155 LYS n 
1 156 GLY n 
1 157 GLN n 
1 158 GLU n 
1 159 ARG n 
1 160 LEU n 
1 161 GLU n 
1 162 HIS n 
1 163 HIS n 
1 164 HIS n 
1 165 HIS n 
1 166 HIS n 
1 167 HIS n 
# 
loop_
_entity_src_gen.entity_id 
_entity_src_gen.pdbx_src_id 
_entity_src_gen.pdbx_alt_source_flag 
_entity_src_gen.pdbx_seq_type 
_entity_src_gen.pdbx_beg_seq_num 
_entity_src_gen.pdbx_end_seq_num 
_entity_src_gen.gene_src_common_name 
_entity_src_gen.gene_src_genus 
_entity_src_gen.pdbx_gene_src_gene 
_entity_src_gen.gene_src_species 
_entity_src_gen.gene_src_strain 
_entity_src_gen.gene_src_tissue 
_entity_src_gen.gene_src_tissue_fraction 
_entity_src_gen.gene_src_details 
_entity_src_gen.pdbx_gene_src_fragment 
_entity_src_gen.pdbx_gene_src_scientific_name 
_entity_src_gen.pdbx_gene_src_ncbi_taxonomy_id 
_entity_src_gen.pdbx_gene_src_variant 
_entity_src_gen.pdbx_gene_src_cell_line 
_entity_src_gen.pdbx_gene_src_atcc 
_entity_src_gen.pdbx_gene_src_organ 
_entity_src_gen.pdbx_gene_src_organelle 
_entity_src_gen.pdbx_gene_src_cell 
_entity_src_gen.pdbx_gene_src_cellular_location 
_entity_src_gen.host_org_common_name 
_entity_src_gen.pdbx_host_org_scientific_name 
_entity_src_gen.pdbx_host_org_ncbi_taxonomy_id 
_entity_src_gen.host_org_genus 
_entity_src_gen.pdbx_host_org_gene 
_entity_src_gen.pdbx_host_org_organ 
_entity_src_gen.host_org_species 
_entity_src_gen.pdbx_host_org_tissue 
_entity_src_gen.pdbx_host_org_tissue_fraction 
_entity_src_gen.pdbx_host_org_strain 
_entity_src_gen.pdbx_host_org_variant 
_entity_src_gen.pdbx_host_org_cell_line 
_entity_src_gen.pdbx_host_org_atcc 
_entity_src_gen.pdbx_host_org_culture_collection 
_entity_src_gen.pdbx_host_org_cell 
_entity_src_gen.pdbx_host_org_organelle 
_entity_src_gen.pdbx_host_org_cellular_location 
_entity_src_gen.pdbx_host_org_vector_type 
_entity_src_gen.pdbx_host_org_vector 
_entity_src_gen.host_org_details 
_entity_src_gen.expression_system_id 
_entity_src_gen.plasmid_name 
_entity_src_gen.plasmid_details 
_entity_src_gen.pdbx_description 
1 1 sample 'Biological sequence' 1  25  human ? 'BCL2L1, BCL2L, BCLX' ? ? ? ? ? ? 'Homo sapiens' 9606 ? ? ? ? ? ? ? ? 
'Escherichia phage EcSzw-2' 2419741 ? ? ? ? ? ? ? ? ? ? ? ? ? ? ? ? ? ? ? ? ? 
1 2 sample 'Biological sequence' 26 167 human ? 'BCL2L1, BCL2L, BCLX' ? ? ? ? ? ? 'Homo sapiens' 9606 ? ? ? ? ? ? ? ? 
'Escherichia phage EcSzw-2' 2419741 ? ? ? ? ? ? ? ? ? ? ? ? ? ? ? ? ? ? ? ? ? 
# 
loop_
_chem_comp.id 
_chem_comp.type 
_chem_comp.mon_nstd_flag 
_chem_comp.name 
_chem_comp.pdbx_synonyms 
_chem_comp.formula 
_chem_comp.formula_weight 
A1AFG non-polymer         . 
;(3M)-3-(1-{[(1r,3R,5S,7r)-adamantan-1-yl]methyl}-5-methyl-1H-pyrazol-4-yl)-6-{8-[(1,3-benzothiazol-2-yl)carbamoyl]-3,4-dihydroisoquinolin-2(1H)-yl}pyridine-2-carboxylic acid
;
? 'C38 H38 N6 O3 S' 658.812 
ALA   'L-peptide linking' y ALANINE ? 'C3 H7 N O2'      89.093  
ARG   'L-peptide linking' y ARGININE ? 'C6 H15 N4 O2 1'  175.209 
ASN   'L-peptide linking' y ASPARAGINE ? 'C4 H8 N2 O3'     132.118 
ASP   'L-peptide linking' y 'ASPARTIC ACID' ? 'C4 H7 N O4'      133.103 
CD    non-polymer         . 'CADMIUM ION' ? 'Cd 2'            112.411 
CYS   'L-peptide linking' y CYSTEINE ? 'C3 H7 N O2 S'    121.158 
GLN   'L-peptide linking' y GLUTAMINE ? 'C5 H10 N2 O3'    146.144 
GLU   'L-peptide linking' y 'GLUTAMIC ACID' ? 'C5 H9 N O4'      147.129 
GLY   'peptide linking'   y GLYCINE ? 'C2 H5 N O2'      75.067  
HIS   'L-peptide linking' y HISTIDINE ? 'C6 H10 N3 O2 1'  156.162 
HOH   non-polymer         . WATER ? 'H2 O'            18.015  
ILE   'L-peptide linking' y ISOLEUCINE ? 'C6 H13 N O2'     131.173 
LEU   'L-peptide linking' y LEUCINE ? 'C6 H13 N O2'     131.173 
LYS   'L-peptide linking' y LYSINE ? 'C6 H15 N2 O2 1'  147.195 
MET   'L-peptide linking' y METHIONINE ? 'C5 H11 N O2 S'   149.211 
PHE   'L-peptide linking' y PHENYLALANINE ? 'C9 H11 N O2'     165.189 
PRO   'L-peptide linking' y PROLINE ? 'C5 H9 N O2'      115.130 
SER   'L-peptide linking' y SERINE ? 'C3 H7 N O3'      105.093 
THR   'L-peptide linking' y THREONINE ? 'C4 H9 N O3'      119.119 
TRP   'L-peptide linking' y TRYPTOPHAN ? 'C11 H12 N2 O2'   204.225 
TYR   'L-peptide linking' y TYROSINE ? 'C9 H11 N O3'     181.189 
VAL   'L-peptide linking' y VALINE ? 'C5 H11 N O2'     117.146 
# 
loop_
_pdbx_poly_seq_scheme.asym_id 
_pdbx_poly_seq_scheme.entity_id 
_pdbx_poly_seq_scheme.seq_id 
_pdbx_poly_seq_scheme.mon_id 
_pdbx_poly_seq_scheme.ndb_seq_num 
_pdbx_poly_seq_scheme.pdb_seq_num 
_pdbx_poly_seq_scheme.auth_seq_num 
_pdbx_poly_seq_scheme.pdb_mon_id 
_pdbx_poly_seq_scheme.auth_mon_id 
_pdbx_poly_seq_scheme.pdb_strand_id 
_pdbx_poly_seq_scheme.pdb_ins_code 
_pdbx_poly_seq_scheme.hetero 
A 1 1   MET 1   1   ?   ?   ?   A . n 
A 1 2   SER 2   2   2   SER SER A . n 
A 1 3   GLN 3   3   3   GLN GLN A . n 
A 1 4   SER 4   4   4   SER SER A . n 
A 1 5   ASN 5   5   5   ASN ASN A . n 
A 1 6   ARG 6   6   6   ARG ARG A . n 
A 1 7   GLU 7   7   7   GLU GLU A . n 
A 1 8   LEU 8   8   8   LEU LEU A . n 
A 1 9   VAL 9   9   9   VAL VAL A . n 
A 1 10  VAL 10  10  10  VAL VAL A . n 
A 1 11  ASP 11  11  11  ASP ASP A . n 
A 1 12  PHE 12  12  12  PHE PHE A . n 
A 1 13  LEU 13  13  13  LEU LEU A . n 
A 1 14  SER 14  14  14  SER SER A . n 
A 1 15  TYR 15  15  15  TYR TYR A . n 
A 1 16  LYS 16  16  16  LYS LYS A . n 
A 1 17  LEU 17  17  17  LEU LEU A . n 
A 1 18  SER 18  18  18  SER SER A . n 
A 1 19  GLN 19  19  19  GLN GLN A . n 
A 1 20  LYS 20  20  20  LYS LYS A . n 
A 1 21  GLY 21  21  21  GLY GLY A . n 
A 1 22  TYR 22  22  22  TYR TYR A . n 
A 1 23  SER 23  23  23  SER SER A . n 
A 1 24  ALA 24  24  24  ALA ALA A . n 
A 1 25  SER 25  25  25  SER SER A . n 
A 1 26  GLY 26  26  26  GLY GLY A . n 
A 1 27  GLY 27  77  ?   ?   ?   A . n 
A 1 28  GLY 28  78  ?   ?   ?   A . n 
A 1 29  GLY 29  79  79  GLY GLY A . n 
A 1 30  GLY 30  80  80  GLY GLY A . n 
A 1 31  GLY 31  81  81  GLY GLY A . n 
A 1 32  GLY 32  82  82  GLY GLY A . n 
A 1 33  MET 33  83  83  MET MET A . n 
A 1 34  ALA 34  84  84  ALA ALA A . n 
A 1 35  ALA 35  85  85  ALA ALA A . n 
A 1 36  VAL 36  86  86  VAL VAL A . n 
A 1 37  LYS 37  87  87  LYS LYS A . n 
A 1 38  GLN 38  88  88  GLN GLN A . n 
A 1 39  ALA 39  89  89  ALA ALA A . n 
A 1 40  LEU 40  90  90  LEU LEU A . n 
A 1 41  ARG 41  91  91  ARG ARG A . n 
A 1 42  GLU 42  92  92  GLU GLU A . n 
A 1 43  ALA 43  93  93  ALA ALA A . n 
A 1 44  GLY 44  94  94  GLY GLY A . n 
A 1 45  ASP 45  95  95  ASP ASP A . n 
A 1 46  GLU 46  96  96  GLU GLU A . n 
A 1 47  PHE 47  97  97  PHE PHE A . n 
A 1 48  GLU 48  98  98  GLU GLU A . n 
A 1 49  LEU 49  99  99  LEU LEU A . n 
A 1 50  ARG 50  100 100 ARG ARG A . n 
A 1 51  TYR 51  101 101 TYR TYR A . n 
A 1 52  ARG 52  102 102 ARG ARG A . n 
A 1 53  ARG 53  103 103 ARG ARG A . n 
A 1 54  ALA 54  104 104 ALA ALA A . n 
A 1 55  PHE 55  105 105 PHE PHE A . n 
A 1 56  SER 56  106 106 SER SER A . n 
A 1 57  ASP 57  107 107 ASP ASP A . n 
A 1 58  LEU 58  108 108 LEU LEU A . n 
A 1 59  THR 59  109 109 THR THR A . n 
A 1 60  SER 60  110 110 SER SER A . n 
A 1 61  GLN 61  111 111 GLN GLN A . n 
A 1 62  LEU 62  112 112 LEU LEU A . n 
A 1 63  HIS 63  113 113 HIS HIS A . n 
A 1 64  ILE 64  114 114 ILE ILE A . n 
A 1 65  THR 65  115 115 THR THR A . n 
A 1 66  PRO 66  116 116 PRO PRO A . n 
A 1 67  GLY 67  117 117 GLY GLY A . n 
A 1 68  THR 68  118 118 THR THR A . n 
A 1 69  ALA 69  119 119 ALA ALA A . n 
A 1 70  TYR 70  120 120 TYR TYR A . n 
A 1 71  GLN 71  121 121 GLN GLN A . n 
A 1 72  SER 72  122 122 SER SER A . n 
A 1 73  PHE 73  123 123 PHE PHE A . n 
A 1 74  GLU 74  124 124 GLU GLU A . n 
A 1 75  GLN 75  125 125 GLN GLN A . n 
A 1 76  VAL 76  126 126 VAL VAL A . n 
A 1 77  VAL 77  127 127 VAL VAL A . n 
A 1 78  ASN 78  128 128 ASN ASN A . n 
A 1 79  GLU 79  129 129 GLU GLU A . n 
A 1 80  LEU 80  130 130 LEU LEU A . n 
A 1 81  PHE 81  131 131 PHE PHE A . n 
A 1 82  ARG 82  132 132 ARG ARG A . n 
A 1 83  ASP 83  133 133 ASP ASP A . n 
A 1 84  GLY 84  134 134 GLY GLY A . n 
A 1 85  VAL 85  135 135 VAL VAL A . n 
A 1 86  ASN 86  136 136 ASN ASN A . n 
A 1 87  TRP 87  137 137 TRP TRP A . n 
A 1 88  GLY 88  138 138 GLY GLY A . n 
A 1 89  ARG 89  139 139 ARG ARG A . n 
A 1 90  ILE 90  140 140 ILE ILE A . n 
A 1 91  VAL 91  141 141 VAL VAL A . n 
A 1 92  ALA 92  142 142 ALA ALA A . n 
A 1 93  PHE 93  143 143 PHE PHE A . n 
A 1 94  PHE 94  144 144 PHE PHE A . n 
A 1 95  SER 95  145 145 SER SER A . n 
A 1 96  PHE 96  146 146 PHE PHE A . n 
A 1 97  GLY 97  147 147 GLY GLY A . n 
A 1 98  GLY 98  148 148 GLY GLY A . n 
A 1 99  ALA 99  149 149 ALA ALA A . n 
A 1 100 LEU 100 150 150 LEU LEU A . n 
A 1 101 CYS 101 151 151 CYS CYS A . n 
A 1 102 VAL 102 152 152 VAL VAL A . n 
A 1 103 GLU 103 153 153 GLU GLU A . n 
A 1 104 SER 104 154 154 SER SER A . n 
A 1 105 VAL 105 155 155 VAL VAL A . n 
A 1 106 ASP 106 156 156 ASP ASP A . n 
A 1 107 LYS 107 157 157 LYS LYS A . n 
A 1 108 LYS 108 158 158 LYS LYS A . n 
A 1 109 MET 109 159 159 MET MET A . n 
A 1 110 GLN 110 160 160 GLN GLN A . n 
A 1 111 VAL 111 161 161 VAL VAL A . n 
A 1 112 LEU 112 162 162 LEU LEU A . n 
A 1 113 VAL 113 163 163 VAL VAL A . n 
A 1 114 SER 114 164 164 SER SER A . n 
A 1 115 ARG 115 165 165 ARG ARG A . n 
A 1 116 ILE 116 166 166 ILE ILE A . n 
A 1 117 ALA 117 167 167 ALA ALA A . n 
A 1 118 ALA 118 168 168 ALA ALA A . n 
A 1 119 TRP 119 169 169 TRP TRP A . n 
A 1 120 MET 120 170 170 MET MET A . n 
A 1 121 ALA 121 171 171 ALA ALA A . n 
A 1 122 THR 122 172 172 THR THR A . n 
A 1 123 TYR 123 173 173 TYR TYR A . n 
A 1 124 LEU 124 174 174 LEU LEU A . n 
A 1 125 ASN 125 175 175 ASN ASN A . n 
A 1 126 ASP 126 176 176 ASP ASP A . n 
A 1 127 HIS 127 177 177 HIS HIS A . n 
A 1 128 LEU 128 178 178 LEU LEU A . n 
A 1 129 GLU 129 179 179 GLU GLU A . n 
A 1 130 PRO 130 180 180 PRO PRO A . n 
A 1 131 TRP 131 181 181 TRP TRP A . n 
A 1 132 ILE 132 182 182 ILE ILE A . n 
A 1 133 GLN 133 183 183 GLN GLN A . n 
A 1 134 GLU 134 184 184 GLU GLU A . n 
A 1 135 ASN 135 185 185 ASN ASN A . n 
A 1 136 GLY 136 186 186 GLY GLY A . n 
A 1 137 GLY 137 187 187 GLY GLY A . n 
A 1 138 TRP 138 188 188 TRP TRP A . n 
A 1 139 ALA 139 189 189 ALA ALA A . n 
A 1 140 THR 140 190 190 THR THR A . n 
A 1 141 PHE 141 191 191 PHE PHE A . n 
A 1 142 VAL 142 192 192 VAL VAL A . n 
A 1 143 GLU 143 193 193 GLU GLU A . n 
A 1 144 LEU 144 194 194 LEU LEU A . n 
A 1 145 TYR 145 195 195 TYR TYR A . n 
A 1 146 GLY 146 196 196 GLY GLY A . n 
A 1 147 ASN 147 197 ?   ?   ?   A . n 
A 1 148 ASN 148 198 ?   ?   ?   A . n 
A 1 149 ALA 149 199 ?   ?   ?   A . n 
A 1 150 ALA 150 200 ?   ?   ?   A . n 
A 1 151 ALA 151 201 ?   ?   ?   A . n 
A 1 152 GLU 152 202 ?   ?   ?   A . n 
A 1 153 SER 153 203 ?   ?   ?   A . n 
A 1 154 ARG 154 204 ?   ?   ?   A . n 
A 1 155 LYS 155 205 ?   ?   ?   A . n 
A 1 156 GLY 156 206 ?   ?   ?   A . n 
A 1 157 GLN 157 207 ?   ?   ?   A . n 
A 1 158 GLU 158 208 ?   ?   ?   A . n 
A 1 159 ARG 159 209 ?   ?   ?   A . n 
A 1 160 LEU 160 210 ?   ?   ?   A . n 
A 1 161 GLU 161 211 ?   ?   ?   A . n 
A 1 162 HIS 162 212 ?   ?   ?   A . n 
A 1 163 HIS 163 213 ?   ?   ?   A . n 
A 1 164 HIS 164 214 ?   ?   ?   A . n 
A 1 165 HIS 165 215 ?   ?   ?   A . n 
A 1 166 HIS 166 216 ?   ?   ?   A . n 
A 1 167 HIS 167 217 ?   ?   ?   A . n 
# 
_pdbx_entity_instance_feature.ordinal        1 
_pdbx_entity_instance_feature.comp_id        A1AFG 
_pdbx_entity_instance_feature.asym_id        ? 
_pdbx_entity_instance_feature.seq_num        ? 
_pdbx_entity_instance_feature.auth_comp_id   A1AFG 
_pdbx_entity_instance_feature.auth_asym_id   ? 
_pdbx_entity_instance_feature.auth_seq_num   ? 
_pdbx_entity_instance_feature.feature_type   'SUBJECT OF INVESTIGATION' 
_pdbx_entity_instance_feature.details        ? 
# 
loop_
_pdbx_nonpoly_scheme.asym_id 
_pdbx_nonpoly_scheme.entity_id 
_pdbx_nonpoly_scheme.mon_id 
_pdbx_nonpoly_scheme.ndb_seq_num 
_pdbx_nonpoly_scheme.pdb_seq_num 
_pdbx_nonpoly_scheme.auth_seq_num 
_pdbx_nonpoly_scheme.pdb_mon_id 
_pdbx_nonpoly_scheme.auth_mon_id 
_pdbx_nonpoly_scheme.pdb_strand_id 
_pdbx_nonpoly_scheme.pdb_ins_code 
B 2 A1AFG 1  301 4000 A1AFG LIG A . 
C 3 CD    1  302 4101 CD    CD  A . 
D 3 CD    1  303 4201 CD    CD  A . 
E 4 HOH   1  401 58   HOH   HOH A . 
E 4 HOH   2  402 21   HOH   HOH A . 
E 4 HOH   3  403 4    HOH   HOH A . 
E 4 HOH   4  404 50   HOH   HOH A . 
E 4 HOH   5  405 3    HOH   HOH A . 
E 4 HOH   6  406 72   HOH   HOH A . 
E 4 HOH   7  407 6    HOH   HOH A . 
E 4 HOH   8  408 1    HOH   HOH A . 
E 4 HOH   9  409 48   HOH   HOH A . 
E 4 HOH   10 410 73   HOH   HOH A . 
E 4 HOH   11 411 4    HOH   HOH A . 
E 4 HOH   12 412 25   HOH   HOH A . 
E 4 HOH   13 413 14   HOH   HOH A . 
E 4 HOH   14 414 8    HOH   HOH A . 
E 4 HOH   15 415 9    HOH   HOH A . 
E 4 HOH   16 416 5    HOH   HOH A . 
E 4 HOH   17 417 22   HOH   HOH A . 
E 4 HOH   18 418 53   HOH   HOH A . 
E 4 HOH   19 419 7    HOH   HOH A . 
E 4 HOH   20 420 52   HOH   HOH A . 
E 4 HOH   21 421 5    HOH   HOH A . 
E 4 HOH   22 422 28   HOH   HOH A . 
E 4 HOH   23 423 24   HOH   HOH A . 
E 4 HOH   24 424 10   HOH   HOH A . 
E 4 HOH   25 425 2    HOH   HOH A . 
E 4 HOH   26 426 36   HOH   HOH A . 
E 4 HOH   27 427 23   HOH   HOH A . 
E 4 HOH   28 428 3    HOH   HOH A . 
E 4 HOH   29 429 37   HOH   HOH A . 
E 4 HOH   30 430 68   HOH   HOH A . 
E 4 HOH   31 431 40   HOH   HOH A . 
E 4 HOH   32 432 70   HOH   HOH A . 
E 4 HOH   33 433 30   HOH   HOH A . 
E 4 HOH   34 434 34   HOH   HOH A . 
E 4 HOH   35 435 33   HOH   HOH A . 
E 4 HOH   36 436 39   HOH   HOH A . 
E 4 HOH   37 437 35   HOH   HOH A . 
E 4 HOH   38 438 54   HOH   HOH A . 
E 4 HOH   39 439 2    HOH   HOH A . 
E 4 HOH   40 440 69   HOH   HOH A . 
E 4 HOH   41 441 15   HOH   HOH A . 
E 4 HOH   42 442 67   HOH   HOH A . 
E 4 HOH   43 443 20   HOH   HOH A . 
E 4 HOH   44 444 9    HOH   HOH A . 
E 4 HOH   45 445 29   HOH   HOH A . 
E 4 HOH   46 446 55   HOH   HOH A . 
E 4 HOH   47 447 31   HOH   HOH A . 
E 4 HOH   48 448 26   HOH   HOH A . 
E 4 HOH   49 449 56   HOH   HOH A . 
E 4 HOH   50 450 12   HOH   HOH A . 
E 4 HOH   51 451 47   HOH   HOH A . 
E 4 HOH   52 452 41   HOH   HOH A . 
E 4 HOH   53 453 71   HOH   HOH A . 
E 4 HOH   54 454 59   HOH   HOH A . 
E 4 HOH   55 455 44   HOH   HOH A . 
E 4 HOH   56 456 19   HOH   HOH A . 
E 4 HOH   57 457 7    HOH   HOH A . 
E 4 HOH   58 458 57   HOH   HOH A . 
E 4 HOH   59 459 46   HOH   HOH A . 
E 4 HOH   60 460 74   HOH   HOH A . 
E 4 HOH   61 461 27   HOH   HOH A . 
E 4 HOH   62 462 60   HOH   HOH A . 
E 4 HOH   63 463 63   HOH   HOH A . 
E 4 HOH   64 464 62   HOH   HOH A . 
E 4 HOH   65 465 18   HOH   HOH A . 
E 4 HOH   66 466 8    HOH   HOH A . 
E 4 HOH   67 467 38   HOH   HOH A . 
E 4 HOH   68 468 43   HOH   HOH A . 
E 4 HOH   69 469 10   HOH   HOH A . 
E 4 HOH   70 470 61   HOH   HOH A . 
E 4 HOH   71 471 17   HOH   HOH A . 
E 4 HOH   72 472 6    HOH   HOH A . 
E 4 HOH   73 473 11   HOH   HOH A . 
E 4 HOH   74 474 16   HOH   HOH A . 
E 4 HOH   75 475 12   HOH   HOH A . 
E 4 HOH   76 476 49   HOH   HOH A . 
E 4 HOH   77 477 42   HOH   HOH A . 
E 4 HOH   78 478 45   HOH   HOH A . 
E 4 HOH   79 479 32   HOH   HOH A . 
E 4 HOH   80 480 66   HOH   HOH A . 
E 4 HOH   81 481 64   HOH   HOH A . 
E 4 HOH   82 482 65   HOH   HOH A . 
E 4 HOH   83 483 51   HOH   HOH A . 
E 4 HOH   84 484 11   HOH   HOH A . 
E 4 HOH   85 485 13   HOH   HOH A . 
# 
loop_
_pdbx_unobs_or_zero_occ_atoms.id 
_pdbx_unobs_or_zero_occ_atoms.PDB_model_num 
_pdbx_unobs_or_zero_occ_atoms.polymer_flag 
_pdbx_unobs_or_zero_occ_atoms.occupancy_flag 
_pdbx_unobs_or_zero_occ_atoms.auth_asym_id 
_pdbx_unobs_or_zero_occ_atoms.auth_comp_id 
_pdbx_unobs_or_zero_occ_atoms.auth_seq_id 
_pdbx_unobs_or_zero_occ_atoms.PDB_ins_code 
_pdbx_unobs_or_zero_occ_atoms.auth_atom_id 
_pdbx_unobs_or_zero_occ_atoms.label_alt_id 
_pdbx_unobs_or_zero_occ_atoms.label_asym_id 
_pdbx_unobs_or_zero_occ_atoms.label_comp_id 
_pdbx_unobs_or_zero_occ_atoms.label_seq_id 
_pdbx_unobs_or_zero_occ_atoms.label_atom_id 
1  1 Y 1 A ARG 100 ? CG  ? A ARG 50  CG  
2  1 Y 1 A ARG 100 ? CD  ? A ARG 50  CD  
3  1 Y 1 A ARG 100 ? NE  ? A ARG 50  NE  
4  1 Y 1 A ARG 100 ? CZ  ? A ARG 50  CZ  
5  1 Y 1 A ARG 100 ? NH1 ? A ARG 50  NH1 
6  1 Y 1 A ARG 100 ? NH2 ? A ARG 50  NH2 
7  1 Y 1 A ARG 132 ? CG  ? A ARG 82  CG  
8  1 Y 1 A ARG 132 ? CD  ? A ARG 82  CD  
9  1 Y 1 A ARG 132 ? NE  ? A ARG 82  NE  
10 1 Y 1 A ARG 132 ? CZ  ? A ARG 82  CZ  
11 1 Y 1 A ARG 132 ? NH1 ? A ARG 82  NH1 
12 1 Y 1 A ARG 132 ? NH2 ? A ARG 82  NH2 
13 1 Y 1 A GLN 183 ? CG  ? A GLN 133 CG  
14 1 Y 1 A GLN 183 ? CD  ? A GLN 133 CD  
15 1 Y 1 A GLN 183 ? OE1 ? A GLN 133 OE1 
16 1 Y 1 A GLN 183 ? NE2 ? A GLN 133 NE2 
# 
loop_
_software.citation_id 
_software.classification 
_software.compiler_name 
_software.compiler_version 
_software.contact_author 
_software.contact_author_email 
_software.date 
_software.description 
_software.dependencies 
_software.hardware 
_software.language 
_software.location 
_software.mods 
_software.name 
_software.os 
_software.os_version 
_software.type 
_software.version 
_software.pdbx_ordinal 
? refinement       ? ? ? ? ? ? ? ? ? ? ? BUSTER   ? ? ? '2.11.8 (8-JUN-2022)' 1 
? 'data reduction' ? ? ? ? ? ? ? ? ? ? ? autoPROC ? ? ? .                     2 
? 'data scaling'   ? ? ? ? ? ? ? ? ? ? ? XDS      ? ? ? .                     3 
? phasing          ? ? ? ? ? ? ? ? ? ? ? MOLREP   ? ? ? .                     4 
# 
_cell.angle_alpha                  90 
_cell.angle_alpha_esd              ? 
_cell.angle_beta                   90 
_cell.angle_beta_esd               ? 
_cell.angle_gamma                  90 
_cell.angle_gamma_esd              ? 
_cell.entry_id                     9AQZ 
_cell.details                      ? 
_cell.formula_units_Z              ? 
_cell.length_a                     33.031 
_cell.length_a_esd                 ? 
_cell.length_b                     78.389 
_cell.length_b_esd                 ? 
_cell.length_c                     144.774 
_cell.length_c_esd                 ? 
_cell.volume                       ? 
_cell.volume_esd                   ? 
_cell.Z_PDB                        8 
_cell.reciprocal_angle_alpha       ? 
_cell.reciprocal_angle_beta        ? 
_cell.reciprocal_angle_gamma       ? 
_cell.reciprocal_angle_alpha_esd   ? 
_cell.reciprocal_angle_beta_esd    ? 
_cell.reciprocal_angle_gamma_esd   ? 
_cell.reciprocal_length_a          ? 
_cell.reciprocal_length_b          ? 
_cell.reciprocal_length_c          ? 
_cell.reciprocal_length_a_esd      ? 
_cell.reciprocal_length_b_esd      ? 
_cell.reciprocal_length_c_esd      ? 
_cell.pdbx_unique_axis             ? 
_cell.pdbx_esd_method              ? 
# 
_symmetry.entry_id                         9AQZ 
_symmetry.cell_setting                     ? 
_symmetry.Int_Tables_number                24 
_symmetry.space_group_name_Hall            ? 
_symmetry.space_group_name_H-M             'I 21 21 21' 
_symmetry.pdbx_full_space_group_name_H-M   ? 
# 
_exptl.absorpt_coefficient_mu     ? 
_exptl.absorpt_correction_T_max   ? 
_exptl.absorpt_correction_T_min   ? 
_exptl.absorpt_correction_type    ? 
_exptl.absorpt_process_details    ? 
_exptl.entry_id                   9AQZ 
_exptl.crystals_number            1 
_exptl.details                    ? 
_exptl.method                     'X-RAY DIFFRACTION' 
_exptl.method_details             ? 
# 
_exptl_crystal.colour                       ? 
_exptl_crystal.density_diffrn               ? 
_exptl_crystal.density_Matthews             2.51 
_exptl_crystal.density_method               ? 
_exptl_crystal.density_percent_sol          50.94 
_exptl_crystal.description                  ? 
_exptl_crystal.F_000                        ? 
_exptl_crystal.id                           1 
_exptl_crystal.preparation                  ? 
_exptl_crystal.size_max                     ? 
_exptl_crystal.size_mid                     ? 
_exptl_crystal.size_min                     ? 
_exptl_crystal.size_rad                     ? 
_exptl_crystal.colour_lustre                ? 
_exptl_crystal.colour_modifier              ? 
_exptl_crystal.colour_primary               ? 
_exptl_crystal.density_meas                 ? 
_exptl_crystal.density_meas_esd             ? 
_exptl_crystal.density_meas_gt              ? 
_exptl_crystal.density_meas_lt              ? 
_exptl_crystal.density_meas_temp            ? 
_exptl_crystal.density_meas_temp_esd        ? 
_exptl_crystal.density_meas_temp_gt         ? 
_exptl_crystal.density_meas_temp_lt         ? 
_exptl_crystal.pdbx_crystal_image_url       ? 
_exptl_crystal.pdbx_crystal_image_format    ? 
_exptl_crystal.pdbx_mosaicity               ? 
_exptl_crystal.pdbx_mosaicity_esd           ? 
_exptl_crystal.pdbx_mosaic_method           ? 
_exptl_crystal.pdbx_mosaic_block_size       ? 
_exptl_crystal.pdbx_mosaic_block_size_esd   ? 
# 
_exptl_crystal_grow.apparatus       ? 
_exptl_crystal_grow.atmosphere      ? 
_exptl_crystal_grow.crystal_id      1 
_exptl_crystal_grow.details         ? 
_exptl_crystal_grow.method          'VAPOR DIFFUSION' 
_exptl_crystal_grow.method_ref      ? 
_exptl_crystal_grow.pH              7.5 
_exptl_crystal_grow.pressure        ? 
_exptl_crystal_grow.pressure_esd    ? 
_exptl_crystal_grow.seeding         ? 
_exptl_crystal_grow.seeding_ref     ? 
_exptl_crystal_grow.temp_details    ? 
_exptl_crystal_grow.temp_esd        ? 
_exptl_crystal_grow.time            ? 
_exptl_crystal_grow.pdbx_details    '1 M sodium acetate, 0.1 M HEPES pH 7.5, 0.05 M cadmium sulfate' 
_exptl_crystal_grow.pdbx_pH_range   ? 
_exptl_crystal_grow.temp            290 
# 
_diffrn.ambient_environment              ? 
_diffrn.ambient_temp                     100 
_diffrn.ambient_temp_details             ? 
_diffrn.ambient_temp_esd                 ? 
_diffrn.crystal_id                       1 
_diffrn.crystal_support                  ? 
_diffrn.crystal_treatment                ? 
_diffrn.details                          ? 
_diffrn.id                               1 
_diffrn.ambient_pressure                 ? 
_diffrn.ambient_pressure_esd             ? 
_diffrn.ambient_pressure_gt              ? 
_diffrn.ambient_pressure_lt              ? 
_diffrn.ambient_temp_gt                  ? 
_diffrn.ambient_temp_lt                  ? 
_diffrn.pdbx_serial_crystal_experiment   N 
# 
_diffrn_detector.details                      ? 
_diffrn_detector.detector                     PIXEL 
_diffrn_detector.diffrn_id                    1 
_diffrn_detector.type                         'DECTRIS PILATUS 6M' 
_diffrn_detector.area_resol_mean              ? 
_diffrn_detector.dtime                        ? 
_diffrn_detector.pdbx_frames_total            ? 
_diffrn_detector.pdbx_collection_time_total   ? 
_diffrn_detector.pdbx_collection_date         2020-06-30 
_diffrn_detector.pdbx_frequency               ? 
_diffrn_detector.id                           ? 
_diffrn_detector.number_of_axes               ? 
# 
_diffrn_radiation.collimation                      ? 
_diffrn_radiation.diffrn_id                        1 
_diffrn_radiation.filter_edge                      ? 
_diffrn_radiation.inhomogeneity                    ? 
_diffrn_radiation.monochromator                    ? 
_diffrn_radiation.polarisn_norm                    ? 
_diffrn_radiation.polarisn_ratio                   ? 
_diffrn_radiation.probe                            ? 
_diffrn_radiation.type                             ? 
_diffrn_radiation.xray_symbol                      ? 
_diffrn_radiation.wavelength_id                    1 
_diffrn_radiation.pdbx_monochromatic_or_laue_m_l   M 
_diffrn_radiation.pdbx_wavelength_list             ? 
_diffrn_radiation.pdbx_wavelength                  ? 
_diffrn_radiation.pdbx_diffrn_protocol             'SINGLE WAVELENGTH' 
_diffrn_radiation.pdbx_analyzer                    ? 
_diffrn_radiation.pdbx_scattering_type             x-ray 
# 
_diffrn_radiation_wavelength.id           1 
_diffrn_radiation_wavelength.wavelength   1.000 
_diffrn_radiation_wavelength.wt           1.0 
# 
_diffrn_source.current                     ? 
_diffrn_source.details                     ? 
_diffrn_source.diffrn_id                   1 
_diffrn_source.power                       ? 
_diffrn_source.size                        ? 
_diffrn_source.source                      SYNCHROTRON 
_diffrn_source.target                      ? 
_diffrn_source.type                        'APS BEAMLINE 17-ID' 
_diffrn_source.voltage                     ? 
_diffrn_source.take-off_angle              ? 
_diffrn_source.pdbx_wavelength_list        1.000 
_diffrn_source.pdbx_wavelength             ? 
_diffrn_source.pdbx_synchrotron_beamline   17-ID 
_diffrn_source.pdbx_synchrotron_site       APS 
# 
_reflns.B_iso_Wilson_estimate                          ? 
_reflns.entry_id                                       9AQZ 
_reflns.data_reduction_details                         ? 
_reflns.data_reduction_method                          ? 
_reflns.d_resolution_high                              1.961 
_reflns.d_resolution_low                               72.387 
_reflns.details                                        ? 
_reflns.limit_h_max                                    ? 
_reflns.limit_h_min                                    ? 
_reflns.limit_k_max                                    ? 
_reflns.limit_k_min                                    ? 
_reflns.limit_l_max                                    ? 
_reflns.limit_l_min                                    ? 
_reflns.number_all                                     ? 
_reflns.number_obs                                     13959 
_reflns.observed_criterion                             ? 
_reflns.observed_criterion_F_max                       ? 
_reflns.observed_criterion_F_min                       ? 
_reflns.observed_criterion_I_max                       ? 
_reflns.observed_criterion_I_min                       ? 
_reflns.observed_criterion_sigma_F                     ? 
_reflns.observed_criterion_sigma_I                     ? 
_reflns.percent_possible_obs                           99.9 
_reflns.R_free_details                                 ? 
_reflns.Rmerge_F_all                                   ? 
_reflns.Rmerge_F_obs                                   ? 
_reflns.Friedel_coverage                               ? 
_reflns.number_gt                                      ? 
_reflns.threshold_expression                           ? 
_reflns.pdbx_redundancy                                6.6 
_reflns.pdbx_netI_over_av_sigmaI                       ? 
_reflns.pdbx_netI_over_sigmaI                          11.9 
_reflns.pdbx_res_netI_over_av_sigmaI_2                 ? 
_reflns.pdbx_res_netI_over_sigmaI_2                    ? 
_reflns.pdbx_chi_squared                               ? 
_reflns.pdbx_scaling_rejects                           ? 
_reflns.pdbx_d_res_high_opt                            ? 
_reflns.pdbx_d_res_low_opt                             ? 
_reflns.pdbx_d_res_opt_method                          ? 
_reflns.phase_calculation_details                      ? 
_reflns.pdbx_Rrim_I_all                                ? 
_reflns.pdbx_Rpim_I_all                                ? 
_reflns.pdbx_d_opt                                     ? 
_reflns.pdbx_number_measured_all                       ? 
_reflns.pdbx_diffrn_id                                 1 
_reflns.pdbx_ordinal                                   1 
_reflns.pdbx_CC_half                                   0.998 
_reflns.pdbx_CC_star                                   ? 
_reflns.pdbx_R_split                                   ? 
_reflns.pdbx_Rmerge_I_obs                              ? 
_reflns.pdbx_Rmerge_I_all                              ? 
_reflns.pdbx_Rsym_value                                ? 
_reflns.pdbx_CC_split_method                           ? 
_reflns.pdbx_aniso_diffraction_limit_axis_1_ortho[1]   ? 
_reflns.pdbx_aniso_diffraction_limit_axis_1_ortho[2]   ? 
_reflns.pdbx_aniso_diffraction_limit_axis_1_ortho[3]   ? 
_reflns.pdbx_aniso_diffraction_limit_axis_2_ortho[1]   ? 
_reflns.pdbx_aniso_diffraction_limit_axis_2_ortho[2]   ? 
_reflns.pdbx_aniso_diffraction_limit_axis_2_ortho[3]   ? 
_reflns.pdbx_aniso_diffraction_limit_axis_3_ortho[1]   ? 
_reflns.pdbx_aniso_diffraction_limit_axis_3_ortho[2]   ? 
_reflns.pdbx_aniso_diffraction_limit_axis_3_ortho[3]   ? 
_reflns.pdbx_aniso_diffraction_limit_1                 ? 
_reflns.pdbx_aniso_diffraction_limit_2                 ? 
_reflns.pdbx_aniso_diffraction_limit_3                 ? 
_reflns.pdbx_aniso_B_tensor_eigenvector_1_ortho[1]     ? 
_reflns.pdbx_aniso_B_tensor_eigenvector_1_ortho[2]     ? 
_reflns.pdbx_aniso_B_tensor_eigenvector_1_ortho[3]     ? 
_reflns.pdbx_aniso_B_tensor_eigenvector_2_ortho[1]     ? 
_reflns.pdbx_aniso_B_tensor_eigenvector_2_ortho[2]     ? 
_reflns.pdbx_aniso_B_tensor_eigenvector_2_ortho[3]     ? 
_reflns.pdbx_aniso_B_tensor_eigenvector_3_ortho[1]     ? 
_reflns.pdbx_aniso_B_tensor_eigenvector_3_ortho[2]     ? 
_reflns.pdbx_aniso_B_tensor_eigenvector_3_ortho[3]     ? 
_reflns.pdbx_aniso_B_tensor_eigenvalue_1               ? 
_reflns.pdbx_aniso_B_tensor_eigenvalue_2               ? 
_reflns.pdbx_aniso_B_tensor_eigenvalue_3               ? 
_reflns.pdbx_orthogonalization_convention              ? 
_reflns.pdbx_percent_possible_ellipsoidal              ? 
_reflns.pdbx_percent_possible_spherical                ? 
_reflns.pdbx_percent_possible_ellipsoidal_anomalous    ? 
_reflns.pdbx_percent_possible_spherical_anomalous      ? 
_reflns.pdbx_redundancy_anomalous                      ? 
_reflns.pdbx_CC_half_anomalous                         ? 
_reflns.pdbx_absDiff_over_sigma_anomalous              ? 
_reflns.pdbx_percent_possible_anomalous                ? 
_reflns.pdbx_observed_signal_threshold                 ? 
_reflns.pdbx_signal_type                               ? 
_reflns.pdbx_signal_details                            ? 
_reflns.pdbx_signal_software_id                        ? 
# 
_reflns_shell.d_res_high                                    1.961 
_reflns_shell.d_res_low                                     1.995 
_reflns_shell.meanI_over_sigI_all                           ? 
_reflns_shell.meanI_over_sigI_obs                           ? 
_reflns_shell.number_measured_all                           ? 
_reflns_shell.number_measured_obs                           ? 
_reflns_shell.number_possible                               ? 
_reflns_shell.number_unique_all                             ? 
_reflns_shell.number_unique_obs                             672 
_reflns_shell.percent_possible_obs                          ? 
_reflns_shell.Rmerge_F_all                                  ? 
_reflns_shell.Rmerge_F_obs                                  ? 
_reflns_shell.meanI_over_sigI_gt                            ? 
_reflns_shell.meanI_over_uI_all                             ? 
_reflns_shell.meanI_over_uI_gt                              ? 
_reflns_shell.number_measured_gt                            ? 
_reflns_shell.number_unique_gt                              ? 
_reflns_shell.percent_possible_gt                           ? 
_reflns_shell.Rmerge_F_gt                                   ? 
_reflns_shell.Rmerge_I_gt                                   ? 
_reflns_shell.pdbx_redundancy                               ? 
_reflns_shell.pdbx_chi_squared                              ? 
_reflns_shell.pdbx_netI_over_sigmaI_all                     ? 
_reflns_shell.pdbx_netI_over_sigmaI_obs                     ? 
_reflns_shell.pdbx_Rrim_I_all                               ? 
_reflns_shell.pdbx_Rpim_I_all                               ? 
_reflns_shell.pdbx_rejects                                  ? 
_reflns_shell.pdbx_ordinal                                  1 
_reflns_shell.pdbx_diffrn_id                                1 
_reflns_shell.pdbx_CC_half                                  0.90 
_reflns_shell.pdbx_CC_star                                  ? 
_reflns_shell.pdbx_R_split                                  ? 
_reflns_shell.percent_possible_all                          ? 
_reflns_shell.Rmerge_I_all                                  ? 
_reflns_shell.Rmerge_I_obs                                  ? 
_reflns_shell.pdbx_Rsym_value                               ? 
_reflns_shell.pdbx_percent_possible_ellipsoidal             ? 
_reflns_shell.pdbx_percent_possible_spherical               ? 
_reflns_shell.pdbx_percent_possible_ellipsoidal_anomalous   ? 
_reflns_shell.pdbx_percent_possible_spherical_anomalous     ? 
_reflns_shell.pdbx_redundancy_anomalous                     ? 
_reflns_shell.pdbx_CC_half_anomalous                        ? 
_reflns_shell.pdbx_absDiff_over_sigma_anomalous             ? 
_reflns_shell.pdbx_percent_possible_anomalous               ? 
# 
_refine.aniso_B[1][1]                            6.8014 
_refine.aniso_B[1][2]                            0 
_refine.aniso_B[1][3]                            0 
_refine.aniso_B[2][2]                            -11.823 
_refine.aniso_B[2][3]                            0 
_refine.aniso_B[3][3]                            5.0216 
_refine.B_iso_max                                ? 
_refine.B_iso_mean                               38.27 
_refine.B_iso_min                                ? 
_refine.correlation_coeff_Fo_to_Fc               0.92 
_refine.correlation_coeff_Fo_to_Fc_free          0.918 
_refine.details                                  ? 
_refine.diff_density_max                         ? 
_refine.diff_density_max_esd                     ? 
_refine.diff_density_min                         ? 
_refine.diff_density_min_esd                     ? 
_refine.diff_density_rms                         ? 
_refine.diff_density_rms_esd                     ? 
_refine.entry_id                                 9AQZ 
_refine.pdbx_refine_id                           'X-RAY DIFFRACTION' 
_refine.ls_abs_structure_details                 ? 
_refine.ls_abs_structure_Flack                   ? 
_refine.ls_abs_structure_Flack_esd               ? 
_refine.ls_abs_structure_Rogers                  ? 
_refine.ls_abs_structure_Rogers_esd              ? 
_refine.ls_d_res_high                            1.961 
_refine.ls_d_res_low                             72.39 
_refine.ls_extinction_coef                       ? 
_refine.ls_extinction_coef_esd                   ? 
_refine.ls_extinction_expression                 ? 
_refine.ls_extinction_method                     ? 
_refine.ls_goodness_of_fit_all                   ? 
_refine.ls_goodness_of_fit_all_esd               ? 
_refine.ls_goodness_of_fit_obs                   ? 
_refine.ls_goodness_of_fit_obs_esd               ? 
_refine.ls_hydrogen_treatment                    ? 
_refine.ls_matrix_type                           ? 
_refine.ls_number_constraints                    ? 
_refine.ls_number_parameters                     ? 
_refine.ls_number_reflns_all                     ? 
_refine.ls_number_reflns_obs                     13959 
_refine.ls_number_reflns_R_free                  676 
_refine.ls_number_reflns_R_work                  ? 
_refine.ls_number_restraints                     ? 
_refine.ls_percent_reflns_obs                    99.9 
_refine.ls_percent_reflns_R_free                 ? 
_refine.ls_R_factor_all                          ? 
_refine.ls_R_factor_obs                          0.2439 
_refine.ls_R_factor_R_free                       0.2644 
_refine.ls_R_factor_R_free_error                 ? 
_refine.ls_R_factor_R_free_error_details         ? 
_refine.ls_R_factor_R_work                       0.2429 
_refine.ls_R_Fsqd_factor_obs                     ? 
_refine.ls_R_I_factor_obs                        ? 
_refine.ls_redundancy_reflns_all                 ? 
_refine.ls_redundancy_reflns_obs                 ? 
_refine.ls_restrained_S_all                      ? 
_refine.ls_restrained_S_obs                      ? 
_refine.ls_shift_over_esd_max                    ? 
_refine.ls_shift_over_esd_mean                   ? 
_refine.ls_structure_factor_coef                 ? 
_refine.ls_weighting_details                     ? 
_refine.ls_weighting_scheme                      ? 
_refine.ls_wR_factor_all                         ? 
_refine.ls_wR_factor_obs                         ? 
_refine.ls_wR_factor_R_free                      ? 
_refine.ls_wR_factor_R_work                      ? 
_refine.occupancy_max                            ? 
_refine.occupancy_min                            ? 
_refine.solvent_model_details                    ? 
_refine.solvent_model_param_bsol                 ? 
_refine.solvent_model_param_ksol                 ? 
_refine.pdbx_R_complete                          ? 
_refine.ls_R_factor_gt                           ? 
_refine.ls_goodness_of_fit_gt                    ? 
_refine.ls_goodness_of_fit_ref                   ? 
_refine.ls_shift_over_su_max                     ? 
_refine.ls_shift_over_su_max_lt                  ? 
_refine.ls_shift_over_su_mean                    ? 
_refine.ls_shift_over_su_mean_lt                 ? 
_refine.pdbx_ls_sigma_I                          ? 
_refine.pdbx_ls_sigma_F                          ? 
_refine.pdbx_ls_sigma_Fsqd                       ? 
_refine.pdbx_data_cutoff_high_absF               ? 
_refine.pdbx_data_cutoff_high_rms_absF           ? 
_refine.pdbx_data_cutoff_low_absF                ? 
_refine.pdbx_isotropic_thermal_model             ? 
_refine.pdbx_ls_cross_valid_method               THROUGHOUT 
_refine.pdbx_method_to_determine_struct          'MOLECULAR REPLACEMENT' 
_refine.pdbx_starting_model                      ? 
_refine.pdbx_stereochemistry_target_values       ? 
_refine.pdbx_R_Free_selection_details            RANDOM 
_refine.pdbx_stereochem_target_val_spec_case     ? 
_refine.pdbx_overall_ESU_R                       ? 
_refine.pdbx_overall_ESU_R_Free                  ? 
_refine.pdbx_solvent_vdw_probe_radii             ? 
_refine.pdbx_solvent_ion_probe_radii             ? 
_refine.pdbx_solvent_shrinkage_radii             ? 
_refine.pdbx_real_space_R                        ? 
_refine.pdbx_density_correlation                 ? 
_refine.pdbx_pd_number_of_powder_patterns        ? 
_refine.pdbx_pd_number_of_points                 ? 
_refine.pdbx_pd_meas_number_of_points            ? 
_refine.pdbx_pd_proc_ls_prof_R_factor            ? 
_refine.pdbx_pd_proc_ls_prof_wR_factor           ? 
_refine.pdbx_pd_Marquardt_correlation_coeff      ? 
_refine.pdbx_pd_Fsqrd_R_factor                   ? 
_refine.pdbx_pd_ls_matrix_band_width             ? 
_refine.pdbx_overall_phase_error                 ? 
_refine.pdbx_overall_SU_R_free_Cruickshank_DPI   0.154 
_refine.pdbx_overall_SU_R_free_Blow_DPI          0.158 
_refine.pdbx_overall_SU_R_Blow_DPI               0.186 
_refine.pdbx_TLS_residual_ADP_flag               ? 
_refine.pdbx_diffrn_id                           1 
_refine.overall_SU_B                             ? 
_refine.overall_SU_ML                            ? 
_refine.overall_SU_R_Cruickshank_DPI             0.177 
_refine.overall_SU_R_free                        ? 
_refine.overall_FOM_free_R_set                   ? 
_refine.overall_FOM_work_R_set                   ? 
_refine.pdbx_average_fsc_overall                 ? 
_refine.pdbx_average_fsc_work                    ? 
_refine.pdbx_average_fsc_free                    ? 
# 
_refine_analyze.entry_id                        9AQZ 
_refine_analyze.pdbx_refine_id                  'X-RAY DIFFRACTION' 
_refine_analyze.Luzzati_coordinate_error_free   ? 
_refine_analyze.Luzzati_coordinate_error_obs    0.33 
_refine_analyze.Luzzati_d_res_low_free          ? 
_refine_analyze.Luzzati_d_res_low_obs           ? 
_refine_analyze.Luzzati_sigma_a_free            ? 
_refine_analyze.Luzzati_sigma_a_free_details    ? 
_refine_analyze.Luzzati_sigma_a_obs             ? 
_refine_analyze.Luzzati_sigma_a_obs_details     ? 
_refine_analyze.number_disordered_residues      ? 
_refine_analyze.occupancy_sum_hydrogen          ? 
_refine_analyze.occupancy_sum_non_hydrogen      ? 
_refine_analyze.RG_d_res_high                   ? 
_refine_analyze.RG_d_res_low                    ? 
_refine_analyze.RG_free                         ? 
_refine_analyze.RG_work                         ? 
_refine_analyze.RG_free_work_ratio              ? 
_refine_analyze.pdbx_Luzzati_d_res_high_obs     ? 
# 
_refine_hist.pdbx_refine_id                   'X-RAY DIFFRACTION' 
_refine_hist.cycle_id                         LAST 
_refine_hist.details                          ? 
_refine_hist.d_res_high                       1.961 
_refine_hist.d_res_low                        72.39 
_refine_hist.number_atoms_solvent             85 
_refine_hist.number_atoms_total               1245 
_refine_hist.number_reflns_all                ? 
_refine_hist.number_reflns_obs                ? 
_refine_hist.number_reflns_R_free             ? 
_refine_hist.number_reflns_R_work             ? 
_refine_hist.R_factor_all                     ? 
_refine_hist.R_factor_obs                     ? 
_refine_hist.R_factor_R_free                  ? 
_refine_hist.R_factor_R_work                  ? 
_refine_hist.pdbx_number_residues_total       ? 
_refine_hist.pdbx_B_iso_mean_ligand           ? 
_refine_hist.pdbx_B_iso_mean_solvent          ? 
_refine_hist.pdbx_number_atoms_protein        1110 
_refine_hist.pdbx_number_atoms_nucleic_acid   0 
_refine_hist.pdbx_number_atoms_ligand         50 
_refine_hist.pdbx_number_atoms_lipid          ? 
_refine_hist.pdbx_number_atoms_carb           ? 
_refine_hist.pdbx_pseudo_atom_details         ? 
# 
loop_
_refine_ls_restr.pdbx_refine_id 
_refine_ls_restr.criterion 
_refine_ls_restr.dev_ideal 
_refine_ls_restr.dev_ideal_target 
_refine_ls_restr.number 
_refine_ls_restr.rejects 
_refine_ls_restr.type 
_refine_ls_restr.weight 
_refine_ls_restr.pdbx_restraint_function 
'X-RAY DIFFRACTION' ? 0.008 ? 1191 ? t_bond_d                  2  HARMONIC     
'X-RAY DIFFRACTION' ? 0.78  ? 1619 ? t_angle_deg               2  HARMONIC     
'X-RAY DIFFRACTION' ? ?     ? 406  ? t_dihedral_angle_d        2  SINUSOIDAL   
'X-RAY DIFFRACTION' ? ?     ? 238  ? t_gen_planes              5  HARMONIC     
'X-RAY DIFFRACTION' ? ?     ? 1191 ? t_it                      10 HARMONIC     
'X-RAY DIFFRACTION' ? ?     ? 137  ? t_chiral_improper_torsion 5  SEMIHARMONIC 
'X-RAY DIFFRACTION' ? ?     ? 991  ? t_ideal_dist_contact      4  SEMIHARMONIC 
'X-RAY DIFFRACTION' ? 2.27  ? ?    ? t_omega_torsion           ?  ?            
'X-RAY DIFFRACTION' ? 15.09 ? ?    ? t_other_torsion           ?  ?            
# 
_refine_ls_shell.pdbx_refine_id                   'X-RAY DIFFRACTION' 
_refine_ls_shell.d_res_high                       1.961 
_refine_ls_shell.d_res_low                        1.995 
_refine_ls_shell.number_reflns_all                ? 
_refine_ls_shell.number_reflns_obs                ? 
_refine_ls_shell.number_reflns_R_free             18 
_refine_ls_shell.number_reflns_R_work             ? 
_refine_ls_shell.percent_reflns_obs               98.61 
_refine_ls_shell.percent_reflns_R_free            ? 
_refine_ls_shell.R_factor_all                     ? 
_refine_ls_shell.R_factor_obs                     ? 
_refine_ls_shell.R_factor_R_free_error            ? 
_refine_ls_shell.R_factor_R_work                  0.3032 
_refine_ls_shell.redundancy_reflns_all            ? 
_refine_ls_shell.redundancy_reflns_obs            ? 
_refine_ls_shell.wR_factor_all                    ? 
_refine_ls_shell.wR_factor_obs                    ? 
_refine_ls_shell.wR_factor_R_free                 ? 
_refine_ls_shell.wR_factor_R_work                 ? 
_refine_ls_shell.pdbx_R_complete                  ? 
_refine_ls_shell.pdbx_total_number_of_bins_used   ? 
_refine_ls_shell.pdbx_phase_error                 ? 
_refine_ls_shell.pdbx_fsc_work                    ? 
_refine_ls_shell.pdbx_fsc_free                    ? 
_refine_ls_shell.R_factor_R_free                  0.2715 
# 
_struct.entry_id                     9AQZ 
_struct.title                        'Crystal structure of Bcl-xL in complex with a small molecule inhibitor' 
_struct.pdbx_model_details           ? 
_struct.pdbx_formula_weight          ? 
_struct.pdbx_formula_weight_method   ? 
_struct.pdbx_model_type_details      ? 
_struct.pdbx_CASP_flag               N 
# 
_struct_keywords.entry_id        9AQZ 
_struct_keywords.text            'Bcl-xL, apoptosis, inhibitor' 
_struct_keywords.pdbx_keywords   APOPTOSIS 
# 
loop_
_struct_asym.id 
_struct_asym.pdbx_blank_PDB_chainid_flag 
_struct_asym.pdbx_modified 
_struct_asym.entity_id 
_struct_asym.details 
A N N 1 ? 
B N N 2 ? 
C N N 3 ? 
D N N 3 ? 
E N N 4 ? 
# 
loop_
_struct_ref.id 
_struct_ref.db_name 
_struct_ref.db_code 
_struct_ref.pdbx_db_accession 
_struct_ref.pdbx_db_isoform 
_struct_ref.entity_id 
_struct_ref.pdbx_seq_one_letter_code 
_struct_ref.pdbx_align_begin 
1 UNP B2CL1_HUMAN Q07817 ? 1 MSQSNRELVVDFLSYKLSQKGYSWS 1  
2 UNP B2CL1_HUMAN Q07817 ? 1 
;MAAVKQALREAGDEFELRYRRAFSDLTSQLHITPGTAYQSFEQVVNELFRDGVNWGRIVAFFSFGGALCVESVDKEMQVL
VSRIAAWMATYLNDHLEPWIQENGGWDTFVELYGNNAAAESRKGQER
;
83 
# 
loop_
_struct_ref_seq.align_id 
_struct_ref_seq.ref_id 
_struct_ref_seq.pdbx_PDB_id_code 
_struct_ref_seq.pdbx_strand_id 
_struct_ref_seq.seq_align_beg 
_struct_ref_seq.pdbx_seq_align_beg_ins_code 
_struct_ref_seq.seq_align_end 
_struct_ref_seq.pdbx_seq_align_end_ins_code 
_struct_ref_seq.pdbx_db_accession 
_struct_ref_seq.db_align_beg 
_struct_ref_seq.pdbx_db_align_beg_ins_code 
_struct_ref_seq.db_align_end 
_struct_ref_seq.pdbx_db_align_end_ins_code 
_struct_ref_seq.pdbx_auth_seq_align_beg 
_struct_ref_seq.pdbx_auth_seq_align_end 
1 1 9AQZ A 1  ? 25  ? Q07817 1  ? 25  ? 1  25  
2 2 9AQZ A 33 ? 159 ? Q07817 83 ? 209 ? 83 209 
# 
loop_
_struct_ref_seq_dif.align_id 
_struct_ref_seq_dif.pdbx_pdb_id_code 
_struct_ref_seq_dif.mon_id 
_struct_ref_seq_dif.pdbx_pdb_strand_id 
_struct_ref_seq_dif.seq_num 
_struct_ref_seq_dif.pdbx_pdb_ins_code 
_struct_ref_seq_dif.pdbx_seq_db_name 
_struct_ref_seq_dif.pdbx_seq_db_accession_code 
_struct_ref_seq_dif.db_mon_id 
_struct_ref_seq_dif.pdbx_seq_db_seq_num 
_struct_ref_seq_dif.details 
_struct_ref_seq_dif.pdbx_auth_seq_num 
_struct_ref_seq_dif.pdbx_ordinal 
1 9AQZ ALA A 24  ? UNP Q07817 TRP 24  'engineered mutation' 24  1  
1 9AQZ GLY A 26  ? UNP Q07817 ?   ?   linker                26  2  
1 9AQZ GLY A 27  ? UNP Q07817 ?   ?   linker                77  3  
1 9AQZ GLY A 28  ? UNP Q07817 ?   ?   linker                78  4  
1 9AQZ GLY A 29  ? UNP Q07817 ?   ?   linker                79  5  
1 9AQZ GLY A 30  ? UNP Q07817 ?   ?   linker                80  6  
1 9AQZ GLY A 31  ? UNP Q07817 ?   ?   linker                81  7  
1 9AQZ GLY A 32  ? UNP Q07817 ?   ?   linker                82  8  
2 9AQZ LYS A 108 ? UNP Q07817 GLU 158 'engineered mutation' 158 9  
2 9AQZ ALA A 139 ? UNP Q07817 ASP 189 'engineered mutation' 189 10 
2 9AQZ LEU A 160 ? UNP Q07817 ?   ?   'expression tag'      210 11 
2 9AQZ GLU A 161 ? UNP Q07817 ?   ?   'expression tag'      211 12 
2 9AQZ HIS A 162 ? UNP Q07817 ?   ?   'expression tag'      212 13 
2 9AQZ HIS A 163 ? UNP Q07817 ?   ?   'expression tag'      213 14 
2 9AQZ HIS A 164 ? UNP Q07817 ?   ?   'expression tag'      214 15 
2 9AQZ HIS A 165 ? UNP Q07817 ?   ?   'expression tag'      215 16 
2 9AQZ HIS A 166 ? UNP Q07817 ?   ?   'expression tag'      216 17 
2 9AQZ HIS A 167 ? UNP Q07817 ?   ?   'expression tag'      217 18 
# 
_pdbx_struct_assembly.id                   1 
_pdbx_struct_assembly.details              author_defined_assembly 
_pdbx_struct_assembly.method_details       ? 
_pdbx_struct_assembly.oligomeric_details   monomeric 
_pdbx_struct_assembly.oligomeric_count     1 
# 
_pdbx_struct_assembly_gen.assembly_id       1 
_pdbx_struct_assembly_gen.oper_expression   1 
_pdbx_struct_assembly_gen.asym_id_list      A,B,C,D,E 
# 
_pdbx_struct_oper_list.id                   1 
_pdbx_struct_oper_list.type                 'identity operation' 
_pdbx_struct_oper_list.name                 1_555 
_pdbx_struct_oper_list.symmetry_operation   x,y,z 
_pdbx_struct_oper_list.matrix[1][1]         1.0000000000 
_pdbx_struct_oper_list.matrix[1][2]         0.0000000000 
_pdbx_struct_oper_list.matrix[1][3]         0.0000000000 
_pdbx_struct_oper_list.vector[1]            0.0000000000 
_pdbx_struct_oper_list.matrix[2][1]         0.0000000000 
_pdbx_struct_oper_list.matrix[2][2]         1.0000000000 
_pdbx_struct_oper_list.matrix[2][3]         0.0000000000 
_pdbx_struct_oper_list.vector[2]            0.0000000000 
_pdbx_struct_oper_list.matrix[3][1]         0.0000000000 
_pdbx_struct_oper_list.matrix[3][2]         0.0000000000 
_pdbx_struct_oper_list.matrix[3][3]         1.0000000000 
_pdbx_struct_oper_list.vector[3]            0.0000000000 
# 
loop_
_struct_conf.conf_type_id 
_struct_conf.id 
_struct_conf.pdbx_PDB_helix_id 
_struct_conf.beg_label_comp_id 
_struct_conf.beg_label_asym_id 
_struct_conf.beg_label_seq_id 
_struct_conf.pdbx_beg_PDB_ins_code 
_struct_conf.end_label_comp_id 
_struct_conf.end_label_asym_id 
_struct_conf.end_label_seq_id 
_struct_conf.pdbx_end_PDB_ins_code 
_struct_conf.beg_auth_comp_id 
_struct_conf.beg_auth_asym_id 
_struct_conf.beg_auth_seq_id 
_struct_conf.end_auth_comp_id 
_struct_conf.end_auth_asym_id 
_struct_conf.end_auth_seq_id 
_struct_conf.pdbx_PDB_helix_class 
_struct_conf.details 
_struct_conf.pdbx_PDB_helix_length 
HELX_P HELX_P1  AA1 SER A 2   ? LYS A 20  ? SER A 2   LYS A 20  1 ? 19 
HELX_P HELX_P2  AA2 MET A 33  ? TYR A 51  ? MET A 83  TYR A 101 1 ? 19 
HELX_P HELX_P3  AA3 ARG A 52  ? PHE A 55  ? ARG A 102 PHE A 105 5 ? 4  
HELX_P HELX_P4  AA4 ASP A 57  ? GLN A 61  ? ASP A 107 GLN A 111 5 ? 5  
HELX_P HELX_P5  AA5 ALA A 69  ? ASN A 78  ? ALA A 119 ASN A 128 1 ? 10 
HELX_P HELX_P6  AA6 ASN A 86  ? LYS A 107 ? ASN A 136 LYS A 157 1 ? 22 
HELX_P HELX_P7  AA7 MET A 109 ? VAL A 111 ? MET A 159 VAL A 161 5 ? 3  
HELX_P HELX_P8  AA8 LEU A 112 ? LEU A 128 ? LEU A 162 LEU A 178 1 ? 17 
HELX_P HELX_P9  AA9 LEU A 128 ? ASN A 135 ? LEU A 178 ASN A 185 1 ? 8  
HELX_P HELX_P10 AB1 GLY A 136 ? GLY A 146 ? GLY A 186 GLY A 196 1 ? 11 
# 
_struct_conf_type.id          HELX_P 
_struct_conf_type.criteria    ? 
_struct_conf_type.reference   ? 
# 
loop_
_struct_conn.id 
_struct_conn.conn_type_id 
_struct_conn.pdbx_leaving_atom_flag 
_struct_conn.pdbx_PDB_id 
_struct_conn.ptnr1_label_asym_id 
_struct_conn.ptnr1_label_comp_id 
_struct_conn.ptnr1_label_seq_id 
_struct_conn.ptnr1_label_atom_id 
_struct_conn.pdbx_ptnr1_label_alt_id 
_struct_conn.pdbx_ptnr1_PDB_ins_code 
_struct_conn.pdbx_ptnr1_standard_comp_id 
_struct_conn.ptnr1_symmetry 
_struct_conn.ptnr2_label_asym_id 
_struct_conn.ptnr2_label_comp_id 
_struct_conn.ptnr2_label_seq_id 
_struct_conn.ptnr2_label_atom_id 
_struct_conn.pdbx_ptnr2_label_alt_id 
_struct_conn.pdbx_ptnr2_PDB_ins_code 
_struct_conn.ptnr1_auth_asym_id 
_struct_conn.ptnr1_auth_comp_id 
_struct_conn.ptnr1_auth_seq_id 
_struct_conn.ptnr2_auth_asym_id 
_struct_conn.ptnr2_auth_comp_id 
_struct_conn.ptnr2_auth_seq_id 
_struct_conn.ptnr2_symmetry 
_struct_conn.pdbx_ptnr3_label_atom_id 
_struct_conn.pdbx_ptnr3_label_seq_id 
_struct_conn.pdbx_ptnr3_label_comp_id 
_struct_conn.pdbx_ptnr3_label_asym_id 
_struct_conn.pdbx_ptnr3_label_alt_id 
_struct_conn.pdbx_ptnr3_PDB_ins_code 
_struct_conn.details 
_struct_conn.pdbx_dist_value 
_struct_conn.pdbx_value_order 
_struct_conn.pdbx_role 
metalc1 metalc ? ? A GLU   42  OE1 ? ? ? 1_555 C CD . CD ? ? A GLU   92  A CD 302 1_555 ? ? ? ? ? ? ? 2.456 ? ? 
metalc2 metalc ? ? A GLU   42  OE2 ? ? ? 1_555 C CD . CD ? ? A GLU   92  A CD 302 1_555 ? ? ? ? ? ? ? 2.536 ? ? 
metalc3 metalc ? ? A GLU   74  OE1 ? ? ? 1_555 C CD . CD ? ? A GLU   124 A CD 302 1_655 ? ? ? ? ? ? ? 2.493 ? ? 
metalc4 metalc ? ? A GLU   74  OE2 ? ? ? 1_555 C CD . CD ? ? A GLU   124 A CD 302 1_655 ? ? ? ? ? ? ? 2.489 ? ? 
metalc5 metalc ? ? A HIS   127 NE2 ? ? ? 1_555 C CD . CD ? ? A HIS   177 A CD 302 1_655 ? ? ? ? ? ? ? 2.256 ? ? 
metalc6 metalc ? ? B A1AFG .   O3  ? ? ? 1_555 D CD . CD ? ? A A1AFG 301 A CD 303 1_555 ? ? ? ? ? ? ? 2.364 ? ? 
metalc7 metalc ? ? B A1AFG .   O2  ? ? ? 1_555 D CD . CD ? ? A A1AFG 301 A CD 303 6_555 ? ? ? ? ? ? ? 2.197 ? ? 
# 
_struct_conn_type.id          metalc 
_struct_conn_type.criteria    ? 
_struct_conn_type.reference   ? 
# 
loop_
_pdbx_struct_conn_angle.id 
_pdbx_struct_conn_angle.ptnr1_label_atom_id 
_pdbx_struct_conn_angle.ptnr1_label_alt_id 
_pdbx_struct_conn_angle.ptnr1_label_asym_id 
_pdbx_struct_conn_angle.ptnr1_label_comp_id 
_pdbx_struct_conn_angle.ptnr1_label_seq_id 
_pdbx_struct_conn_angle.ptnr1_auth_atom_id 
_pdbx_struct_conn_angle.ptnr1_auth_asym_id 
_pdbx_struct_conn_angle.ptnr1_auth_comp_id 
_pdbx_struct_conn_angle.ptnr1_auth_seq_id 
_pdbx_struct_conn_angle.ptnr1_PDB_ins_code 
_pdbx_struct_conn_angle.ptnr1_symmetry 
_pdbx_struct_conn_angle.ptnr2_label_atom_id 
_pdbx_struct_conn_angle.ptnr2_label_alt_id 
_pdbx_struct_conn_angle.ptnr2_label_asym_id 
_pdbx_struct_conn_angle.ptnr2_label_comp_id 
_pdbx_struct_conn_angle.ptnr2_label_seq_id 
_pdbx_struct_conn_angle.ptnr2_auth_atom_id 
_pdbx_struct_conn_angle.ptnr2_auth_asym_id 
_pdbx_struct_conn_angle.ptnr2_auth_comp_id 
_pdbx_struct_conn_angle.ptnr2_auth_seq_id 
_pdbx_struct_conn_angle.ptnr2_PDB_ins_code 
_pdbx_struct_conn_angle.ptnr2_symmetry 
_pdbx_struct_conn_angle.ptnr3_label_atom_id 
_pdbx_struct_conn_angle.ptnr3_label_alt_id 
_pdbx_struct_conn_angle.ptnr3_label_asym_id 
_pdbx_struct_conn_angle.ptnr3_label_comp_id 
_pdbx_struct_conn_angle.ptnr3_label_seq_id 
_pdbx_struct_conn_angle.ptnr3_auth_atom_id 
_pdbx_struct_conn_angle.ptnr3_auth_asym_id 
_pdbx_struct_conn_angle.ptnr3_auth_comp_id 
_pdbx_struct_conn_angle.ptnr3_auth_seq_id 
_pdbx_struct_conn_angle.ptnr3_PDB_ins_code 
_pdbx_struct_conn_angle.ptnr3_symmetry 
_pdbx_struct_conn_angle.value 
_pdbx_struct_conn_angle.value_esd 
1  OE1 ? A GLU   42 ? A GLU   92  ? 1_555 CD ? C CD . ? A CD 302 ? 1_555 OE2 ? A GLU   42  ? A GLU   92  ? 1_555 52.4 ? 
2  OE1 ? A GLU   42 ? A GLU   92  ? 1_555 CD ? C CD . ? A CD 302 ? 1_555 OE1 ? A GLU   74  ? A GLU   124 ? 1_555 50.3 ? 
3  OE2 ? A GLU   42 ? A GLU   92  ? 1_555 CD ? C CD . ? A CD 302 ? 1_555 OE1 ? A GLU   74  ? A GLU   124 ? 1_555 35.6 ? 
4  OE1 ? A GLU   42 ? A GLU   92  ? 1_555 CD ? C CD . ? A CD 302 ? 1_555 OE2 ? A GLU   74  ? A GLU   124 ? 1_555 51.3 ? 
5  OE2 ? A GLU   42 ? A GLU   92  ? 1_555 CD ? C CD . ? A CD 302 ? 1_555 OE2 ? A GLU   74  ? A GLU   124 ? 1_555 32.9 ? 
6  OE1 ? A GLU   74 ? A GLU   124 ? 1_555 CD ? C CD . ? A CD 302 ? 1_555 OE2 ? A GLU   74  ? A GLU   124 ? 1_555 3.0  ? 
7  OE1 ? A GLU   42 ? A GLU   92  ? 1_555 CD ? C CD . ? A CD 302 ? 1_555 NE2 ? A HIS   127 ? A HIS   177 ? 1_555 46.0 ? 
8  OE2 ? A GLU   42 ? A GLU   92  ? 1_555 CD ? C CD . ? A CD 302 ? 1_555 NE2 ? A HIS   127 ? A HIS   177 ? 1_555 30.9 ? 
9  OE1 ? A GLU   74 ? A GLU   124 ? 1_555 CD ? C CD . ? A CD 302 ? 1_555 NE2 ? A HIS   127 ? A HIS   177 ? 1_555 6.0  ? 
10 OE2 ? A GLU   74 ? A GLU   124 ? 1_555 CD ? C CD . ? A CD 302 ? 1_555 NE2 ? A HIS   127 ? A HIS   177 ? 1_555 5.5  ? 
11 O3  ? B A1AFG .  ? A A1AFG 301 ? 1_555 CD ? D CD . ? A CD 303 ? 1_555 O2  ? B A1AFG .   ? A A1AFG 301 ? 1_555 47.0 ? 
# 
_pdbx_entry_details.entry_id                   9AQZ 
_pdbx_entry_details.has_ligand_of_interest     Y 
_pdbx_entry_details.compound_details           ? 
_pdbx_entry_details.source_details             ? 
_pdbx_entry_details.nonpolymer_details         ? 
_pdbx_entry_details.sequence_details           ? 
_pdbx_entry_details.has_protein_modification   N 
# 
_pdbx_validate_rmsd_angle.id                         1 
_pdbx_validate_rmsd_angle.PDB_model_num              1 
_pdbx_validate_rmsd_angle.auth_atom_id_1             CA 
_pdbx_validate_rmsd_angle.auth_asym_id_1             A 
_pdbx_validate_rmsd_angle.auth_comp_id_1             GLU 
_pdbx_validate_rmsd_angle.auth_seq_id_1              179 
_pdbx_validate_rmsd_angle.PDB_ins_code_1             ? 
_pdbx_validate_rmsd_angle.label_alt_id_1             ? 
_pdbx_validate_rmsd_angle.auth_atom_id_2             CB 
_pdbx_validate_rmsd_angle.auth_asym_id_2             A 
_pdbx_validate_rmsd_angle.auth_comp_id_2             GLU 
_pdbx_validate_rmsd_angle.auth_seq_id_2              179 
_pdbx_validate_rmsd_angle.PDB_ins_code_2             ? 
_pdbx_validate_rmsd_angle.label_alt_id_2             ? 
_pdbx_validate_rmsd_angle.auth_atom_id_3             CG 
_pdbx_validate_rmsd_angle.auth_asym_id_3             A 
_pdbx_validate_rmsd_angle.auth_comp_id_3             GLU 
_pdbx_validate_rmsd_angle.auth_seq_id_3              179 
_pdbx_validate_rmsd_angle.PDB_ins_code_3             ? 
_pdbx_validate_rmsd_angle.label_alt_id_3             ? 
_pdbx_validate_rmsd_angle.angle_value                128.19 
_pdbx_validate_rmsd_angle.angle_target_value         113.40 
_pdbx_validate_rmsd_angle.angle_deviation            14.79 
_pdbx_validate_rmsd_angle.angle_standard_deviation   2.20 
_pdbx_validate_rmsd_angle.linker_flag                N 
# 
loop_
_pdbx_validate_torsion.id 
_pdbx_validate_torsion.PDB_model_num 
_pdbx_validate_torsion.auth_comp_id 
_pdbx_validate_torsion.auth_asym_id 
_pdbx_validate_torsion.auth_seq_id 
_pdbx_validate_torsion.PDB_ins_code 
_pdbx_validate_torsion.label_alt_id 
_pdbx_validate_torsion.phi 
_pdbx_validate_torsion.psi 
1 1 PHE A 131 ? ? -107.54 43.65 
2 1 ASP A 133 ? ? -85.88  32.00 
# 
_pdbx_struct_special_symmetry.id              1 
_pdbx_struct_special_symmetry.PDB_model_num   1 
_pdbx_struct_special_symmetry.auth_asym_id    A 
_pdbx_struct_special_symmetry.auth_comp_id    HOH 
_pdbx_struct_special_symmetry.auth_seq_id     450 
_pdbx_struct_special_symmetry.PDB_ins_code    ? 
_pdbx_struct_special_symmetry.label_asym_id   E 
_pdbx_struct_special_symmetry.label_comp_id   HOH 
_pdbx_struct_special_symmetry.label_seq_id    . 
# 
loop_
_pdbx_unobs_or_zero_occ_residues.id 
_pdbx_unobs_or_zero_occ_residues.PDB_model_num 
_pdbx_unobs_or_zero_occ_residues.polymer_flag 
_pdbx_unobs_or_zero_occ_residues.occupancy_flag 
_pdbx_unobs_or_zero_occ_residues.auth_asym_id 
_pdbx_unobs_or_zero_occ_residues.auth_comp_id 
_pdbx_unobs_or_zero_occ_residues.auth_seq_id 
_pdbx_unobs_or_zero_occ_residues.PDB_ins_code 
_pdbx_unobs_or_zero_occ_residues.label_asym_id 
_pdbx_unobs_or_zero_occ_residues.label_comp_id 
_pdbx_unobs_or_zero_occ_residues.label_seq_id 
1  1 Y 1 A MET 1   ? A MET 1   
2  1 Y 1 A GLY 77  ? A GLY 27  
3  1 Y 1 A GLY 78  ? A GLY 28  
4  1 Y 1 A ASN 197 ? A ASN 147 
5  1 Y 1 A ASN 198 ? A ASN 148 
6  1 Y 1 A ALA 199 ? A ALA 149 
7  1 Y 1 A ALA 200 ? A ALA 150 
8  1 Y 1 A ALA 201 ? A ALA 151 
9  1 Y 1 A GLU 202 ? A GLU 152 
10 1 Y 1 A SER 203 ? A SER 153 
11 1 Y 1 A ARG 204 ? A ARG 154 
12 1 Y 1 A LYS 205 ? A LYS 155 
13 1 Y 1 A GLY 206 ? A GLY 156 
14 1 Y 1 A GLN 207 ? A GLN 157 
15 1 Y 1 A GLU 208 ? A GLU 158 
16 1 Y 1 A ARG 209 ? A ARG 159 
17 1 Y 1 A LEU 210 ? A LEU 160 
18 1 Y 1 A GLU 211 ? A GLU 161 
19 1 Y 1 A HIS 212 ? A HIS 162 
20 1 Y 1 A HIS 213 ? A HIS 163 
21 1 Y 1 A HIS 214 ? A HIS 164 
22 1 Y 1 A HIS 215 ? A HIS 165 
23 1 Y 1 A HIS 216 ? A HIS 166 
24 1 Y 1 A HIS 217 ? A HIS 167 
# 
loop_
_chem_comp_atom.comp_id 
_chem_comp_atom.atom_id 
_chem_comp_atom.type_symbol 
_chem_comp_atom.pdbx_aromatic_flag 
_chem_comp_atom.pdbx_stereo_config 
_chem_comp_atom.pdbx_ordinal 
A1AFG N1   N  N N 1   
A1AFG N3   N  Y N 2   
A1AFG C4   C  Y N 3   
A1AFG C5   C  Y N 4   
A1AFG C6   C  Y N 5   
A1AFG C7   C  N N 6   
A1AFG C8   C  N N 7   
A1AFG C10  C  N N 8   
A1AFG C13  C  Y N 9   
A1AFG C15  C  Y N 10  
A1AFG C17  C  Y N 11  
A1AFG C20  C  Y N 12  
A1AFG C21  C  Y N 13  
A1AFG C22  C  Y N 14  
A1AFG C24  C  Y N 15  
A1AFG C26  C  Y N 16  
A1AFG C28  C  N N 17  
A1AFG C1   C  Y N 18  
A1AFG C2   C  Y N 19  
A1AFG C3   C  Y N 20  
A1AFG C9   C  N N 21  
A1AFG O1   O  N N 22  
A1AFG N2   N  N N 23  
A1AFG C11  C  Y N 24  
A1AFG C12  C  Y N 25  
A1AFG S1   S  Y N 26  
A1AFG C14  C  Y N 27  
A1AFG C16  C  Y N 28  
A1AFG C18  C  Y N 29  
A1AFG C19  C  Y N 30  
A1AFG N4   N  Y N 31  
A1AFG C23  C  N N 32  
A1AFG O2   O  N N 33  
A1AFG O3   O  N N 34  
A1AFG C25  C  Y N 35  
A1AFG N5   N  Y N 36  
A1AFG N6   N  Y N 37  
A1AFG C27  C  N N 38  
A1AFG C29  C  N N 39  
A1AFG C30  C  N N 40  
A1AFG C31  C  N N 41  
A1AFG C32  C  N N 42  
A1AFG C33  C  N N 43  
A1AFG C34  C  N N 44  
A1AFG C35  C  N N 45  
A1AFG C36  C  N N 46  
A1AFG C37  C  N N 47  
A1AFG C38  C  N N 48  
A1AFG H3   H  N N 49  
A1AFG H4   H  N N 50  
A1AFG H5   H  N N 51  
A1AFG H6   H  N N 52  
A1AFG H7   H  N N 53  
A1AFG H12  H  N N 54  
A1AFG H14  H  N N 55  
A1AFG H16  H  N N 56  
A1AFG H18  H  N N 57  
A1AFG H21  H  N N 58  
A1AFG H23  H  N N 59  
A1AFG H22  H  N N 60  
A1AFG H1   H  N N 61  
A1AFG H2   H  N N 62  
A1AFG H8   H  N N 63  
A1AFG H9   H  N N 64  
A1AFG H10  H  N N 65  
A1AFG H11  H  N N 66  
A1AFG H13  H  N N 67  
A1AFG H15  H  N N 68  
A1AFG H17  H  N N 69  
A1AFG H19  H  N N 70  
A1AFG H20  H  N N 71  
A1AFG H25  H  N N 72  
A1AFG H24  H  N N 73  
A1AFG H26  H  N N 74  
A1AFG H28  H  N N 75  
A1AFG H27  H  N N 76  
A1AFG H29  H  N N 77  
A1AFG H31  H  N N 78  
A1AFG H30  H  N N 79  
A1AFG H32  H  N N 80  
A1AFG H33  H  N N 81  
A1AFG H35  H  N N 82  
A1AFG H34  H  N N 83  
A1AFG H36  H  N N 84  
A1AFG H37  H  N N 85  
A1AFG H38  H  N N 86  
ALA   N    N  N N 87  
ALA   CA   C  N S 88  
ALA   C    C  N N 89  
ALA   O    O  N N 90  
ALA   CB   C  N N 91  
ALA   OXT  O  N N 92  
ALA   H    H  N N 93  
ALA   H2   H  N N 94  
ALA   HA   H  N N 95  
ALA   HB1  H  N N 96  
ALA   HB2  H  N N 97  
ALA   HB3  H  N N 98  
ALA   HXT  H  N N 99  
ARG   N    N  N N 100 
ARG   CA   C  N S 101 
ARG   C    C  N N 102 
ARG   O    O  N N 103 
ARG   CB   C  N N 104 
ARG   CG   C  N N 105 
ARG   CD   C  N N 106 
ARG   NE   N  N N 107 
ARG   CZ   C  N N 108 
ARG   NH1  N  N N 109 
ARG   NH2  N  N N 110 
ARG   OXT  O  N N 111 
ARG   H    H  N N 112 
ARG   H2   H  N N 113 
ARG   HA   H  N N 114 
ARG   HB2  H  N N 115 
ARG   HB3  H  N N 116 
ARG   HG2  H  N N 117 
ARG   HG3  H  N N 118 
ARG   HD2  H  N N 119 
ARG   HD3  H  N N 120 
ARG   HE   H  N N 121 
ARG   HH11 H  N N 122 
ARG   HH12 H  N N 123 
ARG   HH21 H  N N 124 
ARG   HH22 H  N N 125 
ARG   HXT  H  N N 126 
ASN   N    N  N N 127 
ASN   CA   C  N S 128 
ASN   C    C  N N 129 
ASN   O    O  N N 130 
ASN   CB   C  N N 131 
ASN   CG   C  N N 132 
ASN   OD1  O  N N 133 
ASN   ND2  N  N N 134 
ASN   OXT  O  N N 135 
ASN   H    H  N N 136 
ASN   H2   H  N N 137 
ASN   HA   H  N N 138 
ASN   HB2  H  N N 139 
ASN   HB3  H  N N 140 
ASN   HD21 H  N N 141 
ASN   HD22 H  N N 142 
ASN   HXT  H  N N 143 
ASP   N    N  N N 144 
ASP   CA   C  N S 145 
ASP   C    C  N N 146 
ASP   O    O  N N 147 
ASP   CB   C  N N 148 
ASP   CG   C  N N 149 
ASP   OD1  O  N N 150 
ASP   OD2  O  N N 151 
ASP   OXT  O  N N 152 
ASP   H    H  N N 153 
ASP   H2   H  N N 154 
ASP   HA   H  N N 155 
ASP   HB2  H  N N 156 
ASP   HB3  H  N N 157 
ASP   HD2  H  N N 158 
ASP   HXT  H  N N 159 
CD    CD   CD N N 160 
CYS   N    N  N N 161 
CYS   CA   C  N R 162 
CYS   C    C  N N 163 
CYS   O    O  N N 164 
CYS   CB   C  N N 165 
CYS   SG   S  N N 166 
CYS   OXT  O  N N 167 
CYS   H    H  N N 168 
CYS   H2   H  N N 169 
CYS   HA   H  N N 170 
CYS   HB2  H  N N 171 
CYS   HB3  H  N N 172 
CYS   HG   H  N N 173 
CYS   HXT  H  N N 174 
GLN   N    N  N N 175 
GLN   CA   C  N S 176 
GLN   C    C  N N 177 
GLN   O    O  N N 178 
GLN   CB   C  N N 179 
GLN   CG   C  N N 180 
GLN   CD   C  N N 181 
GLN   OE1  O  N N 182 
GLN   NE2  N  N N 183 
GLN   OXT  O  N N 184 
GLN   H    H  N N 185 
GLN   H2   H  N N 186 
GLN   HA   H  N N 187 
GLN   HB2  H  N N 188 
GLN   HB3  H  N N 189 
GLN   HG2  H  N N 190 
GLN   HG3  H  N N 191 
GLN   HE21 H  N N 192 
GLN   HE22 H  N N 193 
GLN   HXT  H  N N 194 
GLU   N    N  N N 195 
GLU   CA   C  N S 196 
GLU   C    C  N N 197 
GLU   O    O  N N 198 
GLU   CB   C  N N 199 
GLU   CG   C  N N 200 
GLU   CD   C  N N 201 
GLU   OE1  O  N N 202 
GLU   OE2  O  N N 203 
GLU   OXT  O  N N 204 
GLU   H    H  N N 205 
GLU   H2   H  N N 206 
GLU   HA   H  N N 207 
GLU   HB2  H  N N 208 
GLU   HB3  H  N N 209 
GLU   HG2  H  N N 210 
GLU   HG3  H  N N 211 
GLU   HE2  H  N N 212 
GLU   HXT  H  N N 213 
GLY   N    N  N N 214 
GLY   CA   C  N N 215 
GLY   C    C  N N 216 
GLY   O    O  N N 217 
GLY   OXT  O  N N 218 
GLY   H    H  N N 219 
GLY   H2   H  N N 220 
GLY   HA2  H  N N 221 
GLY   HA3  H  N N 222 
GLY   HXT  H  N N 223 
HIS   N    N  N N 224 
HIS   CA   C  N S 225 
HIS   C    C  N N 226 
HIS   O    O  N N 227 
HIS   CB   C  N N 228 
HIS   CG   C  Y N 229 
HIS   ND1  N  Y N 230 
HIS   CD2  C  Y N 231 
HIS   CE1  C  Y N 232 
HIS   NE2  N  Y N 233 
HIS   OXT  O  N N 234 
HIS   H    H  N N 235 
HIS   H2   H  N N 236 
HIS   HA   H  N N 237 
HIS   HB2  H  N N 238 
HIS   HB3  H  N N 239 
HIS   HD1  H  N N 240 
HIS   HD2  H  N N 241 
HIS   HE1  H  N N 242 
HIS   HE2  H  N N 243 
HIS   HXT  H  N N 244 
HOH   O    O  N N 245 
HOH   H1   H  N N 246 
HOH   H2   H  N N 247 
ILE   N    N  N N 248 
ILE   CA   C  N S 249 
ILE   C    C  N N 250 
ILE   O    O  N N 251 
ILE   CB   C  N S 252 
ILE   CG1  C  N N 253 
ILE   CG2  C  N N 254 
ILE   CD1  C  N N 255 
ILE   OXT  O  N N 256 
ILE   H    H  N N 257 
ILE   H2   H  N N 258 
ILE   HA   H  N N 259 
ILE   HB   H  N N 260 
ILE   HG12 H  N N 261 
ILE   HG13 H  N N 262 
ILE   HG21 H  N N 263 
ILE   HG22 H  N N 264 
ILE   HG23 H  N N 265 
ILE   HD11 H  N N 266 
ILE   HD12 H  N N 267 
ILE   HD13 H  N N 268 
ILE   HXT  H  N N 269 
LEU   N    N  N N 270 
LEU   CA   C  N S 271 
LEU   C    C  N N 272 
LEU   O    O  N N 273 
LEU   CB   C  N N 274 
LEU   CG   C  N N 275 
LEU   CD1  C  N N 276 
LEU   CD2  C  N N 277 
LEU   OXT  O  N N 278 
LEU   H    H  N N 279 
LEU   H2   H  N N 280 
LEU   HA   H  N N 281 
LEU   HB2  H  N N 282 
LEU   HB3  H  N N 283 
LEU   HG   H  N N 284 
LEU   HD11 H  N N 285 
LEU   HD12 H  N N 286 
LEU   HD13 H  N N 287 
LEU   HD21 H  N N 288 
LEU   HD22 H  N N 289 
LEU   HD23 H  N N 290 
LEU   HXT  H  N N 291 
LYS   N    N  N N 292 
LYS   CA   C  N S 293 
LYS   C    C  N N 294 
LYS   O    O  N N 295 
LYS   CB   C  N N 296 
LYS   CG   C  N N 297 
LYS   CD   C  N N 298 
LYS   CE   C  N N 299 
LYS   NZ   N  N N 300 
LYS   OXT  O  N N 301 
LYS   H    H  N N 302 
LYS   H2   H  N N 303 
LYS   HA   H  N N 304 
LYS   HB2  H  N N 305 
LYS   HB3  H  N N 306 
LYS   HG2  H  N N 307 
LYS   HG3  H  N N 308 
LYS   HD2  H  N N 309 
LYS   HD3  H  N N 310 
LYS   HE2  H  N N 311 
LYS   HE3  H  N N 312 
LYS   HZ1  H  N N 313 
LYS   HZ2  H  N N 314 
LYS   HZ3  H  N N 315 
LYS   HXT  H  N N 316 
MET   N    N  N N 317 
MET   CA   C  N S 318 
MET   C    C  N N 319 
MET   O    O  N N 320 
MET   CB   C  N N 321 
MET   CG   C  N N 322 
MET   SD   S  N N 323 
MET   CE   C  N N 324 
MET   OXT  O  N N 325 
MET   H    H  N N 326 
MET   H2   H  N N 327 
MET   HA   H  N N 328 
MET   HB2  H  N N 329 
MET   HB3  H  N N 330 
MET   HG2  H  N N 331 
MET   HG3  H  N N 332 
MET   HE1  H  N N 333 
MET   HE2  H  N N 334 
MET   HE3  H  N N 335 
MET   HXT  H  N N 336 
PHE   N    N  N N 337 
PHE   CA   C  N S 338 
PHE   C    C  N N 339 
PHE   O    O  N N 340 
PHE   CB   C  N N 341 
PHE   CG   C  Y N 342 
PHE   CD1  C  Y N 343 
PHE   CD2  C  Y N 344 
PHE   CE1  C  Y N 345 
PHE   CE2  C  Y N 346 
PHE   CZ   C  Y N 347 
PHE   OXT  O  N N 348 
PHE   H    H  N N 349 
PHE   H2   H  N N 350 
PHE   HA   H  N N 351 
PHE   HB2  H  N N 352 
PHE   HB3  H  N N 353 
PHE   HD1  H  N N 354 
PHE   HD2  H  N N 355 
PHE   HE1  H  N N 356 
PHE   HE2  H  N N 357 
PHE   HZ   H  N N 358 
PHE   HXT  H  N N 359 
PRO   N    N  N N 360 
PRO   CA   C  N S 361 
PRO   C    C  N N 362 
PRO   O    O  N N 363 
PRO   CB   C  N N 364 
PRO   CG   C  N N 365 
PRO   CD   C  N N 366 
PRO   OXT  O  N N 367 
PRO   H    H  N N 368 
PRO   HA   H  N N 369 
PRO   HB2  H  N N 370 
PRO   HB3  H  N N 371 
PRO   HG2  H  N N 372 
PRO   HG3  H  N N 373 
PRO   HD2  H  N N 374 
PRO   HD3  H  N N 375 
PRO   HXT  H  N N 376 
SER   N    N  N N 377 
SER   CA   C  N S 378 
SER   C    C  N N 379 
SER   O    O  N N 380 
SER   CB   C  N N 381 
SER   OG   O  N N 382 
SER   OXT  O  N N 383 
SER   H    H  N N 384 
SER   H2   H  N N 385 
SER   HA   H  N N 386 
SER   HB2  H  N N 387 
SER   HB3  H  N N 388 
SER   HG   H  N N 389 
SER   HXT  H  N N 390 
THR   N    N  N N 391 
THR   CA   C  N S 392 
THR   C    C  N N 393 
THR   O    O  N N 394 
THR   CB   C  N R 395 
THR   OG1  O  N N 396 
THR   CG2  C  N N 397 
THR   OXT  O  N N 398 
THR   H    H  N N 399 
THR   H2   H  N N 400 
THR   HA   H  N N 401 
THR   HB   H  N N 402 
THR   HG1  H  N N 403 
THR   HG21 H  N N 404 
THR   HG22 H  N N 405 
THR   HG23 H  N N 406 
THR   HXT  H  N N 407 
TRP   N    N  N N 408 
TRP   CA   C  N S 409 
TRP   C    C  N N 410 
TRP   O    O  N N 411 
TRP   CB   C  N N 412 
TRP   CG   C  Y N 413 
TRP   CD1  C  Y N 414 
TRP   CD2  C  Y N 415 
TRP   NE1  N  Y N 416 
TRP   CE2  C  Y N 417 
TRP   CE3  C  Y N 418 
TRP   CZ2  C  Y N 419 
TRP   CZ3  C  Y N 420 
TRP   CH2  C  Y N 421 
TRP   OXT  O  N N 422 
TRP   H    H  N N 423 
TRP   H2   H  N N 424 
TRP   HA   H  N N 425 
TRP   HB2  H  N N 426 
TRP   HB3  H  N N 427 
TRP   HD1  H  N N 428 
TRP   HE1  H  N N 429 
TRP   HE3  H  N N 430 
TRP   HZ2  H  N N 431 
TRP   HZ3  H  N N 432 
TRP   HH2  H  N N 433 
TRP   HXT  H  N N 434 
TYR   N    N  N N 435 
TYR   CA   C  N S 436 
TYR   C    C  N N 437 
TYR   O    O  N N 438 
TYR   CB   C  N N 439 
TYR   CG   C  Y N 440 
TYR   CD1  C  Y N 441 
TYR   CD2  C  Y N 442 
TYR   CE1  C  Y N 443 
TYR   CE2  C  Y N 444 
TYR   CZ   C  Y N 445 
TYR   OH   O  N N 446 
TYR   OXT  O  N N 447 
TYR   H    H  N N 448 
TYR   H2   H  N N 449 
TYR   HA   H  N N 450 
TYR   HB2  H  N N 451 
TYR   HB3  H  N N 452 
TYR   HD1  H  N N 453 
TYR   HD2  H  N N 454 
TYR   HE1  H  N N 455 
TYR   HE2  H  N N 456 
TYR   HH   H  N N 457 
TYR   HXT  H  N N 458 
VAL   N    N  N N 459 
VAL   CA   C  N S 460 
VAL   C    C  N N 461 
VAL   O    O  N N 462 
VAL   CB   C  N N 463 
VAL   CG1  C  N N 464 
VAL   CG2  C  N N 465 
VAL   OXT  O  N N 466 
VAL   H    H  N N 467 
VAL   H2   H  N N 468 
VAL   HA   H  N N 469 
VAL   HB   H  N N 470 
VAL   HG11 H  N N 471 
VAL   HG12 H  N N 472 
VAL   HG13 H  N N 473 
VAL   HG21 H  N N 474 
VAL   HG22 H  N N 475 
VAL   HG23 H  N N 476 
VAL   HXT  H  N N 477 
# 
loop_
_chem_comp_bond.comp_id 
_chem_comp_bond.atom_id_1 
_chem_comp_bond.atom_id_2 
_chem_comp_bond.value_order 
_chem_comp_bond.pdbx_aromatic_flag 
_chem_comp_bond.pdbx_stereo_config 
_chem_comp_bond.pdbx_ordinal 
A1AFG C1  C2   doub Y N 1   
A1AFG C2  C3   sing Y N 2   
A1AFG C3  C4   doub Y N 3   
A1AFG C3  C10  sing N N 4   
A1AFG C4  C5   sing Y N 5   
A1AFG C4  C7   sing N N 6   
A1AFG C5  C6   doub Y N 7   
A1AFG C6  C1   sing Y N 8   
A1AFG C7  N1   sing N N 9   
A1AFG N1  C8   sing N N 10  
A1AFG N1  C18  sing N N 11  
A1AFG C8  C9   sing N N 12  
A1AFG C9  C5   sing N N 13  
A1AFG C10 O1   doub N N 14  
A1AFG C10 N2   sing N N 15  
A1AFG N2  C11  sing N N 16  
A1AFG C11 N3   doub Y N 17  
A1AFG N3  C12  sing Y N 18  
A1AFG C12 C13  doub Y N 19  
A1AFG C12 C14  sing Y N 20  
A1AFG C13 S1   sing Y N 21  
A1AFG S1  C11  sing Y N 22  
A1AFG C14 C15  doub Y N 23  
A1AFG C15 C16  sing Y N 24  
A1AFG C16 C17  doub Y N 25  
A1AFG C17 C13  sing Y N 26  
A1AFG C18 C19  doub Y N 27  
A1AFG C19 C20  sing Y N 28  
A1AFG C20 C21  doub Y N 29  
A1AFG C21 C22  sing Y N 30  
A1AFG C21 C24  sing N N 31  
A1AFG C22 N4   doub Y N 32  
A1AFG C22 C23  sing N N 33  
A1AFG N4  C18  sing Y N 34  
A1AFG C23 O2   doub N N 35  
A1AFG C23 O3   sing N N 36  
A1AFG C24 C25  doub Y N 37  
A1AFG C25 N5   sing Y N 38  
A1AFG C25 C28  sing N N 39  
A1AFG N5  N6   sing Y N 40  
A1AFG N5  C27  sing N N 41  
A1AFG N6  C26  doub Y N 42  
A1AFG C26 C24  sing Y N 43  
A1AFG C29 C27  sing N N 44  
A1AFG C29 C30  sing N N 45  
A1AFG C29 C36  sing N N 46  
A1AFG C30 C31  sing N N 47  
A1AFG C31 C32  sing N N 48  
A1AFG C31 C37  sing N N 49  
A1AFG C32 C33  sing N N 50  
A1AFG C33 C34  sing N N 51  
A1AFG C33 C35  sing N N 52  
A1AFG C34 C29  sing N N 53  
A1AFG C35 C38  sing N N 54  
A1AFG C36 C38  sing N N 55  
A1AFG C38 C37  sing N N 56  
A1AFG C6  H3   sing N N 57  
A1AFG C7  H4   sing N N 58  
A1AFG C7  H5   sing N N 59  
A1AFG C8  H6   sing N N 60  
A1AFG C8  H7   sing N N 61  
A1AFG C15 H12  sing N N 62  
A1AFG C17 H14  sing N N 63  
A1AFG C20 H16  sing N N 64  
A1AFG C26 H18  sing N N 65  
A1AFG C28 H21  sing N N 66  
A1AFG C28 H23  sing N N 67  
A1AFG C28 H22  sing N N 68  
A1AFG C1  H1   sing N N 69  
A1AFG C2  H2   sing N N 70  
A1AFG C9  H8   sing N N 71  
A1AFG C9  H9   sing N N 72  
A1AFG N2  H10  sing N N 73  
A1AFG C14 H11  sing N N 74  
A1AFG C16 H13  sing N N 75  
A1AFG C19 H15  sing N N 76  
A1AFG O3  H17  sing N N 77  
A1AFG C27 H19  sing N N 78  
A1AFG C27 H20  sing N N 79  
A1AFG C30 H25  sing N N 80  
A1AFG C30 H24  sing N N 81  
A1AFG C31 H26  sing N N 82  
A1AFG C32 H28  sing N N 83  
A1AFG C32 H27  sing N N 84  
A1AFG C33 H29  sing N N 85  
A1AFG C34 H31  sing N N 86  
A1AFG C34 H30  sing N N 87  
A1AFG C35 H32  sing N N 88  
A1AFG C35 H33  sing N N 89  
A1AFG C36 H35  sing N N 90  
A1AFG C36 H34  sing N N 91  
A1AFG C37 H36  sing N N 92  
A1AFG C37 H37  sing N N 93  
A1AFG C38 H38  sing N N 94  
ALA   N   CA   sing N N 95  
ALA   N   H    sing N N 96  
ALA   N   H2   sing N N 97  
ALA   CA  C    sing N N 98  
ALA   CA  CB   sing N N 99  
ALA   CA  HA   sing N N 100 
ALA   C   O    doub N N 101 
ALA   C   OXT  sing N N 102 
ALA   CB  HB1  sing N N 103 
ALA   CB  HB2  sing N N 104 
ALA   CB  HB3  sing N N 105 
ALA   OXT HXT  sing N N 106 
ARG   N   CA   sing N N 107 
ARG   N   H    sing N N 108 
ARG   N   H2   sing N N 109 
ARG   CA  C    sing N N 110 
ARG   CA  CB   sing N N 111 
ARG   CA  HA   sing N N 112 
ARG   C   O    doub N N 113 
ARG   C   OXT  sing N N 114 
ARG   CB  CG   sing N N 115 
ARG   CB  HB2  sing N N 116 
ARG   CB  HB3  sing N N 117 
ARG   CG  CD   sing N N 118 
ARG   CG  HG2  sing N N 119 
ARG   CG  HG3  sing N N 120 
ARG   CD  NE   sing N N 121 
ARG   CD  HD2  sing N N 122 
ARG   CD  HD3  sing N N 123 
ARG   NE  CZ   sing N N 124 
ARG   NE  HE   sing N N 125 
ARG   CZ  NH1  sing N N 126 
ARG   CZ  NH2  doub N N 127 
ARG   NH1 HH11 sing N N 128 
ARG   NH1 HH12 sing N N 129 
ARG   NH2 HH21 sing N N 130 
ARG   NH2 HH22 sing N N 131 
ARG   OXT HXT  sing N N 132 
ASN   N   CA   sing N N 133 
ASN   N   H    sing N N 134 
ASN   N   H2   sing N N 135 
ASN   CA  C    sing N N 136 
ASN   CA  CB   sing N N 137 
ASN   CA  HA   sing N N 138 
ASN   C   O    doub N N 139 
ASN   C   OXT  sing N N 140 
ASN   CB  CG   sing N N 141 
ASN   CB  HB2  sing N N 142 
ASN   CB  HB3  sing N N 143 
ASN   CG  OD1  doub N N 144 
ASN   CG  ND2  sing N N 145 
ASN   ND2 HD21 sing N N 146 
ASN   ND2 HD22 sing N N 147 
ASN   OXT HXT  sing N N 148 
ASP   N   CA   sing N N 149 
ASP   N   H    sing N N 150 
ASP   N   H2   sing N N 151 
ASP   CA  C    sing N N 152 
ASP   CA  CB   sing N N 153 
ASP   CA  HA   sing N N 154 
ASP   C   O    doub N N 155 
ASP   C   OXT  sing N N 156 
ASP   CB  CG   sing N N 157 
ASP   CB  HB2  sing N N 158 
ASP   CB  HB3  sing N N 159 
ASP   CG  OD1  doub N N 160 
ASP   CG  OD2  sing N N 161 
ASP   OD2 HD2  sing N N 162 
ASP   OXT HXT  sing N N 163 
CYS   N   CA   sing N N 164 
CYS   N   H    sing N N 165 
CYS   N   H2   sing N N 166 
CYS   CA  C    sing N N 167 
CYS   CA  CB   sing N N 168 
CYS   CA  HA   sing N N 169 
CYS   C   O    doub N N 170 
CYS   C   OXT  sing N N 171 
CYS   CB  SG   sing N N 172 
CYS   CB  HB2  sing N N 173 
CYS   CB  HB3  sing N N 174 
CYS   SG  HG   sing N N 175 
CYS   OXT HXT  sing N N 176 
GLN   N   CA   sing N N 177 
GLN   N   H    sing N N 178 
GLN   N   H2   sing N N 179 
GLN   CA  C    sing N N 180 
GLN   CA  CB   sing N N 181 
GLN   CA  HA   sing N N 182 
GLN   C   O    doub N N 183 
GLN   C   OXT  sing N N 184 
GLN   CB  CG   sing N N 185 
GLN   CB  HB2  sing N N 186 
GLN   CB  HB3  sing N N 187 
GLN   CG  CD   sing N N 188 
GLN   CG  HG2  sing N N 189 
GLN   CG  HG3  sing N N 190 
GLN   CD  OE1  doub N N 191 
GLN   CD  NE2  sing N N 192 
GLN   NE2 HE21 sing N N 193 
GLN   NE2 HE22 sing N N 194 
GLN   OXT HXT  sing N N 195 
GLU   N   CA   sing N N 196 
GLU   N   H    sing N N 197 
GLU   N   H2   sing N N 198 
GLU   CA  C    sing N N 199 
GLU   CA  CB   sing N N 200 
GLU   CA  HA   sing N N 201 
GLU   C   O    doub N N 202 
GLU   C   OXT  sing N N 203 
GLU   CB  CG   sing N N 204 
GLU   CB  HB2  sing N N 205 
GLU   CB  HB3  sing N N 206 
GLU   CG  CD   sing N N 207 
GLU   CG  HG2  sing N N 208 
GLU   CG  HG3  sing N N 209 
GLU   CD  OE1  doub N N 210 
GLU   CD  OE2  sing N N 211 
GLU   OE2 HE2  sing N N 212 
GLU   OXT HXT  sing N N 213 
GLY   N   CA   sing N N 214 
GLY   N   H    sing N N 215 
GLY   N   H2   sing N N 216 
GLY   CA  C    sing N N 217 
GLY   CA  HA2  sing N N 218 
GLY   CA  HA3  sing N N 219 
GLY   C   O    doub N N 220 
GLY   C   OXT  sing N N 221 
GLY   OXT HXT  sing N N 222 
HIS   N   CA   sing N N 223 
HIS   N   H    sing N N 224 
HIS   N   H2   sing N N 225 
HIS   CA  C    sing N N 226 
HIS   CA  CB   sing N N 227 
HIS   CA  HA   sing N N 228 
HIS   C   O    doub N N 229 
HIS   C   OXT  sing N N 230 
HIS   CB  CG   sing N N 231 
HIS   CB  HB2  sing N N 232 
HIS   CB  HB3  sing N N 233 
HIS   CG  ND1  sing Y N 234 
HIS   CG  CD2  doub Y N 235 
HIS   ND1 CE1  doub Y N 236 
HIS   ND1 HD1  sing N N 237 
HIS   CD2 NE2  sing Y N 238 
HIS   CD2 HD2  sing N N 239 
HIS   CE1 NE2  sing Y N 240 
HIS   CE1 HE1  sing N N 241 
HIS   NE2 HE2  sing N N 242 
HIS   OXT HXT  sing N N 243 
HOH   O   H1   sing N N 244 
HOH   O   H2   sing N N 245 
ILE   N   CA   sing N N 246 
ILE   N   H    sing N N 247 
ILE   N   H2   sing N N 248 
ILE   CA  C    sing N N 249 
ILE   CA  CB   sing N N 250 
ILE   CA  HA   sing N N 251 
ILE   C   O    doub N N 252 
ILE   C   OXT  sing N N 253 
ILE   CB  CG1  sing N N 254 
ILE   CB  CG2  sing N N 255 
ILE   CB  HB   sing N N 256 
ILE   CG1 CD1  sing N N 257 
ILE   CG1 HG12 sing N N 258 
ILE   CG1 HG13 sing N N 259 
ILE   CG2 HG21 sing N N 260 
ILE   CG2 HG22 sing N N 261 
ILE   CG2 HG23 sing N N 262 
ILE   CD1 HD11 sing N N 263 
ILE   CD1 HD12 sing N N 264 
ILE   CD1 HD13 sing N N 265 
ILE   OXT HXT  sing N N 266 
LEU   N   CA   sing N N 267 
LEU   N   H    sing N N 268 
LEU   N   H2   sing N N 269 
LEU   CA  C    sing N N 270 
LEU   CA  CB   sing N N 271 
LEU   CA  HA   sing N N 272 
LEU   C   O    doub N N 273 
LEU   C   OXT  sing N N 274 
LEU   CB  CG   sing N N 275 
LEU   CB  HB2  sing N N 276 
LEU   CB  HB3  sing N N 277 
LEU   CG  CD1  sing N N 278 
LEU   CG  CD2  sing N N 279 
LEU   CG  HG   sing N N 280 
LEU   CD1 HD11 sing N N 281 
LEU   CD1 HD12 sing N N 282 
LEU   CD1 HD13 sing N N 283 
LEU   CD2 HD21 sing N N 284 
LEU   CD2 HD22 sing N N 285 
LEU   CD2 HD23 sing N N 286 
LEU   OXT HXT  sing N N 287 
LYS   N   CA   sing N N 288 
LYS   N   H    sing N N 289 
LYS   N   H2   sing N N 290 
LYS   CA  C    sing N N 291 
LYS   CA  CB   sing N N 292 
LYS   CA  HA   sing N N 293 
LYS   C   O    doub N N 294 
LYS   C   OXT  sing N N 295 
LYS   CB  CG   sing N N 296 
LYS   CB  HB2  sing N N 297 
LYS   CB  HB3  sing N N 298 
LYS   CG  CD   sing N N 299 
LYS   CG  HG2  sing N N 300 
LYS   CG  HG3  sing N N 301 
LYS   CD  CE   sing N N 302 
LYS   CD  HD2  sing N N 303 
LYS   CD  HD3  sing N N 304 
LYS   CE  NZ   sing N N 305 
LYS   CE  HE2  sing N N 306 
LYS   CE  HE3  sing N N 307 
LYS   NZ  HZ1  sing N N 308 
LYS   NZ  HZ2  sing N N 309 
LYS   NZ  HZ3  sing N N 310 
LYS   OXT HXT  sing N N 311 
MET   N   CA   sing N N 312 
MET   N   H    sing N N 313 
MET   N   H2   sing N N 314 
MET   CA  C    sing N N 315 
MET   CA  CB   sing N N 316 
MET   CA  HA   sing N N 317 
MET   C   O    doub N N 318 
MET   C   OXT  sing N N 319 
MET   CB  CG   sing N N 320 
MET   CB  HB2  sing N N 321 
MET   CB  HB3  sing N N 322 
MET   CG  SD   sing N N 323 
MET   CG  HG2  sing N N 324 
MET   CG  HG3  sing N N 325 
MET   SD  CE   sing N N 326 
MET   CE  HE1  sing N N 327 
MET   CE  HE2  sing N N 328 
MET   CE  HE3  sing N N 329 
MET   OXT HXT  sing N N 330 
PHE   N   CA   sing N N 331 
PHE   N   H    sing N N 332 
PHE   N   H2   sing N N 333 
PHE   CA  C    sing N N 334 
PHE   CA  CB   sing N N 335 
PHE   CA  HA   sing N N 336 
PHE   C   O    doub N N 337 
PHE   C   OXT  sing N N 338 
PHE   CB  CG   sing N N 339 
PHE   CB  HB2  sing N N 340 
PHE   CB  HB3  sing N N 341 
PHE   CG  CD1  doub Y N 342 
PHE   CG  CD2  sing Y N 343 
PHE   CD1 CE1  sing Y N 344 
PHE   CD1 HD1  sing N N 345 
PHE   CD2 CE2  doub Y N 346 
PHE   CD2 HD2  sing N N 347 
PHE   CE1 CZ   doub Y N 348 
PHE   CE1 HE1  sing N N 349 
PHE   CE2 CZ   sing Y N 350 
PHE   CE2 HE2  sing N N 351 
PHE   CZ  HZ   sing N N 352 
PHE   OXT HXT  sing N N 353 
PRO   N   CA   sing N N 354 
PRO   N   CD   sing N N 355 
PRO   N   H    sing N N 356 
PRO   CA  C    sing N N 357 
PRO   CA  CB   sing N N 358 
PRO   CA  HA   sing N N 359 
PRO   C   O    doub N N 360 
PRO   C   OXT  sing N N 361 
PRO   CB  CG   sing N N 362 
PRO   CB  HB2  sing N N 363 
PRO   CB  HB3  sing N N 364 
PRO   CG  CD   sing N N 365 
PRO   CG  HG2  sing N N 366 
PRO   CG  HG3  sing N N 367 
PRO   CD  HD2  sing N N 368 
PRO   CD  HD3  sing N N 369 
PRO   OXT HXT  sing N N 370 
SER   N   CA   sing N N 371 
SER   N   H    sing N N 372 
SER   N   H2   sing N N 373 
SER   CA  C    sing N N 374 
SER   CA  CB   sing N N 375 
SER   CA  HA   sing N N 376 
SER   C   O    doub N N 377 
SER   C   OXT  sing N N 378 
SER   CB  OG   sing N N 379 
SER   CB  HB2  sing N N 380 
SER   CB  HB3  sing N N 381 
SER   OG  HG   sing N N 382 
SER   OXT HXT  sing N N 383 
THR   N   CA   sing N N 384 
THR   N   H    sing N N 385 
THR   N   H2   sing N N 386 
THR   CA  C    sing N N 387 
THR   CA  CB   sing N N 388 
THR   CA  HA   sing N N 389 
THR   C   O    doub N N 390 
THR   C   OXT  sing N N 391 
THR   CB  OG1  sing N N 392 
THR   CB  CG2  sing N N 393 
THR   CB  HB   sing N N 394 
THR   OG1 HG1  sing N N 395 
THR   CG2 HG21 sing N N 396 
THR   CG2 HG22 sing N N 397 
THR   CG2 HG23 sing N N 398 
THR   OXT HXT  sing N N 399 
TRP   N   CA   sing N N 400 
TRP   N   H    sing N N 401 
TRP   N   H2   sing N N 402 
TRP   CA  C    sing N N 403 
TRP   CA  CB   sing N N 404 
TRP   CA  HA   sing N N 405 
TRP   C   O    doub N N 406 
TRP   C   OXT  sing N N 407 
TRP   CB  CG   sing N N 408 
TRP   CB  HB2  sing N N 409 
TRP   CB  HB3  sing N N 410 
TRP   CG  CD1  doub Y N 411 
TRP   CG  CD2  sing Y N 412 
TRP   CD1 NE1  sing Y N 413 
TRP   CD1 HD1  sing N N 414 
TRP   CD2 CE2  doub Y N 415 
TRP   CD2 CE3  sing Y N 416 
TRP   NE1 CE2  sing Y N 417 
TRP   NE1 HE1  sing N N 418 
TRP   CE2 CZ2  sing Y N 419 
TRP   CE3 CZ3  doub Y N 420 
TRP   CE3 HE3  sing N N 421 
TRP   CZ2 CH2  doub Y N 422 
TRP   CZ2 HZ2  sing N N 423 
TRP   CZ3 CH2  sing Y N 424 
TRP   CZ3 HZ3  sing N N 425 
TRP   CH2 HH2  sing N N 426 
TRP   OXT HXT  sing N N 427 
TYR   N   CA   sing N N 428 
TYR   N   H    sing N N 429 
TYR   N   H2   sing N N 430 
TYR   CA  C    sing N N 431 
TYR   CA  CB   sing N N 432 
TYR   CA  HA   sing N N 433 
TYR   C   O    doub N N 434 
TYR   C   OXT  sing N N 435 
TYR   CB  CG   sing N N 436 
TYR   CB  HB2  sing N N 437 
TYR   CB  HB3  sing N N 438 
TYR   CG  CD1  doub Y N 439 
TYR   CG  CD2  sing Y N 440 
TYR   CD1 CE1  sing Y N 441 
TYR   CD1 HD1  sing N N 442 
TYR   CD2 CE2  doub Y N 443 
TYR   CD2 HD2  sing N N 444 
TYR   CE1 CZ   doub Y N 445 
TYR   CE1 HE1  sing N N 446 
TYR   CE2 CZ   sing Y N 447 
TYR   CE2 HE2  sing N N 448 
TYR   CZ  OH   sing N N 449 
TYR   OH  HH   sing N N 450 
TYR   OXT HXT  sing N N 451 
VAL   N   CA   sing N N 452 
VAL   N   H    sing N N 453 
VAL   N   H2   sing N N 454 
VAL   CA  C    sing N N 455 
VAL   CA  CB   sing N N 456 
VAL   CA  HA   sing N N 457 
VAL   C   O    doub N N 458 
VAL   C   OXT  sing N N 459 
VAL   CB  CG1  sing N N 460 
VAL   CB  CG2  sing N N 461 
VAL   CB  HB   sing N N 462 
VAL   CG1 HG11 sing N N 463 
VAL   CG1 HG12 sing N N 464 
VAL   CG1 HG13 sing N N 465 
VAL   CG2 HG21 sing N N 466 
VAL   CG2 HG22 sing N N 467 
VAL   CG2 HG23 sing N N 468 
VAL   OXT HXT  sing N N 469 
# 
_pdbx_audit_support.funding_organization   'Not funded' 
_pdbx_audit_support.country                ? 
_pdbx_audit_support.grant_number           ? 
_pdbx_audit_support.ordinal                1 
# 
_pdbx_initial_refinement_model.id               1 
_pdbx_initial_refinement_model.entity_id_list   ? 
_pdbx_initial_refinement_model.type             'experimental model' 
_pdbx_initial_refinement_model.source_name      PDB 
_pdbx_initial_refinement_model.accession_code   6VWC 
_pdbx_initial_refinement_model.details          ? 
# 
_atom_sites.entry_id                    9AQZ 
_atom_sites.Cartn_transf_matrix[1][1]   ? 
_atom_sites.Cartn_transf_matrix[1][2]   ? 
_atom_sites.Cartn_transf_matrix[1][3]   ? 
_atom_sites.Cartn_transf_matrix[2][1]   ? 
_atom_sites.Cartn_transf_matrix[2][2]   ? 
_atom_sites.Cartn_transf_matrix[2][3]   ? 
_atom_sites.Cartn_transf_matrix[3][1]   ? 
_atom_sites.Cartn_transf_matrix[3][2]   ? 
_atom_sites.Cartn_transf_matrix[3][3]   ? 
_atom_sites.Cartn_transf_vector[1]      ? 
_atom_sites.Cartn_transf_vector[2]      ? 
_atom_sites.Cartn_transf_vector[3]      ? 
_atom_sites.Cartn_transform_axes        ? 
_atom_sites.fract_transf_matrix[1][1]   0.00659834 
_atom_sites.fract_transf_matrix[1][2]   -0.02934192 
_atom_sites.fract_transf_matrix[1][3]   -0.00347697 
_atom_sites.fract_transf_matrix[2][1]   0.01243991 
_atom_sites.fract_transf_matrix[2][2]   0.00282013 
_atom_sites.fract_transf_matrix[2][3]   -0.00019132 
_atom_sites.fract_transf_matrix[3][1]   0.00027575 
_atom_sites.fract_transf_matrix[3][2]   -0.00075095 
_atom_sites.fract_transf_matrix[3][3]   0.00686052 
_atom_sites.fract_transf_vector[1]      0.018389 
_atom_sites.fract_transf_vector[2]      0.029344 
_atom_sites.fract_transf_vector[3]      0.130666 
_atom_sites.solution_primary            ? 
_atom_sites.solution_secondary          ? 
_atom_sites.solution_hydrogens          ? 
_atom_sites.special_details             ? 
# 
loop_
_atom_type.symbol 
C  
CD 
N  
O  
S  
# 
loop_
_atom_site.group_PDB 
_atom_site.id 
_atom_site.type_symbol 
_atom_site.label_atom_id 
_atom_site.label_alt_id 
_atom_site.label_comp_id 
_atom_site.label_asym_id 
_atom_site.label_entity_id 
_atom_site.label_seq_id 
_atom_site.pdbx_PDB_ins_code 
_atom_site.Cartn_x 
_atom_site.Cartn_y 
_atom_site.Cartn_z 
_atom_site.occupancy 
_atom_site.B_iso_or_equiv 
_atom_site.pdbx_formal_charge 
_atom_site.auth_seq_id 
_atom_site.auth_comp_id 
_atom_site.auth_asym_id 
_atom_site.auth_atom_id 
_atom_site.pdbx_PDB_model_num 
ATOM   1    N  N   . SER   A 1 2   ? -5.760  -9.800  9.683   1   36.77 ? 2   SER   A N   1 
ATOM   2    C  CA  . SER   A 1 2   ? -6.747  -9.061  10.444  1   36.77 ? 2   SER   A CA  1 
ATOM   3    C  C   . SER   A 1 2   ? -7.593  -8.215  9.519   1   36.94 ? 2   SER   A C   1 
ATOM   4    O  O   . SER   A 1 2   ? -7.107  -7.728  8.492   1   37.02 ? 2   SER   A O   1 
ATOM   5    C  CB  . SER   A 1 2   ? -6.076  -8.204  11.515  1   37.92 ? 2   SER   A CB  1 
ATOM   6    O  OG  . SER   A 1 2   ? -5.389  -7.092  10.967  1   40.11 ? 2   SER   A OG  1 
ATOM   7    N  N   . GLN   A 1 3   ? -8.871  -8.059  9.869   1   36.67 ? 3   GLN   A N   1 
ATOM   8    C  CA  . GLN   A 1 3   ? -9.792  -7.255  9.085   1   37.2  ? 3   GLN   A CA  1 
ATOM   9    C  C   . GLN   A 1 3   ? -9.393  -5.783  9.091   1   36.88 ? 3   GLN   A C   1 
ATOM   10   O  O   . GLN   A 1 3   ? -9.537  -5.117  8.070   1   37.07 ? 3   GLN   A O   1 
ATOM   11   C  CB  . GLN   A 1 3   ? -11.237 -7.436  9.583   1   39.69 ? 3   GLN   A CB  1 
ATOM   12   C  CG  . GLN   A 1 3   ? -12.286 -6.818  8.661   1   44.51 ? 3   GLN   A CG  1 
ATOM   13   C  CD  . GLN   A 1 3   ? -12.237 -7.400  7.267   1   49.76 ? 3   GLN   A CD  1 
ATOM   14   O  OE1 . GLN   A 1 3   ? -12.037 -8.609  7.074   1   51.58 ? 3   GLN   A OE1 1 
ATOM   15   N  NE2 . GLN   A 1 3   ? -12.423 -6.551  6.266   1   50.27 ? 3   GLN   A NE2 1 
ATOM   16   N  N   . SER   A 1 4   ? -8.837  -5.289  10.208  1   36.3  ? 4   SER   A N   1 
ATOM   17   C  CA  . SER   A 1 4   ? -8.404  -3.899  10.313  1   36.22 ? 4   SER   A CA  1 
ATOM   18   C  C   . SER   A 1 4   ? -7.326  -3.575  9.277   1   35.87 ? 4   SER   A C   1 
ATOM   19   O  O   . SER   A 1 4   ? -7.323  -2.470  8.738   1   35.91 ? 4   SER   A O   1 
ATOM   20   C  CB  . SER   A 1 4   ? -7.896  -3.599  11.721  1   37.45 ? 4   SER   A CB  1 
ATOM   21   O  OG  . SER   A 1 4   ? -6.770  -4.400  12.035  1   39.66 ? 4   SER   A OG  1 
ATOM   22   N  N   . ASN   A 1 5   ? -6.451  -4.551  8.958   1   35.42 ? 5   ASN   A N   1 
ATOM   23   C  CA  . ASN   A 1 5   ? -5.408  -4.370  7.949   1   35.52 ? 5   ASN   A CA  1 
ATOM   24   C  C   . ASN   A 1 5   ? -6.008  -4.305  6.553   1   35.65 ? 5   ASN   A C   1 
ATOM   25   O  O   . ASN   A 1 5   ? -5.575  -3.491  5.744   1   35.96 ? 5   ASN   A O   1 
ATOM   26   C  CB  . ASN   A 1 5   ? -4.343  -5.454  8.058   1   36.35 ? 5   ASN   A CB  1 
ATOM   27   C  CG  . ASN   A 1 5   ? -3.278  -5.130  9.068   1   39.01 ? 5   ASN   A CG  1 
ATOM   28   O  OD1 . ASN   A 1 5   ? -3.093  -3.974  9.472   1   40.24 ? 5   ASN   A OD1 1 
ATOM   29   N  ND2 . ASN   A 1 5   ? -2.555  -6.147  9.512   1   39.6  ? 5   ASN   A ND2 1 
ATOM   30   N  N   . ARG   A 1 6   ? -7.057  -5.098  6.287   1   35.37 ? 6   ARG   A N   1 
ATOM   31   C  CA  . ARG   A 1 6   ? -7.760  -5.039  5.007   1   35.46 ? 6   ARG   A CA  1 
ATOM   32   C  C   . ARG   A 1 6   ? -8.468  -3.685  4.858   1   35.16 ? 6   ARG   A C   1 
ATOM   33   O  O   . ARG   A 1 6   ? -8.529  -3.154  3.756   1   35.36 ? 6   ARG   A O   1 
ATOM   34   C  CB  . ARG   A 1 6   ? -8.756  -6.207  4.871   1   37.36 ? 6   ARG   A CB  1 
ATOM   35   C  CG  . ARG   A 1 6   ? -8.066  -7.561  4.943   1   41.99 ? 6   ARG   A CG  1 
ATOM   36   C  CD  . ARG   A 1 6   ? -9.010  -8.749  4.949   1   46.47 ? 6   ARG   A CD  1 
ATOM   37   N  NE  . ARG   A 1 6   ? -8.296  -9.952  5.382   1   50.79 ? 6   ARG   A NE  1 
ATOM   38   C  CZ  . ARG   A 1 6   ? -8.583  -10.645 6.481   1   54.17 ? 6   ARG   A CZ  1 
ATOM   39   N  NH1 . ARG   A 1 6   ? -9.613  -10.297 7.243   1   54.12 ? 6   ARG   A NH1 1 
ATOM   40   N  NH2 . ARG   A 1 6   ? -7.861  -11.710 6.809   1   54.45 ? 6   ARG   A NH2 1 
ATOM   41   N  N   . GLU   A 1 7   ? -8.971  -3.103  5.965   1   34.65 ? 7   GLU   A N   1 
ATOM   42   C  CA  . GLU   A 1 7   ? -9.611  -1.786  5.929   1   34.54 ? 7   GLU   A CA  1 
ATOM   43   C  C   . GLU   A 1 7   ? -8.587  -0.692  5.597   1   32.97 ? 7   GLU   A C   1 
ATOM   44   O  O   . GLU   A 1 7   ? -8.927  0.265   4.902   1   32.27 ? 7   GLU   A O   1 
ATOM   45   C  CB  . GLU   A 1 7   ? -10.311 -1.461  7.258   1   38.48 ? 7   GLU   A CB  1 
ATOM   46   C  CG  . GLU   A 1 7   ? -11.283 -2.527  7.732   1   45.99 ? 7   GLU   A CG  1 
ATOM   47   C  CD  . GLU   A 1 7   ? -12.686 -2.442  7.164   1   56    ? 7   GLU   A CD  1 
ATOM   48   O  OE1 . GLU   A 1 7   ? -12.970 -1.476  6.419   1   58.84 ? 7   GLU   A OE1 1 
ATOM   49   O  OE2 . GLU   A 1 7   ? -13.506 -3.339  7.472   1   58.72 ? 7   GLU   A OE2 1 
ATOM   50   N  N   . LEU   A 1 8   ? -7.332  -0.837  6.075   1   31.8  ? 8   LEU   A N   1 
ATOM   51   C  CA  . LEU   A 1 8   ? -6.280  0.134   5.782   1   31.29 ? 8   LEU   A CA  1 
ATOM   52   C  C   . LEU   A 1 8   ? -5.970  0.132   4.295   1   30.76 ? 8   LEU   A C   1 
ATOM   53   O  O   . LEU   A 1 8   ? -5.835  1.197   3.694   1   30.87 ? 8   LEU   A O   1 
ATOM   54   C  CB  . LEU   A 1 8   ? -4.991  -0.179  6.567   1   31.34 ? 8   LEU   A CB  1 
ATOM   55   C  CG  . LEU   A 1 8   ? -4.948  0.198   8.041   1   32.83 ? 8   LEU   A CG  1 
ATOM   56   C  CD1 . LEU   A 1 8   ? -3.588  -0.131  8.631   1   33.41 ? 8   LEU   A CD1 1 
ATOM   57   C  CD2 . LEU   A 1 8   ? -5.265  1.673   8.256   1   33.06 ? 8   LEU   A CD2 1 
ATOM   58   N  N   . VAL   A 1 9   ? -5.866  -1.070  3.699   1   29.99 ? 9   VAL   A N   1 
ATOM   59   C  CA  . VAL   A 1 9   ? -5.582  -1.242  2.277   1   29.82 ? 9   VAL   A CA  1 
ATOM   60   C  C   . VAL   A 1 9   ? -6.684  -0.596  1.436   1   29.97 ? 9   VAL   A C   1 
ATOM   61   O  O   . VAL   A 1 9   ? -6.386  0.231   0.576   1   30.14 ? 9   VAL   A O   1 
ATOM   62   C  CB  . VAL   A 1 9   ? -5.392  -2.748  1.935   1   29.96 ? 9   VAL   A CB  1 
ATOM   63   C  CG1 . VAL   A 1 9   ? -5.443  -2.994  0.426   1   30.46 ? 9   VAL   A CG1 1 
ATOM   64   C  CG2 . VAL   A 1 9   ? -4.101  -3.295  2.541   1   29.74 ? 9   VAL   A CG2 1 
ATOM   65   N  N   . VAL   A 1 10  ? -7.951  -0.940  1.709   1   29.92 ? 10  VAL   A N   1 
ATOM   66   C  CA  . VAL   A 1 10  ? -9.102  -0.409  0.977   1   30.74 ? 10  VAL   A CA  1 
ATOM   67   C  C   . VAL   A 1 10  ? -9.184  1.112   1.110   1   30.8  ? 10  VAL   A C   1 
ATOM   68   O  O   . VAL   A 1 10  ? -9.443  1.801   0.126   1   30.99 ? 10  VAL   A O   1 
ATOM   69   C  CB  . VAL   A 1 10  ? -10.405 -1.125  1.421   1   32.18 ? 10  VAL   A CB  1 
ATOM   70   C  CG1 . VAL   A 1 10  ? -11.649 -0.388  0.928   1   33.13 ? 10  VAL   A CG1 1 
ATOM   71   C  CG2 . VAL   A 1 10  ? -10.404 -2.571  0.939   1   32.96 ? 10  VAL   A CG2 1 
ATOM   72   N  N   . ASP   A 1 11  ? -8.909  1.638   2.310   1   30.36 ? 11  ASP   A N   1 
ATOM   73   C  CA  . ASP   A 1 11  ? -8.926  3.079   2.532   1   30.16 ? 11  ASP   A CA  1 
ATOM   74   C  C   . ASP   A 1 11  ? -7.827  3.788   1.732   1   30.1  ? 11  ASP   A C   1 
ATOM   75   O  O   . ASP   A 1 11  ? -8.125  4.758   1.043   1   30.27 ? 11  ASP   A O   1 
ATOM   76   C  CB  . ASP   A 1 11  ? -8.800  3.415   4.031   1   31.27 ? 11  ASP   A CB  1 
ATOM   77   C  CG  . ASP   A 1 11  ? -8.840  4.907   4.294   1   35.24 ? 11  ASP   A CG  1 
ATOM   78   O  OD1 . ASP   A 1 11  ? -9.954  5.460   4.390   1   36.05 ? 11  ASP   A OD1 1 
ATOM   79   O  OD2 . ASP   A 1 11  ? -7.753  5.530   4.358   1   36.42 ? 11  ASP   A OD2 1 
ATOM   80   N  N   . PHE   A 1 12  ? -6.561  3.338   1.851   1   29.53 ? 12  PHE   A N   1 
ATOM   81   C  CA  . PHE   A 1 12  ? -5.449  3.968   1.147   1   29.47 ? 12  PHE   A CA  1 
ATOM   82   C  C   . PHE   A 1 12  ? -5.651  3.927   -0.363  1   29.29 ? 12  PHE   A C   1 
ATOM   83   O  O   . PHE   A 1 12  ? -5.448  4.941   -1.020  1   29.18 ? 12  PHE   A O   1 
ATOM   84   C  CB  . PHE   A 1 12  ? -4.107  3.314   1.535   1   29.36 ? 12  PHE   A CB  1 
ATOM   85   C  CG  . PHE   A 1 12  ? -2.881  4.083   1.091   1   30    ? 12  PHE   A CG  1 
ATOM   86   C  CD1 . PHE   A 1 12  ? -2.335  3.888   -0.167  1   30.74 ? 12  PHE   A CD1 1 
ATOM   87   C  CD2 . PHE   A 1 12  ? -2.276  4.997   1.933   1   30.95 ? 12  PHE   A CD2 1 
ATOM   88   C  CE1 . PHE   A 1 12  ? -1.217  4.603   -0.576  1   31.42 ? 12  PHE   A CE1 1 
ATOM   89   C  CE2 . PHE   A 1 12  ? -1.150  5.704   1.523   1   31.74 ? 12  PHE   A CE2 1 
ATOM   90   C  CZ  . PHE   A 1 12  ? -0.618  5.491   0.280   1   31.42 ? 12  PHE   A CZ  1 
ATOM   91   N  N   . LEU   A 1 13  ? -6.054  2.768   -0.913  1   29.48 ? 13  LEU   A N   1 
ATOM   92   C  CA  . LEU   A 1 13  ? -6.274  2.627   -2.353  1   30.18 ? 13  LEU   A CA  1 
ATOM   93   C  C   . LEU   A 1 13  ? -7.419  3.493   -2.860  1   31.12 ? 13  LEU   A C   1 
ATOM   94   O  O   . LEU   A 1 13  ? -7.296  4.099   -3.927  1   30.89 ? 13  LEU   A O   1 
ATOM   95   C  CB  . LEU   A 1 13  ? -6.477  1.154   -2.755  1   30.19 ? 13  LEU   A CB  1 
ATOM   96   C  CG  . LEU   A 1 13  ? -5.299  0.220   -2.483  1   31.74 ? 13  LEU   A CG  1 
ATOM   97   C  CD1 . LEU   A 1 13  ? -5.593  -1.183  -2.971  1   32.12 ? 13  LEU   A CD1 1 
ATOM   98   C  CD2 . LEU   A 1 13  ? -4.024  0.724   -3.114  1   32.41 ? 13  LEU   A CD2 1 
ATOM   99   N  N   . SER   A 1 14  ? -8.520  3.588   -2.090  1   31.76 ? 14  SER   A N   1 
ATOM   100  C  CA  . SER   A 1 14  ? -9.638  4.455   -2.486  1   33.26 ? 14  SER   A CA  1 
ATOM   101  C  C   . SER   A 1 14  ? -9.206  5.912   -2.508  1   34.63 ? 14  SER   A C   1 
ATOM   102  O  O   . SER   A 1 14  ? -9.607  6.660   -3.397  1   35.09 ? 14  SER   A O   1 
ATOM   103  C  CB  . SER   A 1 14  ? -10.815 4.293   -1.533  1   35.08 ? 14  SER   A CB  1 
ATOM   104  O  OG  . SER   A 1 14  ? -11.213 2.934   -1.466  1   38.18 ? 14  SER   A OG  1 
ATOM   105  N  N   . TYR   A 1 15  ? -8.372  6.312   -1.539  1   35.29 ? 15  TYR   A N   1 
ATOM   106  C  CA  . TYR   A 1 15  ? -7.841  7.656   -1.430  1   36.6  ? 15  TYR   A CA  1 
ATOM   107  C  C   . TYR   A 1 15  ? -6.932  7.973   -2.619  1   36.86 ? 15  TYR   A C   1 
ATOM   108  O  O   . TYR   A 1 15  ? -7.075  9.032   -3.228  1   37.11 ? 15  TYR   A O   1 
ATOM   109  C  CB  . TYR   A 1 15  ? -7.083  7.804   -0.102  1   37.46 ? 15  TYR   A CB  1 
ATOM   110  C  CG  . TYR   A 1 15  ? -6.424  9.150   0.074   1   39.28 ? 15  TYR   A CG  1 
ATOM   111  C  CD1 . TYR   A 1 15  ? -7.182  10.302  0.212   1   40.84 ? 15  TYR   A CD1 1 
ATOM   112  C  CD2 . TYR   A 1 15  ? -5.045  9.265   0.140   1   40.59 ? 15  TYR   A CD2 1 
ATOM   113  C  CE1 . TYR   A 1 15  ? -6.583  11.541  0.395   1   42.19 ? 15  TYR   A CE1 1 
ATOM   114  C  CE2 . TYR   A 1 15  ? -4.434  10.499  0.319   1   41.89 ? 15  TYR   A CE2 1 
ATOM   115  C  CZ  . TYR   A 1 15  ? -5.206  11.636  0.446   1   43.36 ? 15  TYR   A CZ  1 
ATOM   116  O  OH  . TYR   A 1 15  ? -4.609  12.864  0.624   1   45.54 ? 15  TYR   A OH  1 
ATOM   117  N  N   . LYS   A 1 16  ? -6.021  7.055   -2.973  1   36.7  ? 16  LYS   A N   1 
ATOM   118  C  CA  . LYS   A 1 16  ? -5.119  7.274   -4.106  1   37.01 ? 16  LYS   A CA  1 
ATOM   119  C  C   . LYS   A 1 16  ? -5.850  7.352   -5.441  1   37.54 ? 16  LYS   A C   1 
ATOM   120  O  O   . LYS   A 1 16  ? -5.486  8.162   -6.291  1   37.61 ? 16  LYS   A O   1 
ATOM   121  C  CB  . LYS   A 1 16  ? -4.022  6.207   -4.151  1   38.36 ? 16  LYS   A CB  1 
ATOM   122  C  CG  . LYS   A 1 16  ? -2.990  6.389   -3.055  1   42.79 ? 16  LYS   A CG  1 
ATOM   123  C  CD  . LYS   A 1 16  ? -2.179  7.673   -3.239  1   46.59 ? 16  LYS   A CD  1 
ATOM   124  C  CE  . LYS   A 1 16  ? -1.838  8.317   -1.924  1   49.98 ? 16  LYS   A CE  1 
ATOM   125  N  NZ  . LYS   A 1 16  ? -1.038  9.553   -2.126  1   51.93 ? 16  LYS   A NZ  1 
ATOM   126  N  N   . LEU   A 1 17  ? -6.869  6.511   -5.629  1   37.83 ? 17  LEU   A N   1 
ATOM   127  C  CA  . LEU   A 1 17  ? -7.659  6.512   -6.856  1   38.52 ? 17  LEU   A CA  1 
ATOM   128  C  C   . LEU   A 1 17  ? -8.442  7.822   -6.976  1   39.76 ? 17  LEU   A C   1 
ATOM   129  O  O   . LEU   A 1 17  ? -8.492  8.407   -8.058  1   39.85 ? 17  LEU   A O   1 
ATOM   130  C  CB  . LEU   A 1 17  ? -8.607  5.310   -6.887  1   38.18 ? 17  LEU   A CB  1 
ATOM   131  C  CG  . LEU   A 1 17  ? -7.934  3.980   -7.199  1   39.47 ? 17  LEU   A CG  1 
ATOM   132  C  CD1 . LEU   A 1 17  ? -8.839  2.811   -6.872  1   39.9  ? 17  LEU   A CD1 1 
ATOM   133  C  CD2 . LEU   A 1 17  ? -7.447  3.931   -8.646  1   39.81 ? 17  LEU   A CD2 1 
ATOM   134  N  N   . SER   A 1 18  ? -9.001  8.309   -5.861  1   40.57 ? 18  SER   A N   1 
ATOM   135  C  CA  . SER   A 1 18  ? -9.747  9.568   -5.851  1   41.99 ? 18  SER   A CA  1 
ATOM   136  C  C   . SER   A 1 18  ? -8.861  10.767  -6.177  1   43.19 ? 18  SER   A C   1 
ATOM   137  O  O   . SER   A 1 18  ? -9.319  11.688  -6.850  1   43.59 ? 18  SER   A O   1 
ATOM   138  C  CB  . SER   A 1 18  ? -10.443 9.777   -4.512  1   43.59 ? 18  SER   A CB  1 
ATOM   139  O  OG  . SER   A 1 18  ? -11.218 10.962  -4.553  1   46.51 ? 18  SER   A OG  1 
ATOM   140  N  N   . GLN   A 1 19  ? -7.589  10.743  -5.749  1   43.68 ? 19  GLN   A N   1 
ATOM   141  C  CA  . GLN   A 1 19  ? -6.632  11.810  -6.044  1   44.74 ? 19  GLN   A CA  1 
ATOM   142  C  C   . GLN   A 1 19  ? -6.399  11.948  -7.548  1   46.15 ? 19  GLN   A C   1 
ATOM   143  O  O   . GLN   A 1 19  ? -6.187  13.056  -8.034  1   46.35 ? 19  GLN   A O   1 
ATOM   144  C  CB  . GLN   A 1 19  ? -5.287  11.545  -5.355  1   45.78 ? 19  GLN   A CB  1 
ATOM   145  C  CG  . GLN   A 1 19  ? -5.252  11.896  -3.877  1   48.62 ? 19  GLN   A CG  1 
ATOM   146  C  CD  . GLN   A 1 19  ? -3.854  11.754  -3.320  1   52.43 ? 19  GLN   A CD  1 
ATOM   147  O  OE1 . GLN   A 1 19  ? -3.056  10.917  -3.766  1   54.07 ? 19  GLN   A OE1 1 
ATOM   148  N  NE2 . GLN   A 1 19  ? -3.527  12.566  -2.331  1   52.03 ? 19  GLN   A NE2 1 
ATOM   149  N  N   . LYS   A 1 20  ? -6.417  10.827  -8.282  1   46.91 ? 20  LYS   A N   1 
ATOM   150  C  CA  . LYS   A 1 20  ? -6.225  10.843  -9.734  1   48.14 ? 20  LYS   A CA  1 
ATOM   151  C  C   . LYS   A 1 20  ? -7.526  11.003  -10.545 1   49.69 ? 20  LYS   A C   1 
ATOM   152  O  O   . LYS   A 1 20  ? -7.473  11.024  -11.771 1   50.18 ? 20  LYS   A O   1 
ATOM   153  C  CB  . LYS   A 1 20  ? -5.457  9.597   -10.195 1   49.55 ? 20  LYS   A CB  1 
ATOM   154  C  CG  . LYS   A 1 20  ? -4.072  9.477   -9.580  1   53.14 ? 20  LYS   A CG  1 
ATOM   155  C  CD  . LYS   A 1 20  ? -3.104  10.487  -10.165 1   57.62 ? 20  LYS   A CD  1 
ATOM   156  C  CE  . LYS   A 1 20  ? -1.700  10.309  -9.644  1   61.57 ? 20  LYS   A CE  1 
ATOM   157  N  NZ  . LYS   A 1 20  ? -1.576  10.719  -8.219  1   64    ? 20  LYS   A NZ  1 
ATOM   158  N  N   . GLY   A 1 21  ? -8.669  11.102  -9.873  1   50.43 ? 21  GLY   A N   1 
ATOM   159  C  CA  . GLY   A 1 21  ? -9.958  11.292  -10.524 1   51.83 ? 21  GLY   A CA  1 
ATOM   160  C  C   . GLY   A 1 21  ? -10.702 10.018  -10.860 1   53.3  ? 21  GLY   A C   1 
ATOM   161  O  O   . GLY   A 1 21  ? -11.492 9.995   -11.806 1   53.77 ? 21  GLY   A O   1 
ATOM   162  N  N   . TYR   A 1 22  ? -10.478 8.954   -10.082 1   53.82 ? 22  TYR   A N   1 
ATOM   163  C  CA  . TYR   A 1 22  ? -11.139 7.678   -10.329 1   54.95 ? 22  TYR   A CA  1 
ATOM   164  C  C   . TYR   A 1 22  ? -12.111 7.285   -9.231  1   56.21 ? 22  TYR   A C   1 
ATOM   165  O  O   . TYR   A 1 22  ? -11.867 7.545   -8.054  1   56.34 ? 22  TYR   A O   1 
ATOM   166  C  CB  . TYR   A 1 22  ? -10.111 6.573   -10.556 1   55.04 ? 22  TYR   A CB  1 
ATOM   167  C  CG  . TYR   A 1 22  ? -9.214  6.859   -11.735 1   56.02 ? 22  TYR   A CG  1 
ATOM   168  C  CD1 . TYR   A 1 22  ? -9.746  7.156   -12.980 1   56.97 ? 22  TYR   A CD1 1 
ATOM   169  C  CD2 . TYR   A 1 22  ? -7.834  6.844   -11.603 1   56.96 ? 22  TYR   A CD2 1 
ATOM   170  C  CE1 . TYR   A 1 22  ? -8.928  7.417   -14.070 1   57.93 ? 22  TYR   A CE1 1 
ATOM   171  C  CE2 . TYR   A 1 22  ? -7.004  7.104   -12.685 1   57.89 ? 22  TYR   A CE2 1 
ATOM   172  C  CZ  . TYR   A 1 22  ? -7.556  7.392   -13.917 1   58.85 ? 22  TYR   A CZ  1 
ATOM   173  O  OH  . TYR   A 1 22  ? -6.748  7.664   -14.990 1   60.44 ? 22  TYR   A OH  1 
ATOM   174  N  N   . SER   A 1 23  ? -13.210 6.639   -9.629  1   56.9  ? 23  SER   A N   1 
ATOM   175  C  CA  . SER   A 1 23  ? -14.254 6.175   -8.722  1   58.14 ? 23  SER   A CA  1 
ATOM   176  C  C   . SER   A 1 23  ? -13.725 5.048   -7.842  1   59    ? 23  SER   A C   1 
ATOM   177  O  O   . SER   A 1 23  ? -12.975 4.196   -8.318  1   59.16 ? 23  SER   A O   1 
ATOM   178  C  CB  . SER   A 1 23  ? -15.463 5.679   -9.513  1   59.82 ? 23  SER   A CB  1 
ATOM   179  O  OG  . SER   A 1 23  ? -15.815 6.562   -10.566 1   62.61 ? 23  SER   A OG  1 
ATOM   180  N  N   . ALA   A 1 24  ? -14.114 5.040   -6.562  1   59.42 ? 24  ALA   A N   1 
ATOM   181  C  CA  . ALA   A 1 24  ? -13.666 4.025   -5.611  1   60.46 ? 24  ALA   A CA  1 
ATOM   182  C  C   . ALA   A 1 24  ? -14.658 3.848   -4.457  1   61.41 ? 24  ALA   A C   1 
ATOM   183  O  O   . ALA   A 1 24  ? -15.443 4.753   -4.169  1   61.66 ? 24  ALA   A O   1 
ATOM   184  C  CB  . ALA   A 1 24  ? -12.297 4.404   -5.064  1   60.74 ? 24  ALA   A CB  1 
ATOM   185  N  N   . SER   A 1 25  ? -14.621 2.690   -3.787  1   61.8  ? 25  SER   A N   1 
ATOM   186  C  CA  . SER   A 1 25  ? -15.509 2.431   -2.657  1   62.7  ? 25  SER   A CA  1 
ATOM   187  C  C   . SER   A 1 25  ? -14.739 2.487   -1.337  1   63.33 ? 25  SER   A C   1 
ATOM   188  O  O   . SER   A 1 25  ? -14.248 1.466   -0.862  1   63.5  ? 25  SER   A O   1 
ATOM   189  C  CB  . SER   A 1 25  ? -16.195 1.078   -2.816  1   64.18 ? 25  SER   A CB  1 
ATOM   190  O  OG  . SER   A 1 25  ? -15.260 0.050   -3.095  1   66.64 ? 25  SER   A OG  1 
ATOM   191  N  N   . GLY   A 1 26  ? -14.631 3.679   -0.763  1   63.52 ? 26  GLY   A N   1 
ATOM   192  C  CA  . GLY   A 1 26  ? -13.927 3.870   0.500   1   64.13 ? 26  GLY   A CA  1 
ATOM   193  C  C   . GLY   A 1 26  ? -13.442 5.290   0.713   1   64.61 ? 26  GLY   A C   1 
ATOM   194  O  O   . GLY   A 1 26  ? -12.966 5.640   1.796   1   64.77 ? 26  GLY   A O   1 
ATOM   195  N  N   . GLY   A 1 29  ? -13.654 6.545   6.159   1   45.85 ? 79  GLY   A N   1 
ATOM   196  C  CA  . GLY   A 1 29  ? -12.556 7.026   6.989   1   46.14 ? 79  GLY   A CA  1 
ATOM   197  C  C   . GLY   A 1 29  ? -12.810 6.970   8.484   1   46.01 ? 79  GLY   A C   1 
ATOM   198  O  O   . GLY   A 1 29  ? -12.071 7.581   9.262   1   46.63 ? 79  GLY   A O   1 
ATOM   199  N  N   . GLY   A 1 30  ? -13.840 6.233   8.894   1   44.93 ? 80  GLY   A N   1 
ATOM   200  C  CA  . GLY   A 1 30  ? -14.192 6.101   10.301  1   44.16 ? 80  GLY   A CA  1 
ATOM   201  C  C   . GLY   A 1 30  ? -13.787 4.773   10.904  1   42.87 ? 80  GLY   A C   1 
ATOM   202  O  O   . GLY   A 1 30  ? -12.934 4.070   10.355  1   43.44 ? 80  GLY   A O   1 
ATOM   203  N  N   . GLY   A 1 31  ? -14.394 4.435   12.035  1   41.07 ? 81  GLY   A N   1 
ATOM   204  C  CA  . GLY   A 1 31  ? -14.107 3.191   12.739  1   39.93 ? 81  GLY   A CA  1 
ATOM   205  C  C   . GLY   A 1 31  ? -12.909 3.284   13.664  1   38.26 ? 81  GLY   A C   1 
ATOM   206  O  O   . GLY   A 1 31  ? -12.345 4.362   13.851  1   38.16 ? 81  GLY   A O   1 
ATOM   207  N  N   . GLY   A 1 32  ? -12.506 2.152   14.230  1   36.89 ? 82  GLY   A N   1 
ATOM   208  C  CA  . GLY   A 1 32  ? -11.371 2.093   15.147  1   35.92 ? 82  GLY   A CA  1 
ATOM   209  C  C   . GLY   A 1 32  ? -10.038 2.458   14.520  1   34.52 ? 82  GLY   A C   1 
ATOM   210  O  O   . GLY   A 1 32  ? -9.141  2.944   15.209  1   34.45 ? 82  GLY   A O   1 
ATOM   211  N  N   . MET   A 1 33  ? -9.893  2.244   13.205  1   33.33 ? 83  MET   A N   1 
ATOM   212  C  CA  . MET   A 1 33  ? -8.644  2.563   12.512  1   32.57 ? 83  MET   A CA  1 
ATOM   213  C  C   . MET   A 1 33  ? -8.595  3.984   11.936  1   32.03 ? 83  MET   A C   1 
ATOM   214  O  O   . MET   A 1 33  ? -7.677  4.278   11.183  1   32.18 ? 83  MET   A O   1 
ATOM   215  C  CB  . MET   A 1 33  ? -8.341  1.528   11.414  1   32.64 ? 83  MET   A CB  1 
ATOM   216  C  CG  . MET   A 1 33  ? -8.280  0.114   11.929  1   33.66 ? 83  MET   A CG  1 
ATOM   217  S  SD  . MET   A 1 33  ? -6.850  -0.148  13.003  1   34.87 ? 83  MET   A SD  1 
ATOM   218  C  CE  . MET   A 1 33  ? -5.552  -0.143  11.789  1   31.32 ? 83  MET   A CE  1 
ATOM   219  N  N   . ALA   A 1 34  ? -9.525  4.872   12.313  1   31.6  ? 84  ALA   A N   1 
ATOM   220  C  CA  . ALA   A 1 34  ? -9.587  6.254   11.805  1   31.49 ? 84  ALA   A CA  1 
ATOM   221  C  C   . ALA   A 1 34  ? -8.277  7.042   11.893  1   31.22 ? 84  ALA   A C   1 
ATOM   222  O  O   . ALA   A 1 34  ? -7.882  7.661   10.903  1   31.45 ? 84  ALA   A O   1 
ATOM   223  C  CB  . ALA   A 1 34  ? -10.705 7.029   12.486  1   31.83 ? 84  ALA   A CB  1 
ATOM   224  N  N   . ALA   A 1 35  ? -7.599  7.016   13.046  1   30.49 ? 85  ALA   A N   1 
ATOM   225  C  CA  . ALA   A 1 35  ? -6.339  7.744   13.191  1   30.19 ? 85  ALA   A CA  1 
ATOM   226  C  C   . ALA   A 1 35  ? -5.207  7.091   12.385  1   29.69 ? 85  ALA   A C   1 
ATOM   227  O  O   . ALA   A 1 35  ? -4.322  7.792   11.903  1   29.72 ? 85  ALA   A O   1 
ATOM   228  C  CB  . ALA   A 1 35  ? -5.958  7.870   14.662  1   30.25 ? 85  ALA   A CB  1 
ATOM   229  N  N   . VAL   A 1 36  ? -5.242  5.760   12.221  1   29.29 ? 86  VAL   A N   1 
ATOM   230  C  CA  . VAL   A 1 36  ? -4.219  5.061   11.442  1   29.14 ? 86  VAL   A CA  1 
ATOM   231  C  C   . VAL   A 1 36  ? -4.396  5.361   9.956   1   29.28 ? 86  VAL   A C   1 
ATOM   232  O  O   . VAL   A 1 36  ? -3.414  5.619   9.255   1   29.32 ? 86  VAL   A O   1 
ATOM   233  C  CB  . VAL   A 1 36  ? -4.202  3.540   11.719  1   29.6  ? 86  VAL   A CB  1 
ATOM   234  C  CG1 . VAL   A 1 36  ? -3.040  2.877   10.986  1   30.15 ? 86  VAL   A CG1 1 
ATOM   235  C  CG2 . VAL   A 1 36  ? -4.125  3.257   13.216  1   29.76 ? 86  VAL   A CG2 1 
ATOM   236  N  N   . LYS   A 1 37  ? -5.654  5.358   9.480   1   29.31 ? 87  LYS   A N   1 
ATOM   237  C  CA  . LYS   A 1 37  ? -5.986  5.659   8.089   1   30.18 ? 87  LYS   A CA  1 
ATOM   238  C  C   . LYS   A 1 37  ? -5.500  7.051   7.712   1   30.88 ? 87  LYS   A C   1 
ATOM   239  O  O   . LYS   A 1 37  ? -4.888  7.212   6.660   1   30.92 ? 87  LYS   A O   1 
ATOM   240  C  CB  . LYS   A 1 37  ? -7.500  5.557   7.844   1   31.58 ? 87  LYS   A CB  1 
ATOM   241  C  CG  . LYS   A 1 37  ? -8.059  4.147   7.882   1   34.18 ? 87  LYS   A CG  1 
ATOM   242  C  CD  . LYS   A 1 37  ? -9.574  4.174   7.803   1   38.01 ? 87  LYS   A CD  1 
ATOM   243  C  CE  . LYS   A 1 37  ? -10.191 2.802   7.866   1   41.37 ? 87  LYS   A CE  1 
ATOM   244  N  NZ  . LYS   A 1 37  ? -11.672 2.870   7.708   1   43.94 ? 87  LYS   A NZ  1 
ATOM   245  N  N   . GLN   A 1 38  ? -5.726  8.046   8.604   1   31.24 ? 88  GLN   A N   1 
ATOM   246  C  CA  . GLN   A 1 38  ? -5.326  9.441   8.410   1   31.64 ? 88  GLN   A CA  1 
ATOM   247  C  C   . GLN   A 1 38  ? -3.801  9.601   8.384   1   30.88 ? 88  GLN   A C   1 
ATOM   248  O  O   . GLN   A 1 38  ? -3.271  10.301  7.520   1   30.28 ? 88  GLN   A O   1 
ATOM   249  C  CB  . GLN   A 1 38  ? -5.938  10.328  9.516   1   34.35 ? 88  GLN   A CB  1 
ATOM   250  C  CG  . GLN   A 1 38  ? -5.574  11.805  9.382   1   40.24 ? 88  GLN   A CG  1 
ATOM   251  C  CD  . GLN   A 1 38  ? -5.535  12.540  10.709  1   47.38 ? 88  GLN   A CD  1 
ATOM   252  O  OE1 . GLN   A 1 38  ? -5.579  11.942  11.798  1   49.09 ? 88  GLN   A OE1 1 
ATOM   253  N  NE2 . GLN   A 1 38  ? -5.429  13.861  10.643  1   48.44 ? 88  GLN   A NE2 1 
ATOM   254  N  N   . ALA   A 1 39  ? -3.093  8.955   9.325   1   30.46 ? 89  ALA   A N   1 
ATOM   255  C  CA  . ALA   A 1 39  ? -1.634  9.037   9.367   1   30.54 ? 89  ALA   A CA  1 
ATOM   256  C  C   . ALA   A 1 39  ? -1.017  8.375   8.130   1   30.2  ? 89  ALA   A C   1 
ATOM   257  O  O   . ALA   A 1 39  ? -0.055  8.892   7.571   1   30.12 ? 89  ALA   A O   1 
ATOM   258  C  CB  . ALA   A 1 39  ? -1.109  8.362   10.628  1   31.22 ? 89  ALA   A CB  1 
ATOM   259  N  N   . LEU   A 1 40  ? -1.572  7.246   7.697   1   29.89 ? 90  LEU   A N   1 
ATOM   260  C  CA  . LEU   A 1 40  ? -1.066  6.526   6.533   1   30.2  ? 90  LEU   A CA  1 
ATOM   261  C  C   . LEU   A 1 40  ? -1.309  7.332   5.260   1   29.96 ? 90  LEU   A C   1 
ATOM   262  O  O   . LEU   A 1 40  ? -0.435  7.392   4.395   1   29.86 ? 90  LEU   A O   1 
ATOM   263  C  CB  . LEU   A 1 40  ? -1.743  5.152   6.453   1   31.01 ? 90  LEU   A CB  1 
ATOM   264  C  CG  . LEU   A 1 40  ? -1.017  4.040   5.709   1   33.24 ? 90  LEU   A CG  1 
ATOM   265  C  CD1 . LEU   A 1 40  ? 0.426   3.881   6.188   1   33.9  ? 90  LEU   A CD1 1 
ATOM   266  C  CD2 . LEU   A 1 40  ? -1.769  2.730   5.870   1   33.84 ? 90  LEU   A CD2 1 
ATOM   267  N  N   . ARG   A 1 41  ? -2.481  7.976   5.156   1   29.81 ? 91  ARG   A N   1 
ATOM   268  C  CA  . ARG   A 1 41  ? -2.812  8.819   4.007   1   30.29 ? 91  ARG   A CA  1 
ATOM   269  C  C   . ARG   A 1 41  ? -1.835  9.986   3.913   1   30.01 ? 91  ARG   A C   1 
ATOM   270  O  O   . ARG   A 1 41  ? -1.316  10.241  2.829   1   30.39 ? 91  ARG   A O   1 
ATOM   271  C  CB  . ARG   A 1 41  ? -4.238  9.364   4.128   1   32.43 ? 91  ARG   A CB  1 
ATOM   272  C  CG  . ARG   A 1 41  ? -5.325  8.422   3.669   1   36.49 ? 91  ARG   A CG  1 
ATOM   273  C  CD  . ARG   A 1 41  ? -6.659  9.113   3.844   1   41.41 ? 91  ARG   A CD  1 
ATOM   274  N  NE  . ARG   A 1 41  ? -7.784  8.272   3.440   1   46.21 ? 91  ARG   A NE  1 
ATOM   275  C  CZ  . ARG   A 1 41  ? -9.001  8.729   3.171   1   49.94 ? 91  ARG   A CZ  1 
ATOM   276  N  NH1 . ARG   A 1 41  ? -9.264  10.030  3.251   1   49.8  ? 91  ARG   A NH1 1 
ATOM   277  N  NH2 . ARG   A 1 41  ? -9.964  7.897   2.807   1   50.77 ? 91  ARG   A NH2 1 
ATOM   278  N  N   . GLU   A 1 42  ? -1.540  10.656  5.057   1   29.22 ? 92  GLU   A N   1 
ATOM   279  C  CA  . GLU   A 1 42  ? -0.605  11.780  5.098   1   29.45 ? 92  GLU   A CA  1 
ATOM   280  C  C   . GLU   A 1 42  ? 0.815   11.328  4.787   1   30.06 ? 92  GLU   A C   1 
ATOM   281  O  O   . GLU   A 1 42  ? 1.504   11.980  4.012   1   29.75 ? 92  GLU   A O   1 
ATOM   282  C  CB  . GLU   A 1 42  ? -0.625  12.487  6.473   1   30.2  ? 92  GLU   A CB  1 
ATOM   283  C  CG  . GLU   A 1 42  ? -1.925  13.191  6.808   1   30.07 ? 92  GLU   A CG  1 
ATOM   284  C  CD  . GLU   A 1 42  ? -2.198  14.428  5.974   1   30.24 ? 92  GLU   A CD  1 
ATOM   285  O  OE1 . GLU   A 1 42  ? -3.370  14.865  5.942   1   30.04 ? 92  GLU   A OE1 1 
ATOM   286  O  OE2 . GLU   A 1 42  ? -1.247  14.960  5.355   1   30.11 ? 92  GLU   A OE2 1 
ATOM   287  N  N   . ALA   A 1 43  ? 1.260   10.224  5.404   1   30.37 ? 93  ALA   A N   1 
ATOM   288  C  CA  . ALA   A 1 43  ? 2.608   9.701   5.183   1   31    ? 93  ALA   A CA  1 
ATOM   289  C  C   . ALA   A 1 43  ? 2.821   9.274   3.735   1   30.91 ? 93  ALA   A C   1 
ATOM   290  O  O   . ALA   A 1 43  ? 3.912   9.456   3.207   1   30.83 ? 93  ALA   A O   1 
ATOM   291  C  CB  . ALA   A 1 43  ? 2.896   8.539   6.130   1   31.16 ? 93  ALA   A CB  1 
ATOM   292  N  N   . GLY   A 1 44  ? 1.777   8.744   3.100   1   30.8  ? 94  GLY   A N   1 
ATOM   293  C  CA  . GLY   A 1 44  ? 1.841   8.343   1.703   1   31.01 ? 94  GLY   A CA  1 
ATOM   294  C  C   . GLY   A 1 44  ? 2.003   9.544   0.790   1   31.58 ? 94  GLY   A C   1 
ATOM   295  O  O   . GLY   A 1 44  ? 2.780   9.501   -0.163  1   31.41 ? 94  GLY   A O   1 
ATOM   296  N  N   . ASP   A 1 45  ? 1.283   10.633  1.089   1   31.86 ? 95  ASP   A N   1 
ATOM   297  C  CA  . ASP   A 1 45  ? 1.386   11.871  0.307   1   32.81 ? 95  ASP   A CA  1 
ATOM   298  C  C   . ASP   A 1 45  ? 2.772   12.477  0.476   1   33.22 ? 95  ASP   A C   1 
ATOM   299  O  O   . ASP   A 1 45  ? 3.368   12.922  -0.501  1   33.58 ? 95  ASP   A O   1 
ATOM   300  C  CB  . ASP   A 1 45  ? 0.325   12.886  0.762   1   34.52 ? 95  ASP   A CB  1 
ATOM   301  C  CG  . ASP   A 1 45  ? -1.074  12.542  0.304   1   39.35 ? 95  ASP   A CG  1 
ATOM   302  O  OD1 . ASP   A 1 45  ? -1.211  11.951  -0.791  1   38.9  ? 95  ASP   A OD1 1 
ATOM   303  O  OD2 . ASP   A 1 45  ? -2.035  12.851  1.048   1   42.49 ? 95  ASP   A OD2 1 
ATOM   304  N  N   . GLU   A 1 46  ? 3.294   12.470  1.711   1   33.18 ? 96  GLU   A N   1 
ATOM   305  C  CA  . GLU   A 1 46  ? 4.612   13.004  2.016   1   33.91 ? 96  GLU   A CA  1 
ATOM   306  C  C   . GLU   A 1 46  ? 5.705   12.200  1.329   1   34.26 ? 96  GLU   A C   1 
ATOM   307  O  O   . GLU   A 1 46  ? 6.645   12.785  0.786   1   34.61 ? 96  GLU   A O   1 
ATOM   308  C  CB  . GLU   A 1 46  ? 4.830   13.028  3.531   1   36.44 ? 96  GLU   A CB  1 
ATOM   309  C  CG  . GLU   A 1 46  ? 6.190   13.567  3.931   1   41.67 ? 96  GLU   A CG  1 
ATOM   310  C  CD  . GLU   A 1 46  ? 6.345   13.895  5.399   1   49.17 ? 96  GLU   A CD  1 
ATOM   311  O  OE1 . GLU   A 1 46  ? 7.475   14.249  5.808   1   51.77 ? 96  GLU   A OE1 1 
ATOM   312  O  OE2 . GLU   A 1 46  ? 5.339   13.817  6.141   1   50.57 ? 96  GLU   A OE2 1 
ATOM   313  N  N   . PHE   A 1 47  ? 5.579   10.861  1.344   1   33.82 ? 97  PHE   A N   1 
ATOM   314  C  CA  . PHE   A 1 47  ? 6.534   9.963   0.703   1   33.98 ? 97  PHE   A CA  1 
ATOM   315  C  C   . PHE   A 1 47  ? 6.568   10.213  -0.796  1   35.35 ? 97  PHE   A C   1 
ATOM   316  O  O   . PHE   A 1 47  ? 7.646   10.284  -1.365  1   35.28 ? 97  PHE   A O   1 
ATOM   317  C  CB  . PHE   A 1 47  ? 6.200   8.481   0.995   1   32.96 ? 97  PHE   A CB  1 
ATOM   318  C  CG  . PHE   A 1 47  ? 7.059   7.492   0.236   1   32.53 ? 97  PHE   A CG  1 
ATOM   319  C  CD1 . PHE   A 1 47  ? 8.353   7.216   0.645   1   32.91 ? 97  PHE   A CD1 1 
ATOM   320  C  CD2 . PHE   A 1 47  ? 6.578   6.856   -0.897  1   32.48 ? 97  PHE   A CD2 1 
ATOM   321  C  CE1 . PHE   A 1 47  ? 9.150   6.328   -0.071  1   33.24 ? 97  PHE   A CE1 1 
ATOM   322  C  CE2 . PHE   A 1 47  ? 7.378   5.974   -1.611  1   33.11 ? 97  PHE   A CE2 1 
ATOM   323  C  CZ  . PHE   A 1 47  ? 8.661   5.718   -1.195  1   32.86 ? 97  PHE   A CZ  1 
ATOM   324  N  N   . GLU   A 1 48  ? 5.397   10.338  -1.436  1   36.26 ? 98  GLU   A N   1 
ATOM   325  C  CA  . GLU   A 1 48  ? 5.318   10.561  -2.880  1   37.56 ? 98  GLU   A CA  1 
ATOM   326  C  C   . GLU   A 1 48  ? 5.910   11.907  -3.305  1   39.43 ? 98  GLU   A C   1 
ATOM   327  O  O   . GLU   A 1 48  ? 6.571   11.994  -4.338  1   39.98 ? 98  GLU   A O   1 
ATOM   328  C  CB  . GLU   A 1 48  ? 3.863   10.429  -3.357  1   38.55 ? 98  GLU   A CB  1 
ATOM   329  C  CG  . GLU   A 1 48  ? 3.392   8.987   -3.358  1   41.4  ? 98  GLU   A CG  1 
ATOM   330  C  CD  . GLU   A 1 48  ? 1.893   8.760   -3.382  1   44.94 ? 98  GLU   A CD  1 
ATOM   331  O  OE1 . GLU   A 1 48  ? 1.152   9.700   -3.749  1   45.74 ? 98  GLU   A OE1 1 
ATOM   332  O  OE2 . GLU   A 1 48  ? 1.459   7.640   -3.030  1   45.22 ? 98  GLU   A OE2 1 
ATOM   333  N  N   . LEU   A 1 49  ? 5.690   12.941  -2.500  1   40.5  ? 99  LEU   A N   1 
ATOM   334  C  CA  . LEU   A 1 49  ? 6.177   14.288  -2.779  1   42.2  ? 99  LEU   A CA  1 
ATOM   335  C  C   . LEU   A 1 49  ? 7.700   14.472  -2.614  1   43.37 ? 99  LEU   A C   1 
ATOM   336  O  O   . LEU   A 1 49  ? 8.338   14.973  -3.543  1   43.83 ? 99  LEU   A O   1 
ATOM   337  C  CB  . LEU   A 1 49  ? 5.407   15.314  -1.923  1   42.77 ? 99  LEU   A CB  1 
ATOM   338  C  CG  . LEU   A 1 49  ? 5.890   16.770  -1.967  1   44.82 ? 99  LEU   A CG  1 
ATOM   339  C  CD1 . LEU   A 1 49  ? 5.497   17.441  -3.261  1   45.47 ? 99  LEU   A CD1 1 
ATOM   340  C  CD2 . LEU   A 1 49  ? 5.381   17.548  -0.772  1   45.54 ? 99  LEU   A CD2 1 
ATOM   341  N  N   . ARG   A 1 50  ? 8.286   14.089  -1.458  1   43.49 ? 100 ARG   A N   1 
ATOM   342  C  CA  . ARG   A 1 50  ? 9.712   14.348  -1.226  1   44.17 ? 100 ARG   A CA  1 
ATOM   343  C  C   . ARG   A 1 50  ? 10.659  13.150  -1.117  1   44.6  ? 100 ARG   A C   1 
ATOM   344  O  O   . ARG   A 1 50  ? 11.871  13.379  -1.070  1   45.11 ? 100 ARG   A O   1 
ATOM   345  C  CB  . ARG   A 1 50  ? 9.884   15.197  0.041   1   45.51 ? 100 ARG   A CB  1 
ATOM   346  N  N   . TYR   A 1 51  ? 10.157  11.903  -1.052  1   44.14 ? 101 TYR   A N   1 
ATOM   347  C  CA  . TYR   A 1 51  ? 11.053  10.762  -0.845  1   44.24 ? 101 TYR   A CA  1 
ATOM   348  C  C   . TYR   A 1 51  ? 11.126  9.740   -1.964  1   44.58 ? 101 TYR   A C   1 
ATOM   349  O  O   . TYR   A 1 51  ? 12.196  9.201   -2.199  1   44.74 ? 101 TYR   A O   1 
ATOM   350  C  CB  . TYR   A 1 51  ? 10.707  10.048  0.466   1   44.02 ? 101 TYR   A CB  1 
ATOM   351  C  CG  . TYR   A 1 51  ? 10.938  10.913  1.684   1   44.65 ? 101 TYR   A CG  1 
ATOM   352  C  CD1 . TYR   A 1 51  ? 9.901   11.633  2.256   1   45.24 ? 101 TYR   A CD1 1 
ATOM   353  C  CD2 . TYR   A 1 51  ? 12.203  11.041  2.240   1   45.57 ? 101 TYR   A CD2 1 
ATOM   354  C  CE1 . TYR   A 1 51  ? 10.109  12.439  3.365   1   46.28 ? 101 TYR   A CE1 1 
ATOM   355  C  CE2 . TYR   A 1 51  ? 12.424  11.844  3.351   1   46.4  ? 101 TYR   A CE2 1 
ATOM   356  C  CZ  . TYR   A 1 51  ? 11.372  12.543  3.911   1   47.47 ? 101 TYR   A CZ  1 
ATOM   357  O  OH  . TYR   A 1 51  ? 11.571  13.334  5.018   1   49.5  ? 101 TYR   A OH  1 
ATOM   358  N  N   . ARG   A 1 52  ? 10.001  9.427   -2.610  1   44.71 ? 102 ARG   A N   1 
ATOM   359  C  CA  . ARG   A 1 52  ? 9.904   8.402   -3.650  1   45.3  ? 102 ARG   A CA  1 
ATOM   360  C  C   . ARG   A 1 52  ? 10.937  8.531   -4.770  1   45.74 ? 102 ARG   A C   1 
ATOM   361  O  O   . ARG   A 1 52  ? 11.508  7.525   -5.191  1   45.76 ? 102 ARG   A O   1 
ATOM   362  C  CB  . ARG   A 1 52  ? 8.476   8.381   -4.227  1   46.45 ? 102 ARG   A CB  1 
ATOM   363  C  CG  . ARG   A 1 52  ? 8.245   7.340   -5.312  1   49.6  ? 102 ARG   A CG  1 
ATOM   364  C  CD  . ARG   A 1 52  ? 6.808   7.351   -5.799  1   53.39 ? 102 ARG   A CD  1 
ATOM   365  N  NE  . ARG   A 1 52  ? 6.393   8.658   -6.314  1   56.79 ? 102 ARG   A NE  1 
ATOM   366  C  CZ  . ARG   A 1 52  ? 5.154   8.957   -6.693  1   59.55 ? 102 ARG   A CZ  1 
ATOM   367  N  NH1 . ARG   A 1 52  ? 4.194   8.041   -6.637  1   59.06 ? 102 ARG   A NH1 1 
ATOM   368  N  NH2 . ARG   A 1 52  ? 4.868   10.173  -7.142  1   59.99 ? 102 ARG   A NH2 1 
ATOM   369  N  N   . ARG   A 1 53  ? 11.181  9.760   -5.241  1   45.91 ? 103 ARG   A N   1 
ATOM   370  C  CA  . ARG   A 1 53  ? 12.117  10.032  -6.336  1   46.85 ? 103 ARG   A CA  1 
ATOM   371  C  C   . ARG   A 1 53  ? 13.551  9.568   -6.050  1   46.52 ? 103 ARG   A C   1 
ATOM   372  O  O   . ARG   A 1 53  ? 14.294  9.257   -6.982  1   47.12 ? 103 ARG   A O   1 
ATOM   373  C  CB  . ARG   A 1 53  ? 12.076  11.515  -6.736  1   49.43 ? 103 ARG   A CB  1 
ATOM   374  C  CG  . ARG   A 1 53  ? 10.804  11.900  -7.488  1   54.74 ? 103 ARG   A CG  1 
ATOM   375  C  CD  . ARG   A 1 53  ? 9.672   12.315  -6.559  1   59.79 ? 103 ARG   A CD  1 
ATOM   376  N  NE  . ARG   A 1 53  ? 8.362   12.161  -7.195  1   63.65 ? 103 ARG   A NE  1 
ATOM   377  C  CZ  . ARG   A 1 53  ? 7.749   13.114  -7.892  1   66.87 ? 103 ARG   A CZ  1 
ATOM   378  N  NH1 . ARG   A 1 53  ? 8.318   14.303  -8.048  1   67.17 ? 103 ARG   A NH1 1 
ATOM   379  N  NH2 . ARG   A 1 53  ? 6.562   12.884  -8.438  1   67.02 ? 103 ARG   A NH2 1 
ATOM   380  N  N   . ALA   A 1 54  ? 13.923  9.472   -4.767  1   45.34 ? 104 ALA   A N   1 
ATOM   381  C  CA  . ALA   A 1 54  ? 15.242  8.988   -4.370  1   44.5  ? 104 ALA   A CA  1 
ATOM   382  C  C   . ALA   A 1 54  ? 15.432  7.490   -4.616  1   43.2  ? 104 ALA   A C   1 
ATOM   383  O  O   . ALA   A 1 54  ? 16.563  7.014   -4.556  1   43.19 ? 104 ALA   A O   1 
ATOM   384  C  CB  . ALA   A 1 54  ? 15.480  9.292   -2.900  1   44.78 ? 104 ALA   A CB  1 
ATOM   385  N  N   . PHE   A 1 55  ? 14.346  6.741   -4.887  1   41.79 ? 105 PHE   A N   1 
ATOM   386  C  CA  . PHE   A 1 55  ? 14.415  5.302   -5.086  1   41.12 ? 105 PHE   A CA  1 
ATOM   387  C  C   . PHE   A 1 55  ? 14.081  4.868   -6.520  1   40.98 ? 105 PHE   A C   1 
ATOM   388  O  O   . PHE   A 1 55  ? 13.505  5.634   -7.291  1   41.21 ? 105 PHE   A O   1 
ATOM   389  C  CB  . PHE   A 1 55  ? 13.489  4.583   -4.082  1   40.48 ? 105 PHE   A CB  1 
ATOM   390  C  CG  . PHE   A 1 55  ? 13.707  4.987   -2.644  1   40.24 ? 105 PHE   A CG  1 
ATOM   391  C  CD1 . PHE   A 1 55  ? 12.886  5.918   -2.037  1   40.63 ? 105 PHE   A CD1 1 
ATOM   392  C  CD2 . PHE   A 1 55  ? 14.742  4.444   -1.905  1   40.64 ? 105 PHE   A CD2 1 
ATOM   393  C  CE1 . PHE   A 1 55  ? 13.092  6.292   -0.715  1   41.12 ? 105 PHE   A CE1 1 
ATOM   394  C  CE2 . PHE   A 1 55  ? 14.946  4.825   -0.586  1   40.99 ? 105 PHE   A CE2 1 
ATOM   395  C  CZ  . PHE   A 1 55  ? 14.122  5.747   -0.002  1   40.67 ? 105 PHE   A CZ  1 
ATOM   396  N  N   . SER   A 1 56  ? 14.451  3.629   -6.856  1   40.45 ? 106 SER   A N   1 
ATOM   397  C  CA  . SER   A 1 56  ? 14.188  2.982   -8.131  1   40.69 ? 106 SER   A CA  1 
ATOM   398  C  C   . SER   A 1 56  ? 12.670  2.769   -8.280  1   40.09 ? 106 SER   A C   1 
ATOM   399  O  O   . SER   A 1 56  ? 12.008  2.364   -7.325  1   40.17 ? 106 SER   A O   1 
ATOM   400  C  CB  . SER   A 1 56  ? 14.903  1.636   -8.168  1   42.52 ? 106 SER   A CB  1 
ATOM   401  O  OG  . SER   A 1 56  ? 14.640  0.913   -9.359  1   45.68 ? 106 SER   A OG  1 
ATOM   402  N  N   . ASP   A 1 57  ? 12.123  3.055   -9.461  1   38.92 ? 107 ASP   A N   1 
ATOM   403  C  CA  . ASP   A 1 57  ? 10.695  2.896   -9.721  1   38.3  ? 107 ASP   A CA  1 
ATOM   404  C  C   . ASP   A 1 57  ? 10.338  1.413   -9.823  1   37.46 ? 107 ASP   A C   1 
ATOM   405  O  O   . ASP   A 1 57  ? 10.617  0.790   -10.841 1   37.32 ? 107 ASP   A O   1 
ATOM   406  C  CB  . ASP   A 1 57  ? 10.324  3.630   -11.021 1   39.77 ? 107 ASP   A CB  1 
ATOM   407  C  CG  . ASP   A 1 57  ? 8.841   3.713   -11.331 1   43.45 ? 107 ASP   A CG  1 
ATOM   408  O  OD1 . ASP   A 1 57  ? 8.047   3.036   -10.644 1   42.57 ? 107 ASP   A OD1 1 
ATOM   409  O  OD2 . ASP   A 1 57  ? 8.475   4.445   -12.272 1   46.15 ? 107 ASP   A OD2 1 
ATOM   410  N  N   . LEU   A 1 58  ? 9.693   0.856   -8.780  1   36.5  ? 108 LEU   A N   1 
ATOM   411  C  CA  . LEU   A 1 58  ? 9.300   -0.550  -8.772  1   36.24 ? 108 LEU   A CA  1 
ATOM   412  C  C   . LEU   A 1 58  ? 8.202   -0.905  -9.768  1   35.62 ? 108 LEU   A C   1 
ATOM   413  O  O   . LEU   A 1 58  ? 8.048   -2.083  -10.086 1   35.44 ? 108 LEU   A O   1 
ATOM   414  C  CB  . LEU   A 1 58  ? 8.888   -1.018  -7.368  1   36.63 ? 108 LEU   A CB  1 
ATOM   415  C  CG  . LEU   A 1 58  ? 9.986   -1.355  -6.373  1   38.14 ? 108 LEU   A CG  1 
ATOM   416  C  CD1 . LEU   A 1 58  ? 9.387   -1.985  -5.146  1   38.51 ? 108 LEU   A CD1 1 
ATOM   417  C  CD2 . LEU   A 1 58  ? 11.019  -2.304  -6.968  1   39.12 ? 108 LEU   A CD2 1 
ATOM   418  N  N   . THR   A 1 59  ? 7.429   0.085   -10.250 1   35.31 ? 109 THR   A N   1 
ATOM   419  C  CA  . THR   A 1 59  ? 6.400   -0.202  -11.255 1   35.85 ? 109 THR   A CA  1 
ATOM   420  C  C   . THR   A 1 59  ? 7.029   -0.649  -12.588 1   36.45 ? 109 THR   A C   1 
ATOM   421  O  O   . THR   A 1 59  ? 6.354   -1.301  -13.370 1   36.36 ? 109 THR   A O   1 
ATOM   422  C  CB  . THR   A 1 59  ? 5.389   0.941   -11.419 1   36.75 ? 109 THR   A CB  1 
ATOM   423  O  OG1 . THR   A 1 59  ? 6.030   2.052   -12.036 1   37.37 ? 109 THR   A OG1 1 
ATOM   424  C  CG2 . THR   A 1 59  ? 4.752   1.361   -10.098 1   37.04 ? 109 THR   A CG2 1 
ATOM   425  N  N   . SER   A 1 60  ? 8.326   -0.337  -12.827 1   37.07 ? 110 SER   A N   1 
ATOM   426  C  CA  . SER   A 1 60  ? 9.065   -0.775  -14.014 1   38.13 ? 110 SER   A CA  1 
ATOM   427  C  C   . SER   A 1 60  ? 9.402   -2.284  -13.950 1   38.83 ? 110 SER   A C   1 
ATOM   428  O  O   . SER   A 1 60  ? 9.686   -2.889  -14.982 1   39.28 ? 110 SER   A O   1 
ATOM   429  C  CB  . SER   A 1 60  ? 10.362  0.017   -14.157 1   39.79 ? 110 SER   A CB  1 
ATOM   430  O  OG  . SER   A 1 60  ? 10.126  1.413   -14.198 1   42.12 ? 110 SER   A OG  1 
ATOM   431  N  N   . GLN   A 1 61  ? 9.420   -2.877  -12.748 1   38.54 ? 111 GLN   A N   1 
ATOM   432  C  CA  . GLN   A 1 61  ? 9.704   -4.297  -12.580 1   38.98 ? 111 GLN   A CA  1 
ATOM   433  C  C   . GLN   A 1 61  ? 8.437   -5.162  -12.528 1   38.87 ? 111 GLN   A C   1 
ATOM   434  O  O   . GLN   A 1 61  ? 8.551   -6.385  -12.513 1   39.01 ? 111 GLN   A O   1 
ATOM   435  C  CB  . GLN   A 1 61  ? 10.510  -4.530  -11.295 1   41.58 ? 111 GLN   A CB  1 
ATOM   436  C  CG  . GLN   A 1 61  ? 11.875  -3.867  -11.269 1   46.18 ? 111 GLN   A CG  1 
ATOM   437  C  CD  . GLN   A 1 61  ? 12.638  -4.306  -10.046 1   52.18 ? 111 GLN   A CD  1 
ATOM   438  O  OE1 . GLN   A 1 61  ? 12.580  -5.473  -9.631  1   54.39 ? 111 GLN   A OE1 1 
ATOM   439  N  NE2 . GLN   A 1 61  ? 13.368  -3.383  -9.438  1   53.04 ? 111 GLN   A NE2 1 
ATOM   440  N  N   . LEU   A 1 62  ? 7.240   -4.554  -12.468 1   38.57 ? 112 LEU   A N   1 
ATOM   441  C  CA  . LEU   A 1 62  ? 6.004   -5.317  -12.366 1   39.02 ? 112 LEU   A CA  1 
ATOM   442  C  C   . LEU   A 1 62  ? 4.936   -4.794  -13.310 1   40.18 ? 112 LEU   A C   1 
ATOM   443  O  O   . LEU   A 1 62  ? 4.437   -3.687  -13.126 1   40.21 ? 112 LEU   A O   1 
ATOM   444  C  CB  . LEU   A 1 62  ? 5.489   -5.289  -10.921 1   38.61 ? 112 LEU   A CB  1 
ATOM   445  C  CG  . LEU   A 1 62  ? 4.256   -6.142  -10.642 1   39.56 ? 112 LEU   A CG  1 
ATOM   446  C  CD1 . LEU   A 1 62  ? 4.569   -7.618  -10.815 1   39.77 ? 112 LEU   A CD1 1 
ATOM   447  C  CD2 . LEU   A 1 62  ? 3.716   -5.876  -9.245  1   40.01 ? 112 LEU   A CD2 1 
ATOM   448  N  N   . HIS   A 1 63  ? 4.563   -5.597  -14.302 1   40.88 ? 113 HIS   A N   1 
ATOM   449  C  CA  . HIS   A 1 63  ? 3.517   -5.221  -15.245 1   42.13 ? 113 HIS   A CA  1 
ATOM   450  C  C   . HIS   A 1 63  ? 2.338   -6.166  -15.064 1   41.84 ? 113 HIS   A C   1 
ATOM   451  O  O   . HIS   A 1 63  ? 2.335   -7.288  -15.574 1   41.95 ? 113 HIS   A O   1 
ATOM   452  C  CB  . HIS   A 1 63  ? 4.055   -5.208  -16.680 1   44.24 ? 113 HIS   A CB  1 
ATOM   453  C  CG  . HIS   A 1 63  ? 5.148   -4.200  -16.863 1   48.61 ? 113 HIS   A CG  1 
ATOM   454  N  ND1 . HIS   A 1 63  ? 6.485   -4.561  -16.776 1   51.22 ? 113 HIS   A ND1 1 
ATOM   455  C  CD2 . HIS   A 1 63  ? 5.069   -2.864  -17.061 1   50.29 ? 113 HIS   A CD2 1 
ATOM   456  C  CE1 . HIS   A 1 63  ? 7.171   -3.441  -16.951 1   51.89 ? 113 HIS   A CE1 1 
ATOM   457  N  NE2 . HIS   A 1 63  ? 6.363   -2.393  -17.123 1   51.72 ? 113 HIS   A NE2 1 
ATOM   458  N  N   . ILE   A 1 64  ? 1.362   -5.727  -14.279 1   41.17 ? 114 ILE   A N   1 
ATOM   459  C  CA  . ILE   A 1 64  ? 0.215   -6.550  -13.948 1   41.35 ? 114 ILE   A CA  1 
ATOM   460  C  C   . ILE   A 1 64  ? -0.805  -6.636  -15.072 1   41.54 ? 114 ILE   A C   1 
ATOM   461  O  O   . ILE   A 1 64  ? -1.278  -5.623  -15.574 1   42.29 ? 114 ILE   A O   1 
ATOM   462  C  CB  . ILE   A 1 64  ? -0.431  -6.102  -12.613 1   41.67 ? 114 ILE   A CB  1 
ATOM   463  C  CG1 . ILE   A 1 64  ? 0.628   -6.002  -11.494 1   42.62 ? 114 ILE   A CG1 1 
ATOM   464  C  CG2 . ILE   A 1 64  ? -1.566  -7.041  -12.215 1   41.96 ? 114 ILE   A CG2 1 
ATOM   465  C  CD1 . ILE   A 1 64  ? 0.124   -5.401  -10.207 1   43.84 ? 114 ILE   A CD1 1 
ATOM   466  N  N   . THR   A 1 65  ? -1.113  -7.863  -15.477 1   41.02 ? 115 THR   A N   1 
ATOM   467  C  CA  . THR   A 1 65  ? -2.133  -8.212  -16.464 1   41.06 ? 115 THR   A CA  1 
ATOM   468  C  C   . THR   A 1 65  ? -3.030  -9.294  -15.812 1   40.98 ? 115 THR   A C   1 
ATOM   469  O  O   . THR   A 1 65  ? -2.646  -9.857  -14.783 1   41.11 ? 115 THR   A O   1 
ATOM   470  C  CB  . THR   A 1 65  ? -1.467  -8.755  -17.761 1   42.31 ? 115 THR   A CB  1 
ATOM   471  O  OG1 . THR   A 1 65  ? -0.820  -10.003 -17.495 1   43.17 ? 115 THR   A OG1 1 
ATOM   472  C  CG2 . THR   A 1 65  ? -0.499  -7.765  -18.399 1   42.8  ? 115 THR   A CG2 1 
ATOM   473  N  N   . PRO   A 1 66  ? -4.186  -9.667  -16.407 1   40.76 ? 116 PRO   A N   1 
ATOM   474  C  CA  . PRO   A 1 66  ? -5.011  -10.736 -15.810 1   40.69 ? 116 PRO   A CA  1 
ATOM   475  C  C   . PRO   A 1 66  ? -4.300  -12.078 -15.582 1   41.01 ? 116 PRO   A C   1 
ATOM   476  O  O   . PRO   A 1 66  ? -4.776  -12.908 -14.807 1   41.55 ? 116 PRO   A O   1 
ATOM   477  C  CB  . PRO   A 1 66  ? -6.175  -10.873 -16.798 1   41.29 ? 116 PRO   A CB  1 
ATOM   478  C  CG  . PRO   A 1 66  ? -6.264  -9.541  -17.455 1   41.72 ? 116 PRO   A CG  1 
ATOM   479  C  CD  . PRO   A 1 66  ? -4.834  -9.103  -17.605 1   40.16 ? 116 PRO   A CD  1 
ATOM   480  N  N   . GLY   A 1 67  ? -3.165  -12.281 -16.238 1   40.59 ? 117 GLY   A N   1 
ATOM   481  C  CA  . GLY   A 1 67  ? -2.378  -13.498 -16.090 1   40.5  ? 117 GLY   A CA  1 
ATOM   482  C  C   . GLY   A 1 67  ? -1.286  -13.432 -15.037 1   40.17 ? 117 GLY   A C   1 
ATOM   483  O  O   . GLY   A 1 67  ? -0.632  -14.442 -14.771 1   40.62 ? 117 GLY   A O   1 
ATOM   484  N  N   . THR   A 1 68  ? -1.061  -12.251 -14.431 1   39.45 ? 118 THR   A N   1 
ATOM   485  C  CA  . THR   A 1 68  ? -0.027  -12.095 -13.400 1   39.11 ? 118 THR   A CA  1 
ATOM   486  C  C   . THR   A 1 68  ? -0.412  -12.831 -12.112 1   38.47 ? 118 THR   A C   1 
ATOM   487  O  O   . THR   A 1 68  ? -1.531  -12.680 -11.624 1   39.01 ? 118 THR   A O   1 
ATOM   488  C  CB  . THR   A 1 68  ? 0.249   -10.602 -13.130 1   40.46 ? 118 THR   A CB  1 
ATOM   489  O  OG1 . THR   A 1 68  ? 0.654   -9.965  -14.339 1   41.43 ? 118 THR   A OG1 1 
ATOM   490  C  CG2 . THR   A 1 68  ? 1.315   -10.384 -12.065 1   40.8  ? 118 THR   A CG2 1 
ATOM   491  N  N   . ALA   A 1 69  ? 0.503   -13.642 -11.578 1   37.2  ? 119 ALA   A N   1 
ATOM   492  C  CA  . ALA   A 1 69  ? 0.275   -14.372 -10.335 1   36.61 ? 119 ALA   A CA  1 
ATOM   493  C  C   . ALA   A 1 69  ? 0.674   -13.514 -9.144  1   35.77 ? 119 ALA   A C   1 
ATOM   494  O  O   . ALA   A 1 69  ? 1.568   -12.673 -9.266  1   36.12 ? 119 ALA   A O   1 
ATOM   495  C  CB  . ALA   A 1 69  ? 1.091   -15.654 -10.325 1   36.68 ? 119 ALA   A CB  1 
ATOM   496  N  N   . TYR   A 1 70  ? 0.073   -13.777 -7.963  1   34.5  ? 120 TYR   A N   1 
ATOM   497  C  CA  . TYR   A 1 70  ? 0.392   -13.050 -6.733  1   33.62 ? 120 TYR   A CA  1 
ATOM   498  C  C   . TYR   A 1 70  ? 1.895   -13.148 -6.415  1   33.25 ? 120 TYR   A C   1 
ATOM   499  O  O   . TYR   A 1 70  ? 2.495   -12.173 -5.961  1   32.93 ? 120 TYR   A O   1 
ATOM   500  C  CB  . TYR   A 1 70  ? -0.455  -13.570 -5.542  1   33.3  ? 120 TYR   A CB  1 
ATOM   501  C  CG  . TYR   A 1 70  ? 0.116   -13.172 -4.196  1   33.21 ? 120 TYR   A CG  1 
ATOM   502  C  CD1 . TYR   A 1 70  ? -0.053  -11.887 -3.700  1   33.24 ? 120 TYR   A CD1 1 
ATOM   503  C  CD2 . TYR   A 1 70  ? 0.954   -14.031 -3.497  1   33.52 ? 120 TYR   A CD2 1 
ATOM   504  C  CE1 . TYR   A 1 70  ? 0.555   -11.483 -2.519  1   33.61 ? 120 TYR   A CE1 1 
ATOM   505  C  CE2 . TYR   A 1 70  ? 1.562   -13.639 -2.314  1   34.17 ? 120 TYR   A CE2 1 
ATOM   506  C  CZ  . TYR   A 1 70  ? 1.349   -12.367 -1.820  1   34.4  ? 120 TYR   A CZ  1 
ATOM   507  O  OH  . TYR   A 1 70  ? 1.956   -11.979 -0.649  1   34.91 ? 120 TYR   A OH  1 
ATOM   508  N  N   . GLN   A 1 71  ? 2.502   -14.313 -6.684  1   32.83 ? 121 GLN   A N   1 
ATOM   509  C  CA  . GLN   A 1 71  ? 3.911   -14.515 -6.391  1   32.75 ? 121 GLN   A CA  1 
ATOM   510  C  C   . GLN   A 1 71  ? 4.829   -13.570 -7.152  1   32.5  ? 121 GLN   A C   1 
ATOM   511  O  O   . GLN   A 1 71  ? 5.886   -13.221 -6.627  1   32.34 ? 121 GLN   A O   1 
ATOM   512  C  CB  . GLN   A 1 71  ? 4.321   -15.985 -6.575  1   34.2  ? 121 GLN   A CB  1 
ATOM   513  C  CG  . GLN   A 1 71  ? 5.566   -16.370 -5.783  1   37.14 ? 121 GLN   A CG  1 
ATOM   514  C  CD  . GLN   A 1 71  ? 5.461   -16.037 -4.309  1   41.2  ? 121 GLN   A CD  1 
ATOM   515  O  OE1 . GLN   A 1 71  ? 4.370   -16.042 -3.717  1   43.18 ? 121 GLN   A OE1 1 
ATOM   516  N  NE2 . GLN   A 1 71  ? 6.594   -15.721 -3.695  1   40.99 ? 121 GLN   A NE2 1 
ATOM   517  N  N   . SER   A 1 72  ? 4.423   -13.107 -8.349  1   32.4  ? 122 SER   A N   1 
ATOM   518  C  CA  . SER   A 1 72  ? 5.223   -12.122 -9.086  1   32.75 ? 122 SER   A CA  1 
ATOM   519  C  C   . SER   A 1 72  ? 5.196   -10.773 -8.338  1   32.31 ? 122 SER   A C   1 
ATOM   520  O  O   . SER   A 1 72  ? 6.211   -10.085 -8.267  1   32.39 ? 122 SER   A O   1 
ATOM   521  C  CB  . SER   A 1 72  ? 4.695   -11.956 -10.503 1   35.04 ? 122 SER   A CB  1 
ATOM   522  O  OG  . SER   A 1 72  ? 4.755   -13.188 -11.201 1   38.73 ? 122 SER   A OG  1 
ATOM   523  N  N   . PHE   A 1 73  ? 4.035   -10.416 -7.756  1   31.72 ? 123 PHE   A N   1 
ATOM   524  C  CA  . PHE   A 1 73  ? 3.870   -9.207  -6.955  1   31.09 ? 123 PHE   A CA  1 
ATOM   525  C  C   . PHE   A 1 73  ? 4.727   -9.320  -5.700  1   30.42 ? 123 PHE   A C   1 
ATOM   526  O  O   . PHE   A 1 73  ? 5.448   -8.383  -5.395  1   30.65 ? 123 PHE   A O   1 
ATOM   527  C  CB  . PHE   A 1 73  ? 2.390   -9.003  -6.591  1   30.77 ? 123 PHE   A CB  1 
ATOM   528  C  CG  . PHE   A 1 73  ? 2.090   -7.992  -5.507  1   31.02 ? 123 PHE   A CG  1 
ATOM   529  C  CD1 . PHE   A 1 73  ? 1.957   -6.649  -5.811  1   31.59 ? 123 PHE   A CD1 1 
ATOM   530  C  CD2 . PHE   A 1 73  ? 1.885   -8.393  -4.197  1   31.47 ? 123 PHE   A CD2 1 
ATOM   531  C  CE1 . PHE   A 1 73  ? 1.656   -5.723  -4.819  1   32.11 ? 123 PHE   A CE1 1 
ATOM   532  C  CE2 . PHE   A 1 73  ? 1.596   -7.464  -3.207  1   32.14 ? 123 PHE   A CE2 1 
ATOM   533  C  CZ  . PHE   A 1 73  ? 1.466   -6.137  -3.524  1   31.78 ? 123 PHE   A CZ  1 
ATOM   534  N  N   . GLU   A 1 74  ? 4.674   -10.475 -4.983  1   29.65 ? 124 GLU   A N   1 
ATOM   535  C  CA  . GLU   A 1 74  ? 5.477   -10.664 -3.771  1   29.2  ? 124 GLU   A CA  1 
ATOM   536  C  C   . GLU   A 1 74  ? 6.970   -10.496 -4.052  1   29.5  ? 124 GLU   A C   1 
ATOM   537  O  O   . GLU   A 1 74  ? 7.658   -9.812  -3.295  1   29.53 ? 124 GLU   A O   1 
ATOM   538  C  CB  . GLU   A 1 74  ? 5.180   -12.027 -3.102  1   29.7  ? 124 GLU   A CB  1 
ATOM   539  C  CG  . GLU   A 1 74  ? 6.177   -12.426 -2.018  1   31.33 ? 124 GLU   A CG  1 
ATOM   540  C  CD  . GLU   A 1 74  ? 5.600   -13.307 -0.933  1   32.99 ? 124 GLU   A CD  1 
ATOM   541  O  OE1 . GLU   A 1 74  ? 4.394   -13.154 -0.634  1   30.64 ? 124 GLU   A OE1 1 
ATOM   542  O  OE2 . GLU   A 1 74  ? 6.347   -14.145 -0.378  1   35.8  ? 124 GLU   A OE2 1 
ATOM   543  N  N   . GLN   A 1 75  ? 7.457   -11.093 -5.150  1   29.6  ? 125 GLN   A N   1 
ATOM   544  C  CA  . GLN   A 1 75  ? 8.859   -11.005 -5.547  1   30.7  ? 125 GLN   A CA  1 
ATOM   545  C  C   . GLN   A 1 75  ? 9.325   -9.560  -5.705  1   30.6  ? 125 GLN   A C   1 
ATOM   546  O  O   . GLN   A 1 75  ? 10.405  -9.209  -5.228  1   30.67 ? 125 GLN   A O   1 
ATOM   547  C  CB  . GLN   A 1 75  ? 9.091   -11.775 -6.852  1   33.46 ? 125 GLN   A CB  1 
ATOM   548  C  CG  . GLN   A 1 75  ? 9.154   -13.293 -6.675  1   39.29 ? 125 GLN   A CG  1 
ATOM   549  C  CD  . GLN   A 1 75  ? 9.007   -14.027 -7.994  1   46.58 ? 125 GLN   A CD  1 
ATOM   550  O  OE1 . GLN   A 1 75  ? 8.347   -15.070 -8.077  1   49.02 ? 125 GLN   A OE1 1 
ATOM   551  N  NE2 . GLN   A 1 75  ? 9.602   -13.496 -9.061  1   47.64 ? 125 GLN   A NE2 1 
ATOM   552  N  N   . VAL   A 1 76  ? 8.506   -8.714  -6.349  1   30.2  ? 126 VAL   A N   1 
ATOM   553  C  CA  . VAL   A 1 76  ? 8.871   -7.313  -6.543  1   30.32 ? 126 VAL   A CA  1 
ATOM   554  C  C   . VAL   A 1 76  ? 8.807   -6.548  -5.217  1   30.07 ? 126 VAL   A C   1 
ATOM   555  O  O   . VAL   A 1 76  ? 9.749   -5.835  -4.878  1   29.74 ? 126 VAL   A O   1 
ATOM   556  C  CB  . VAL   A 1 76  ? 8.017   -6.657  -7.653  1   31.07 ? 126 VAL   A CB  1 
ATOM   557  C  CG1 . VAL   A 1 76  ? 8.262   -5.153  -7.715  1   31.55 ? 126 VAL   A CG1 1 
ATOM   558  C  CG2 . VAL   A 1 76  ? 8.290   -7.308  -9.008  1   31.54 ? 126 VAL   A CG2 1 
ATOM   559  N  N   . VAL   A 1 77  ? 7.723   -6.739  -4.442  1   30.02 ? 127 VAL   A N   1 
ATOM   560  C  CA  . VAL   A 1 77  ? 7.554   -6.088  -3.135  1   30.81 ? 127 VAL   A CA  1 
ATOM   561  C  C   . VAL   A 1 77  ? 8.710   -6.428  -2.178  1   32.48 ? 127 VAL   A C   1 
ATOM   562  O  O   . VAL   A 1 77  ? 9.116   -5.588  -1.380  1   32.54 ? 127 VAL   A O   1 
ATOM   563  C  CB  . VAL   A 1 77  ? 6.162   -6.419  -2.527  1   31.19 ? 127 VAL   A CB  1 
ATOM   564  C  CG1 . VAL   A 1 77  ? 6.076   -6.023  -1.053  1   31.82 ? 127 VAL   A CG1 1 
ATOM   565  C  CG2 . VAL   A 1 77  ? 5.055   -5.747  -3.321  1   31.25 ? 127 VAL   A CG2 1 
ATOM   566  N  N   . ASN   A 1 78  ? 9.270   -7.640  -2.288  1   33.9  ? 128 ASN   A N   1 
ATOM   567  C  CA  . ASN   A 1 78  ? 10.393  -8.063  -1.450  1   35.41 ? 128 ASN   A CA  1 
ATOM   568  C  C   . ASN   A 1 78  ? 11.631  -7.166  -1.603  1   36    ? 128 ASN   A C   1 
ATOM   569  O  O   . ASN   A 1 78  ? 12.456  -7.125  -0.697  1   35.95 ? 128 ASN   A O   1 
ATOM   570  C  CB  . ASN   A 1 78  ? 10.743  -9.523  -1.703  1   37.48 ? 128 ASN   A CB  1 
ATOM   571  C  CG  . ASN   A 1 78  ? 9.814   -10.490 -1.012  1   42.19 ? 128 ASN   A CG  1 
ATOM   572  O  OD1 . ASN   A 1 78  ? 9.088   -10.136 -0.072  1   43.66 ? 128 ASN   A OD1 1 
ATOM   573  N  ND2 . ASN   A 1 78  ? 9.814   -11.732 -1.463  1   43.17 ? 128 ASN   A ND2 1 
ATOM   574  N  N   . GLU   A 1 79  ? 11.748  -6.426  -2.725  1   36.33 ? 129 GLU   A N   1 
ATOM   575  C  CA  . GLU   A 1 79  ? 12.858  -5.494  -2.945  1   37.01 ? 129 GLU   A CA  1 
ATOM   576  C  C   . GLU   A 1 79  ? 12.826  -4.339  -1.942  1   37.4  ? 129 GLU   A C   1 
ATOM   577  O  O   . GLU   A 1 79  ? 13.876  -3.809  -1.586  1   37.45 ? 129 GLU   A O   1 
ATOM   578  C  CB  . GLU   A 1 79  ? 12.831  -4.944  -4.379  1   39.5  ? 129 GLU   A CB  1 
ATOM   579  C  CG  . GLU   A 1 79  ? 13.092  -6.003  -5.431  1   45.54 ? 129 GLU   A CG  1 
ATOM   580  C  CD  . GLU   A 1 79  ? 14.502  -6.556  -5.384  1   54.11 ? 129 GLU   A CD  1 
ATOM   581  O  OE1 . GLU   A 1 79  ? 14.655  -7.779  -5.157  1   56.06 ? 129 GLU   A OE1 1 
ATOM   582  O  OE2 . GLU   A 1 79  ? 15.455  -5.760  -5.550  1   56.63 ? 129 GLU   A OE2 1 
ATOM   583  N  N   . LEU   A 1 80  ? 11.620  -3.941  -1.492  1   37.66 ? 130 LEU   A N   1 
ATOM   584  C  CA  . LEU   A 1 80  ? 11.442  -2.879  -0.505  1   38.5  ? 130 LEU   A CA  1 
ATOM   585  C  C   . LEU   A 1 80  ? 12.010  -3.277  0.852   1   39.14 ? 130 LEU   A C   1 
ATOM   586  O  O   . LEU   A 1 80  ? 12.492  -2.428  1.590   1   39.3  ? 130 LEU   A O   1 
ATOM   587  C  CB  . LEU   A 1 80  ? 9.941   -2.600  -0.298  1   38.96 ? 130 LEU   A CB  1 
ATOM   588  C  CG  . LEU   A 1 80  ? 9.193   -2.017  -1.457  1   40.66 ? 130 LEU   A CG  1 
ATOM   589  C  CD1 . LEU   A 1 80  ? 7.704   -2.079  -1.230  1   41.21 ? 130 LEU   A CD1 1 
ATOM   590  C  CD2 . LEU   A 1 80  ? 9.596   -0.617  -1.669  1   41.5  ? 130 LEU   A CD2 1 
ATOM   591  N  N   . PHE   A 1 81  ? 11.869  -4.547  1.214   1   39.53 ? 131 PHE   A N   1 
ATOM   592  C  CA  . PHE   A 1 81  ? 12.245  -5.030  2.530   1   40.24 ? 131 PHE   A CA  1 
ATOM   593  C  C   . PHE   A 1 81  ? 13.519  -5.887  2.500   1   42.33 ? 131 PHE   A C   1 
ATOM   594  O  O   . PHE   A 1 81  ? 13.578  -6.925  3.162   1   43.02 ? 131 PHE   A O   1 
ATOM   595  C  CB  . PHE   A 1 81  ? 11.048  -5.778  3.153   1   39.28 ? 131 PHE   A CB  1 
ATOM   596  C  CG  . PHE   A 1 81  ? 9.763   -4.965  3.149   1   38.83 ? 131 PHE   A CG  1 
ATOM   597  C  CD1 . PHE   A 1 81  ? 9.558   -3.956  4.073   1   39.14 ? 131 PHE   A CD1 1 
ATOM   598  C  CD2 . PHE   A 1 81  ? 8.783   -5.191  2.200   1   38.97 ? 131 PHE   A CD2 1 
ATOM   599  C  CE1 . PHE   A 1 81  ? 8.389   -3.204  4.058   1   39.48 ? 131 PHE   A CE1 1 
ATOM   600  C  CE2 . PHE   A 1 81  ? 7.625   -4.422  2.175   1   39.44 ? 131 PHE   A CE2 1 
ATOM   601  C  CZ  . PHE   A 1 81  ? 7.438   -3.429  3.100   1   39.17 ? 131 PHE   A CZ  1 
ATOM   602  N  N   . ARG   A 1 82  ? 14.544  -5.431  1.742   1   42.91 ? 132 ARG   A N   1 
ATOM   603  C  CA  . ARG   A 1 82  ? 15.833  -6.117  1.606   1   43.69 ? 132 ARG   A CA  1 
ATOM   604  C  C   . ARG   A 1 82  ? 16.706  -5.874  2.845   1   43.82 ? 132 ARG   A C   1 
ATOM   605  O  O   . ARG   A 1 82  ? 17.173  -6.823  3.471   1   44.13 ? 132 ARG   A O   1 
ATOM   606  C  CB  . ARG   A 1 82  ? 16.552  -5.662  0.321   1   45.17 ? 132 ARG   A CB  1 
ATOM   607  N  N   . ASP   A 1 83  ? 16.883  -4.604  3.233   1   43.3  ? 133 ASP   A N   1 
ATOM   608  C  CA  . ASP   A 1 83  ? 17.629  -4.266  4.445   1   43.07 ? 133 ASP   A CA  1 
ATOM   609  C  C   . ASP   A 1 83  ? 16.684  -4.310  5.687   1   41.91 ? 133 ASP   A C   1 
ATOM   610  O  O   . ASP   A 1 83  ? 16.861  -3.550  6.640   1   42.26 ? 133 ASP   A O   1 
ATOM   611  C  CB  . ASP   A 1 83  ? 18.293  -2.880  4.268   1   45.19 ? 133 ASP   A CB  1 
ATOM   612  C  CG  . ASP   A 1 83  ? 18.984  -2.307  5.488   1   49.8  ? 133 ASP   A CG  1 
ATOM   613  O  OD1 . ASP   A 1 83  ? 19.852  -2.999  6.055   1   50.54 ? 133 ASP   A OD1 1 
ATOM   614  O  OD2 . ASP   A 1 83  ? 18.637  -1.170  5.887   1   51.94 ? 133 ASP   A OD2 1 
ATOM   615  N  N   . GLY   A 1 84  ? 15.685  -5.199  5.652   1   40.31 ? 134 GLY   A N   1 
ATOM   616  C  CA  . GLY   A 1 84  ? 14.716  -5.357  6.727   1   39.16 ? 134 GLY   A CA  1 
ATOM   617  C  C   . GLY   A 1 84  ? 13.461  -4.524  6.569   1   37.53 ? 134 GLY   A C   1 
ATOM   618  O  O   . GLY   A 1 84  ? 13.215  -3.936  5.514   1   37.81 ? 134 GLY   A O   1 
ATOM   619  N  N   . VAL   A 1 85  ? 12.660  -4.456  7.633   1   35.67 ? 135 VAL   A N   1 
ATOM   620  C  CA  . VAL   A 1 85  ? 11.420  -3.696  7.638   1   34.13 ? 135 VAL   A CA  1 
ATOM   621  C  C   . VAL   A 1 85  ? 11.532  -2.480  8.544   1   32.69 ? 135 VAL   A C   1 
ATOM   622  O  O   . VAL   A 1 85  ? 12.142  -2.551  9.612   1   32.63 ? 135 VAL   A O   1 
ATOM   623  C  CB  . VAL   A 1 85  ? 10.228  -4.590  8.084   1   34.33 ? 135 VAL   A CB  1 
ATOM   624  C  CG1 . VAL   A 1 85  ? 8.923   -3.794  8.146   1   34.47 ? 135 VAL   A CG1 1 
ATOM   625  C  CG2 . VAL   A 1 85  ? 10.079  -5.811  7.181   1   34.56 ? 135 VAL   A CG2 1 
ATOM   626  N  N   . ASN   A 1 86  ? 10.935  -1.359  8.111   1   30.98 ? 136 ASN   A N   1 
ATOM   627  C  CA  . ASN   A 1 86  ? 10.792  -0.137  8.889   1   29.94 ? 136 ASN   A CA  1 
ATOM   628  C  C   . ASN   A 1 86  ? 9.500   0.612   8.464   1   28.87 ? 136 ASN   A C   1 
ATOM   629  O  O   . ASN   A 1 86  ? 8.889   0.243   7.460   1   28.49 ? 136 ASN   A O   1 
ATOM   630  C  CB  . ASN   A 1 86  ? 12.058  0.734   8.892   1   30.89 ? 136 ASN   A CB  1 
ATOM   631  C  CG  . ASN   A 1 86  ? 12.450  1.325   7.567   1   33.47 ? 136 ASN   A CG  1 
ATOM   632  O  OD1 . ASN   A 1 86  ? 11.610  1.729   6.764   1   33.82 ? 136 ASN   A OD1 1 
ATOM   633  N  ND2 . ASN   A 1 86  ? 13.751  1.398   7.322   1   34.03 ? 136 ASN   A ND2 1 
ATOM   634  N  N   . TRP   A 1 87  ? 9.066   1.624   9.232   1   28.44 ? 137 TRP   A N   1 
ATOM   635  C  CA  . TRP   A 1 87  ? 7.820   2.325   8.927   1   28.47 ? 137 TRP   A CA  1 
ATOM   636  C  C   . TRP   A 1 87  ? 7.816   2.995   7.556   1   27.97 ? 137 TRP   A C   1 
ATOM   637  O  O   . TRP   A 1 87  ? 6.788   2.970   6.880   1   27.91 ? 137 TRP   A O   1 
ATOM   638  C  CB  . TRP   A 1 87  ? 7.424   3.313   10.037  1   28.48 ? 137 TRP   A CB  1 
ATOM   639  C  CG  . TRP   A 1 87  ? 7.033   2.645   11.328  1   29.09 ? 137 TRP   A CG  1 
ATOM   640  C  CD1 . TRP   A 1 87  ? 7.680   2.735   12.524  1   30.18 ? 137 TRP   A CD1 1 
ATOM   641  C  CD2 . TRP   A 1 87  ? 5.889   1.805   11.552  1   28.74 ? 137 TRP   A CD2 1 
ATOM   642  N  NE1 . TRP   A 1 87  ? 7.014   2.003   13.479  1   30.46 ? 137 TRP   A NE1 1 
ATOM   643  C  CE2 . TRP   A 1 87  ? 5.929   1.394   12.900  1   29.79 ? 137 TRP   A CE2 1 
ATOM   644  C  CE3 . TRP   A 1 87  ? 4.859   1.327   10.734  1   29.06 ? 137 TRP   A CE3 1 
ATOM   645  C  CZ2 . TRP   A 1 87  ? 4.955   0.568   13.456  1   30.23 ? 137 TRP   A CZ2 1 
ATOM   646  C  CZ3 . TRP   A 1 87  ? 3.890   0.515   11.286  1   29.75 ? 137 TRP   A CZ3 1 
ATOM   647  C  CH2 . TRP   A 1 87  ? 3.948   0.134   12.627  1   30.08 ? 137 TRP   A CH2 1 
ATOM   648  N  N   . GLY   A 1 88  ? 8.953   3.538   7.133   1   27.52 ? 138 GLY   A N   1 
ATOM   649  C  CA  . GLY   A 1 88  ? 9.051   4.192   5.833   1   27.5  ? 138 GLY   A CA  1 
ATOM   650  C  C   . GLY   A 1 88  ? 8.935   3.232   4.668   1   27.5  ? 138 GLY   A C   1 
ATOM   651  O  O   . GLY   A 1 88  ? 8.356   3.572   3.632   1   27.83 ? 138 GLY   A O   1 
ATOM   652  N  N   . ARG   A 1 89  ? 9.464   2.016   4.830   1   27.14 ? 139 ARG   A N   1 
ATOM   653  C  CA  . ARG   A 1 89  ? 9.345   0.969   3.812   1   27.26 ? 139 ARG   A CA  1 
ATOM   654  C  C   . ARG   A 1 89  ? 7.902   0.444   3.728   1   26.44 ? 139 ARG   A C   1 
ATOM   655  O  O   . ARG   A 1 89  ? 7.444   0.091   2.641   1   26.44 ? 139 ARG   A O   1 
ATOM   656  C  CB  . ARG   A 1 89  ? 10.332  -0.170  4.087   1   29.35 ? 139 ARG   A CB  1 
ATOM   657  C  CG  . ARG   A 1 89  ? 11.761  0.200   3.743   1   33.68 ? 139 ARG   A CG  1 
ATOM   658  C  CD  . ARG   A 1 89  ? 12.774  -0.655  4.474   1   37.91 ? 139 ARG   A CD  1 
ATOM   659  N  NE  . ARG   A 1 89  ? 14.132  -0.305  4.063   1   42.36 ? 139 ARG   A NE  1 
ATOM   660  C  CZ  . ARG   A 1 89  ? 15.002  -1.157  3.531   1   46.5  ? 139 ARG   A CZ  1 
ATOM   661  N  NH1 . ARG   A 1 89  ? 16.202  -0.738  3.154   1   47.27 ? 139 ARG   A NH1 1 
ATOM   662  N  NH2 . ARG   A 1 89  ? 14.676  -2.433  3.364   1   46.83 ? 139 ARG   A NH2 1 
ATOM   663  N  N   . ILE   A 1 90  ? 7.172   0.432   4.859   1   25.75 ? 140 ILE   A N   1 
ATOM   664  C  CA  . ILE   A 1 90  ? 5.759   0.048   4.873   1   25.48 ? 140 ILE   A CA  1 
ATOM   665  C  C   . ILE   A 1 90  ? 4.949   1.129   4.128   1   24.62 ? 140 ILE   A C   1 
ATOM   666  O  O   . ILE   A 1 90  ? 4.084   0.795   3.323   1   23.98 ? 140 ILE   A O   1 
ATOM   667  C  CB  . ILE   A 1 90  ? 5.264   -0.176  6.324   1   26.75 ? 140 ILE   A CB  1 
ATOM   668  C  CG1 . ILE   A 1 90  ? 5.947   -1.435  6.925   1   27.95 ? 140 ILE   A CG1 1 
ATOM   669  C  CG2 . ILE   A 1 90  ? 3.732   -0.305  6.375   1   27.27 ? 140 ILE   A CG2 1 
ATOM   670  C  CD1 . ILE   A 1 90  ? 5.665   -1.673  8.366   1   29.22 ? 140 ILE   A CD1 1 
ATOM   671  N  N   . VAL   A 1 91  ? 5.279   2.419   4.341   1   24.04 ? 141 VAL   A N   1 
ATOM   672  C  CA  . VAL   A 1 91  ? 4.614   3.521   3.634   1   24.46 ? 141 VAL   A CA  1 
ATOM   673  C  C   . VAL   A 1 91  ? 4.885   3.407   2.125   1   24.67 ? 141 VAL   A C   1 
ATOM   674  O  O   . VAL   A 1 91  ? 3.969   3.550   1.319   1   24.73 ? 141 VAL   A O   1 
ATOM   675  C  CB  . VAL   A 1 91  ? 5.041   4.892   4.210   1   25.27 ? 141 VAL   A CB  1 
ATOM   676  C  CG1 . VAL   A 1 91  ? 4.559   6.042   3.327   1   25.95 ? 141 VAL   A CG1 1 
ATOM   677  C  CG2 . VAL   A 1 91  ? 4.530   5.060   5.636   1   25.86 ? 141 VAL   A CG2 1 
ATOM   678  N  N   . ALA   A 1 92  ? 6.123   3.062   1.752   1   24.69 ? 142 ALA   A N   1 
ATOM   679  C  CA  . ALA   A 1 92  ? 6.508   2.850   0.356   1   24.92 ? 142 ALA   A CA  1 
ATOM   680  C  C   . ALA   A 1 92  ? 5.687   1.713   -0.258  1   24.68 ? 142 ALA   A C   1 
ATOM   681  O  O   . ALA   A 1 92  ? 5.283   1.810   -1.406  1   24.44 ? 142 ALA   A O   1 
ATOM   682  C  CB  . ALA   A 1 92  ? 7.992   2.529   0.263   1   25.1  ? 142 ALA   A CB  1 
ATOM   683  N  N   . PHE   A 1 93  ? 5.432   0.648   0.513   1   24.53 ? 143 PHE   A N   1 
ATOM   684  C  CA  . PHE   A 1 93  ? 4.617   -0.487  0.093   1   24.97 ? 143 PHE   A CA  1 
ATOM   685  C  C   . PHE   A 1 93  ? 3.178   -0.051  -0.233  1   24.66 ? 143 PHE   A C   1 
ATOM   686  O  O   . PHE   A 1 93  ? 2.641   -0.455  -1.258  1   24.83 ? 143 PHE   A O   1 
ATOM   687  C  CB  . PHE   A 1 93  ? 4.645   -1.584  1.179   1   25.45 ? 143 PHE   A CB  1 
ATOM   688  C  CG  . PHE   A 1 93  ? 3.543   -2.618  1.113   1   26.75 ? 143 PHE   A CG  1 
ATOM   689  C  CD1 . PHE   A 1 93  ? 3.588   -3.641  0.185   1   27.61 ? 143 PHE   A CD1 1 
ATOM   690  C  CD2 . PHE   A 1 93  ? 2.469   -2.566  1.982   1   27.82 ? 143 PHE   A CD2 1 
ATOM   691  C  CE1 . PHE   A 1 93  ? 2.571   -4.588  0.124   1   28.43 ? 143 PHE   A CE1 1 
ATOM   692  C  CE2 . PHE   A 1 93  ? 1.456   -3.514  1.916   1   28.55 ? 143 PHE   A CE2 1 
ATOM   693  C  CZ  . PHE   A 1 93  ? 1.512   -4.514  0.987   1   28.26 ? 143 PHE   A CZ  1 
ATOM   694  N  N   . PHE   A 1 94  ? 2.548   0.746   0.642   1   24.46 ? 144 PHE   A N   1 
ATOM   695  C  CA  . PHE   A 1 94  ? 1.183   1.216   0.387   1   25.06 ? 144 PHE   A CA  1 
ATOM   696  C  C   . PHE   A 1 94  ? 1.150   2.105   -0.854  1   25.7  ? 144 PHE   A C   1 
ATOM   697  O  O   . PHE   A 1 94  ? 0.281   1.943   -1.709  1   25.76 ? 144 PHE   A O   1 
ATOM   698  C  CB  . PHE   A 1 94  ? 0.619   1.964   1.600   1   24.61 ? 144 PHE   A CB  1 
ATOM   699  C  CG  . PHE   A 1 94  ? 0.002   1.044   2.616   1   24.63 ? 144 PHE   A CG  1 
ATOM   700  C  CD1 . PHE   A 1 94  ? -1.329  0.678   2.526   1   25.24 ? 144 PHE   A CD1 1 
ATOM   701  C  CD2 . PHE   A 1 94  ? 0.753   0.538   3.664   1   25.04 ? 144 PHE   A CD2 1 
ATOM   702  C  CE1 . PHE   A 1 94  ? -1.891  -0.194  3.456   1   25.51 ? 144 PHE   A CE1 1 
ATOM   703  C  CE2 . PHE   A 1 94  ? 0.181   -0.307  4.605   1   25.45 ? 144 PHE   A CE2 1 
ATOM   704  C  CZ  . PHE   A 1 94  ? -1.137  -0.663  4.497   1   25.08 ? 144 PHE   A CZ  1 
ATOM   705  N  N   . SER   A 1 95  ? 2.145   2.993   -0.975  1   26.13 ? 145 SER   A N   1 
ATOM   706  C  CA  . SER   A 1 95  ? 2.290   3.920   -2.090  1   27.07 ? 145 SER   A CA  1 
ATOM   707  C  C   . SER   A 1 95  ? 2.474   3.161   -3.417  1   27.35 ? 145 SER   A C   1 
ATOM   708  O  O   . SER   A 1 95  ? 1.888   3.540   -4.433  1   27.55 ? 145 SER   A O   1 
ATOM   709  C  CB  . SER   A 1 95  ? 3.454   4.870   -1.819  1   28.92 ? 145 SER   A CB  1 
ATOM   710  O  OG  . SER   A 1 95  ? 3.730   5.698   -2.933  1   31.84 ? 145 SER   A OG  1 
ATOM   711  N  N   . PHE   A 1 96  ? 3.227   2.052   -3.383  1   26.75 ? 146 PHE   A N   1 
ATOM   712  C  CA  . PHE   A 1 96  ? 3.465   1.188   -4.541  1   27.41 ? 146 PHE   A CA  1 
ATOM   713  C  C   . PHE   A 1 96  ? 2.160   0.537   -5.028  1   27.61 ? 146 PHE   A C   1 
ATOM   714  O  O   . PHE   A 1 96  ? 1.866   0.557   -6.222  1   27.76 ? 146 PHE   A O   1 
ATOM   715  C  CB  . PHE   A 1 96  ? 4.518   0.115   -4.188  1   27.58 ? 146 PHE   A CB  1 
ATOM   716  C  CG  . PHE   A 1 96  ? 4.790   -0.899  -5.273  1   28.85 ? 146 PHE   A CG  1 
ATOM   717  C  CD1 . PHE   A 1 96  ? 5.171   -0.494  -6.542  1   29.65 ? 146 PHE   A CD1 1 
ATOM   718  C  CD2 . PHE   A 1 96  ? 4.681   -2.254  -5.022  1   29.84 ? 146 PHE   A CD2 1 
ATOM   719  C  CE1 . PHE   A 1 96  ? 5.405   -1.426  -7.544  1   30.63 ? 146 PHE   A CE1 1 
ATOM   720  C  CE2 . PHE   A 1 96  ? 4.936   -3.184  -6.021  1   30.79 ? 146 PHE   A CE2 1 
ATOM   721  C  CZ  . PHE   A 1 96  ? 5.308   -2.766  -7.271  1   30.66 ? 146 PHE   A CZ  1 
ATOM   722  N  N   . GLY   A 1 97  ? 1.369   0.016   -4.097  1   27.27 ? 147 GLY   A N   1 
ATOM   723  C  CA  . GLY   A 1 97  ? 0.097   -0.606  -4.434  1   27.6  ? 147 GLY   A CA  1 
ATOM   724  C  C   . GLY   A 1 97  ? -0.886  0.380   -5.030  1   27.7  ? 147 GLY   A C   1 
ATOM   725  O  O   . GLY   A 1 97  ? -1.609  0.047   -5.975  1   27.79 ? 147 GLY   A O   1 
ATOM   726  N  N   . GLY   A 1 98  ? -0.864  1.611   -4.524  1   27.5  ? 148 GLY   A N   1 
ATOM   727  C  CA  . GLY   A 1 98  ? -1.698  2.688   -5.039  1   28    ? 148 GLY   A CA  1 
ATOM   728  C  C   . GLY   A 1 98  ? -1.357  3.007   -6.478  1   28.38 ? 148 GLY   A C   1 
ATOM   729  O  O   . GLY   A 1 98  ? -2.244  3.092   -7.328  1   29.01 ? 148 GLY   A O   1 
ATOM   730  N  N   . ALA   A 1 99  ? -0.065  3.111   -6.778  1   27.93 ? 149 ALA   A N   1 
ATOM   731  C  CA  . ALA   A 1 99  ? 0.409   3.369   -8.133  1   28.31 ? 149 ALA   A CA  1 
ATOM   732  C  C   . ALA   A 1 99  ? 0.060   2.201   -9.086  1   28.87 ? 149 ALA   A C   1 
ATOM   733  O  O   . ALA   A 1 99  ? -0.219  2.442   -10.258 1   29.46 ? 149 ALA   A O   1 
ATOM   734  C  CB  . ALA   A 1 99  ? 1.911   3.621   -8.123  1   28.28 ? 149 ALA   A CB  1 
ATOM   735  N  N   . LEU   A 1 100 ? 0.061   0.948   -8.588  1   28.68 ? 150 LEU   A N   1 
ATOM   736  C  CA  . LEU   A 1 100 ? -0.318  -0.211  -9.401  1   29.1  ? 150 LEU   A CA  1 
ATOM   737  C  C   . LEU   A 1 100 ? -1.805  -0.147  -9.759  1   29.92 ? 150 LEU   A C   1 
ATOM   738  O  O   . LEU   A 1 100 ? -2.185  -0.520  -10.868 1   30.2  ? 150 LEU   A O   1 
ATOM   739  C  CB  . LEU   A 1 100 ? -0.027  -1.523  -8.659  1   29.12 ? 150 LEU   A CB  1 
ATOM   740  C  CG  . LEU   A 1 100 ? 1.439   -1.883  -8.484  1   30.89 ? 150 LEU   A CG  1 
ATOM   741  C  CD1 . LEU   A 1 100 ? 1.605   -3.046  -7.505  1   31.5  ? 150 LEU   A CD1 1 
ATOM   742  C  CD2 . LEU   A 1 100 ? 2.094   -2.204  -9.832  1   31.7  ? 150 LEU   A CD2 1 
ATOM   743  N  N   . CYS   A 1 101 ? -2.645  0.307   -8.815  1   30.23 ? 151 CYS   A N   1 
ATOM   744  C  CA  . CYS   A 1 101 ? -4.083  0.451   -9.028  1   31.01 ? 151 CYS   A CA  1 
ATOM   745  C  C   . CYS   A 1 101 ? -4.338  1.567   -10.025 1   31.65 ? 151 CYS   A C   1 
ATOM   746  O  O   . CYS   A 1 101 ? -5.136  1.387   -10.932 1   31.65 ? 151 CYS   A O   1 
ATOM   747  C  CB  . CYS   A 1 101 ? -4.810  0.703   -7.709  1   31.94 ? 151 CYS   A CB  1 
ATOM   748  S  SG  . CYS   A 1 101 ? -4.912  -0.750  -6.633  1   36.16 ? 151 CYS   A SG  1 
ATOM   749  N  N   . VAL   A 1 102 ? -3.630  2.700   -9.893  1   32.07 ? 152 VAL   A N   1 
ATOM   750  C  CA  . VAL   A 1 102 ? -3.767  3.825   -10.817 1   33.26 ? 152 VAL   A CA  1 
ATOM   751  C  C   . VAL   A 1 102 ? -3.397  3.397   -12.237 1   34.41 ? 152 VAL   A C   1 
ATOM   752  O  O   . VAL   A 1 102 ? -4.173  3.647   -13.156 1   34.43 ? 152 VAL   A O   1 
ATOM   753  C  CB  . VAL   A 1 102 ? -3.001  5.081   -10.326 1   33.94 ? 152 VAL   A CB  1 
ATOM   754  C  CG1 . VAL   A 1 102 ? -2.818  6.109   -11.436 1   34.56 ? 152 VAL   A CG1 1 
ATOM   755  C  CG2 . VAL   A 1 102 ? -3.710  5.705   -9.131  1   34.48 ? 152 VAL   A CG2 1 
ATOM   756  N  N   . GLU   A 1 103 ? -2.273  2.676   -12.404 1   35.24 ? 153 GLU   A N   1 
ATOM   757  C  CA  . GLU   A 1 103 ? -1.863  2.168   -13.715 1   36.8  ? 153 GLU   A CA  1 
ATOM   758  C  C   . GLU   A 1 103 ? -2.884  1.183   -14.294 1   37.32 ? 153 GLU   A C   1 
ATOM   759  O  O   . GLU   A 1 103 ? -3.140  1.218   -15.491 1   37.53 ? 153 GLU   A O   1 
ATOM   760  C  CB  . GLU   A 1 103 ? -0.477  1.508   -13.653 1   40.27 ? 153 GLU   A CB  1 
ATOM   761  C  CG  . GLU   A 1 103 ? 0.656   2.480   -13.907 1   48.02 ? 153 GLU   A CG  1 
ATOM   762  C  CD  . GLU   A 1 103 ? 2.038   1.856   -13.905 1   57.01 ? 153 GLU   A CD  1 
ATOM   763  O  OE1 . GLU   A 1 103 ? 3.018   2.582   -13.620 1   58.67 ? 153 GLU   A OE1 1 
ATOM   764  O  OE2 . GLU   A 1 103 ? 2.139   0.639   -14.186 1   59.8  ? 153 GLU   A OE2 1 
ATOM   765  N  N   . SER   A 1 104 ? -3.488  0.335   -13.457 1   37.56 ? 154 SER   A N   1 
ATOM   766  C  CA  . SER   A 1 104 ? -4.499  -0.613  -13.922 1   38.55 ? 154 SER   A CA  1 
ATOM   767  C  C   . SER   A 1 104 ? -5.701  0.113   -14.512 1   39.11 ? 154 SER   A C   1 
ATOM   768  O  O   . SER   A 1 104 ? -6.154  -0.258  -15.589 1   39.22 ? 154 SER   A O   1 
ATOM   769  C  CB  . SER   A 1 104 ? -4.938  -1.541  -12.795 1   40.14 ? 154 SER   A CB  1 
ATOM   770  O  OG  . SER   A 1 104 ? -3.867  -2.396  -12.441 1   43    ? 154 SER   A OG  1 
ATOM   771  N  N   . VAL   A 1 105 ? -6.169  1.182   -13.852 1   39.12 ? 155 VAL   A N   1 
ATOM   772  C  CA  . VAL   A 1 105 ? -7.296  1.965   -14.353 1   40.01 ? 155 VAL   A CA  1 
ATOM   773  C  C   . VAL   A 1 105 ? -6.912  2.715   -15.631 1   41.03 ? 155 VAL   A C   1 
ATOM   774  O  O   . VAL   A 1 105 ? -7.702  2.759   -16.577 1   41.42 ? 155 VAL   A O   1 
ATOM   775  C  CB  . VAL   A 1 105 ? -7.856  2.917   -13.268 1   40.55 ? 155 VAL   A CB  1 
ATOM   776  C  CG1 . VAL   A 1 105 ? -9.061  3.692   -13.792 1   41.09 ? 155 VAL   A CG1 1 
ATOM   777  C  CG2 . VAL   A 1 105 ? -8.232  2.140   -12.014 1   40.94 ? 155 VAL   A CG2 1 
ATOM   778  N  N   . ASP   A 1 106 ? -5.677  3.247   -15.682 1   41.23 ? 156 ASP   A N   1 
ATOM   779  C  CA  . ASP   A 1 106 ? -5.154  3.959   -16.849 1   42.23 ? 156 ASP   A CA  1 
ATOM   780  C  C   . ASP   A 1 106 ? -5.148  3.064   -18.091 1   42.62 ? 156 ASP   A C   1 
ATOM   781  O  O   . ASP   A 1 106 ? -5.443  3.532   -19.189 1   43.01 ? 156 ASP   A O   1 
ATOM   782  C  CB  . ASP   A 1 106 ? -3.710  4.437   -16.592 1   44.59 ? 156 ASP   A CB  1 
ATOM   783  C  CG  . ASP   A 1 106 ? -3.585  5.698   -15.765 1   50.31 ? 156 ASP   A CG  1 
ATOM   784  O  OD1 . ASP   A 1 106 ? -4.578  6.444   -15.673 1   51.49 ? 156 ASP   A OD1 1 
ATOM   785  O  OD2 . ASP   A 1 106 ? -2.489  5.940   -15.215 1   52.73 ? 156 ASP   A OD2 1 
ATOM   786  N  N   . LYS   A 1 107 ? -4.786  1.786   -17.918 1   42.32 ? 157 LYS   A N   1 
ATOM   787  C  CA  . LYS   A 1 107 ? -4.684  0.832   -19.017 1   42.51 ? 157 LYS   A CA  1 
ATOM   788  C  C   . LYS   A 1 107 ? -5.964  0.037   -19.284 1   41.96 ? 157 LYS   A C   1 
ATOM   789  O  O   . LYS   A 1 107 ? -5.898  -1.004  -19.931 1   41.79 ? 157 LYS   A O   1 
ATOM   790  C  CB  . LYS   A 1 107 ? -3.494  -0.115  -18.789 1   44.79 ? 157 LYS   A CB  1 
ATOM   791  C  CG  . LYS   A 1 107 ? -2.168  0.608   -18.534 1   49.51 ? 157 LYS   A CG  1 
ATOM   792  C  CD  . LYS   A 1 107 ? -1.744  1.521   -19.687 1   54.95 ? 157 LYS   A CD  1 
ATOM   793  C  CE  . LYS   A 1 107 ? -0.415  2.185   -19.425 1   59.7  ? 157 LYS   A CE  1 
ATOM   794  N  NZ  . LYS   A 1 107 ? 0.005   3.052   -20.564 1   62.74 ? 157 LYS   A NZ  1 
ATOM   795  N  N   . LYS   A 1 108 ? -7.118  0.542   -18.824 1   41.52 ? 158 LYS   A N   1 
ATOM   796  C  CA  . LYS   A 1 108 ? -8.432  -0.077  -19.014 1   41.8  ? 158 LYS   A CA  1 
ATOM   797  C  C   . LYS   A 1 108 ? -8.525  -1.485  -18.432 1   41.74 ? 158 LYS   A C   1 
ATOM   798  O  O   . LYS   A 1 108 ? -9.115  -2.378  -19.043 1   41.93 ? 158 LYS   A O   1 
ATOM   799  C  CB  . LYS   A 1 108 ? -8.870  -0.047  -20.488 1   43.95 ? 158 LYS   A CB  1 
ATOM   800  C  CG  . LYS   A 1 108 ? -8.921  1.351   -21.085 1   48.48 ? 158 LYS   A CG  1 
ATOM   801  C  CD  . LYS   A 1 108 ? -9.733  1.363   -22.379 1   53.64 ? 158 LYS   A CD  1 
ATOM   802  C  CE  . LYS   A 1 108 ? -9.827  2.731   -23.011 1   57.64 ? 158 LYS   A CE  1 
ATOM   803  N  NZ  . LYS   A 1 108 ? -10.694 2.721   -24.223 1   59.8  ? 158 LYS   A NZ  1 
ATOM   804  N  N   . MET   A 1 109 ? -7.953  -1.674  -17.240 1   41.2  ? 159 MET   A N   1 
ATOM   805  C  CA  . MET   A 1 109 ? -7.975  -2.939  -16.519 1   41.29 ? 159 MET   A CA  1 
ATOM   806  C  C   . MET   A 1 109 ? -8.425  -2.702  -15.070 1   41.07 ? 159 MET   A C   1 
ATOM   807  O  O   . MET   A 1 109 ? -7.796  -3.190  -14.131 1   41.09 ? 159 MET   A O   1 
ATOM   808  C  CB  . MET   A 1 109 ? -6.603  -3.630  -16.568 1   42.38 ? 159 MET   A CB  1 
ATOM   809  C  CG  . MET   A 1 109 ? -6.288  -4.247  -17.921 1   45.17 ? 159 MET   A CG  1 
ATOM   810  S  SD  . MET   A 1 109 ? -4.708  -5.137  -17.983 1   50.92 ? 159 MET   A SD  1 
ATOM   811  C  CE  . MET   A 1 109 ? -3.580  -3.829  -17.563 1   48.06 ? 159 MET   A CE  1 
ATOM   812  N  N   . GLN   A 1 110 ? -9.513  -1.935  -14.897 1   40.69 ? 160 GLN   A N   1 
ATOM   813  C  CA  . GLN   A 1 110 ? -10.100 -1.634  -13.584 1   40.92 ? 160 GLN   A CA  1 
ATOM   814  C  C   . GLN   A 1 110 ? -10.450 -2.914  -12.802 1   40.38 ? 160 GLN   A C   1 
ATOM   815  O  O   . GLN   A 1 110 ? -10.423 -2.912  -11.570 1   40.7  ? 160 GLN   A O   1 
ATOM   816  C  CB  . GLN   A 1 110 ? -11.330 -0.717  -13.748 1   42.94 ? 160 GLN   A CB  1 
ATOM   817  C  CG  . GLN   A 1 110 ? -11.936 -0.203  -12.441 1   47.02 ? 160 GLN   A CG  1 
ATOM   818  C  CD  . GLN   A 1 110 ? -13.128 -1.015  -11.992 1   52.34 ? 160 GLN   A CD  1 
ATOM   819  O  OE1 . GLN   A 1 110 ? -13.769 -1.726  -12.778 1   54.57 ? 160 GLN   A OE1 1 
ATOM   820  N  NE2 . GLN   A 1 110 ? -13.449 -0.935  -10.709 1   53.07 ? 160 GLN   A NE2 1 
ATOM   821  N  N   . VAL   A 1 111 ? -10.717 -4.019  -13.509 1   39.52 ? 161 VAL   A N   1 
ATOM   822  C  CA  . VAL   A 1 111 ? -11.027 -5.305  -12.892 1   39.37 ? 161 VAL   A CA  1 
ATOM   823  C  C   . VAL   A 1 111 ? -9.879  -5.809  -11.981 1   38.73 ? 161 VAL   A C   1 
ATOM   824  O  O   . VAL   A 1 111 ? -10.133 -6.542  -11.029 1   38.95 ? 161 VAL   A O   1 
ATOM   825  C  CB  . VAL   A 1 111 ? -11.438 -6.344  -13.971 1   40.19 ? 161 VAL   A CB  1 
ATOM   826  C  CG1 . VAL   A 1 111 ? -10.226 -6.845  -14.752 1   40.61 ? 161 VAL   A CG1 1 
ATOM   827  C  CG2 . VAL   A 1 111 ? -12.212 -7.506  -13.360 1   40.71 ? 161 VAL   A CG2 1 
ATOM   828  N  N   . LEU   A 1 112 ? -8.636  -5.368  -12.233 1   37.7  ? 162 LEU   A N   1 
ATOM   829  C  CA  . LEU   A 1 112 ? -7.493  -5.779  -11.429 1   37.26 ? 162 LEU   A CA  1 
ATOM   830  C  C   . LEU   A 1 112 ? -7.392  -5.029  -10.099 1   36.35 ? 162 LEU   A C   1 
ATOM   831  O  O   . LEU   A 1 112 ? -6.634  -5.474  -9.246  1   36.24 ? 162 LEU   A O   1 
ATOM   832  C  CB  . LEU   A 1 112 ? -6.178  -5.603  -12.200 1   37.69 ? 162 LEU   A CB  1 
ATOM   833  C  CG  . LEU   A 1 112 ? -6.045  -6.329  -13.537 1   39.72 ? 162 LEU   A CG  1 
ATOM   834  C  CD1 . LEU   A 1 112 ? -4.758  -5.928  -14.240 1   40.37 ? 162 LEU   A CD1 1 
ATOM   835  C  CD2 . LEU   A 1 112 ? -6.078  -7.817  -13.351 1   40.37 ? 162 LEU   A CD2 1 
ATOM   836  N  N   . VAL   A 1 113 ? -8.106  -3.892  -9.921  1   35.46 ? 163 VAL   A N   1 
ATOM   837  C  CA  . VAL   A 1 113 ? -8.026  -3.105  -8.678  1   35.12 ? 163 VAL   A CA  1 
ATOM   838  C  C   . VAL   A 1 113 ? -8.369  -3.954  -7.437  1   34.89 ? 163 VAL   A C   1 
ATOM   839  O  O   . VAL   A 1 113 ? -7.622  -3.930  -6.458  1   35.09 ? 163 VAL   A O   1 
ATOM   840  C  CB  . VAL   A 1 113 ? -8.850  -1.788  -8.749  1   35.64 ? 163 VAL   A CB  1 
ATOM   841  C  CG1 . VAL   A 1 113 ? -8.924  -1.096  -7.388  1   36.22 ? 163 VAL   A CG1 1 
ATOM   842  C  CG2 . VAL   A 1 113 ? -8.282  -0.841  -9.800  1   35.88 ? 163 VAL   A CG2 1 
ATOM   843  N  N   . SER   A 1 114 ? -9.443  -4.755  -7.497  1   34.61 ? 164 SER   A N   1 
ATOM   844  C  CA  . SER   A 1 114 ? -9.826  -5.615  -6.368  1   34.53 ? 164 SER   A CA  1 
ATOM   845  C  C   . SER   A 1 114 ? -8.836  -6.758  -6.133  1   34.23 ? 164 SER   A C   1 
ATOM   846  O  O   . SER   A 1 114 ? -8.701  -7.225  -5.001  1   34.32 ? 164 SER   A O   1 
ATOM   847  C  CB  . SER   A 1 114 ? -11.237 -6.166  -6.551  1   36.05 ? 164 SER   A CB  1 
ATOM   848  O  OG  . SER   A 1 114 ? -11.283 -7.143  -7.579  1   37.93 ? 164 SER   A OG  1 
ATOM   849  N  N   . ARG   A 1 115 ? -8.138  -7.209  -7.189  1   33.38 ? 165 ARG   A N   1 
ATOM   850  C  CA  . ARG   A 1 115 ? -7.139  -8.261  -7.037  1   33.34 ? 165 ARG   A CA  1 
ATOM   851  C  C   . ARG   A 1 115 ? -5.866  -7.688  -6.408  1   32.3  ? 165 ARG   A C   1 
ATOM   852  O  O   . ARG   A 1 115 ? -5.257  -8.339  -5.559  1   31.92 ? 165 ARG   A O   1 
ATOM   853  C  CB  . ARG   A 1 115 ? -6.821  -8.925  -8.381  1   35.38 ? 165 ARG   A CB  1 
ATOM   854  C  CG  . ARG   A 1 115 ? -5.898  -10.120 -8.218  1   39.74 ? 165 ARG   A CG  1 
ATOM   855  C  CD  . ARG   A 1 115 ? -6.401  -11.306 -9.008  1   44.05 ? 165 ARG   A CD  1 
ATOM   856  N  NE  . ARG   A 1 115 ? -6.148  -11.126 -10.431 1   47.16 ? 165 ARG   A NE  1 
ATOM   857  C  CZ  . ARG   A 1 115 ? -6.651  -11.899 -11.390 1   49.38 ? 165 ARG   A CZ  1 
ATOM   858  N  NH1 . ARG   A 1 115 ? -7.461  -12.905 -11.085 1   49.18 ? 165 ARG   A NH1 1 
ATOM   859  N  NH2 . ARG   A 1 115 ? -6.349  -11.668 -12.658 1   49.09 ? 165 ARG   A NH2 1 
ATOM   860  N  N   . ILE   A 1 116 ? -5.473  -6.460  -6.807  1   31.51 ? 166 ILE   A N   1 
ATOM   861  C  CA  . ILE   A 1 116 ? -4.297  -5.801  -6.230  1   31.56 ? 166 ILE   A CA  1 
ATOM   862  C  C   . ILE   A 1 116 ? -4.525  -5.508  -4.736  1   30.92 ? 166 ILE   A C   1 
ATOM   863  O  O   . ILE   A 1 116 ? -3.609  -5.673  -3.932  1   31.03 ? 166 ILE   A O   1 
ATOM   864  C  CB  . ILE   A 1 116 ? -3.907  -4.531  -7.027  1   32.57 ? 166 ILE   A CB  1 
ATOM   865  C  CG1 . ILE   A 1 116 ? -3.439  -4.909  -8.445  1   33.68 ? 166 ILE   A CG1 1 
ATOM   866  C  CG2 . ILE   A 1 116 ? -2.815  -3.735  -6.302  1   33.21 ? 166 ILE   A CG2 1 
ATOM   867  C  CD1 . ILE   A 1 116 ? -3.367  -3.765  -9.361  1   35.12 ? 166 ILE   A CD1 1 
ATOM   868  N  N   . ALA   A 1 117 ? -5.757  -5.145  -4.359  1   30.36 ? 167 ALA   A N   1 
ATOM   869  C  CA  . ALA   A 1 117 ? -6.107  -4.905  -2.955  1   30.63 ? 167 ALA   A CA  1 
ATOM   870  C  C   . ALA   A 1 117 ? -5.990  -6.192  -2.141  1   30.58 ? 167 ALA   A C   1 
ATOM   871  O  O   . ALA   A 1 117 ? -5.481  -6.166  -1.026  1   30.32 ? 167 ALA   A O   1 
ATOM   872  C  CB  . ALA   A 1 117 ? -7.520  -4.353  -2.852  1   30.78 ? 167 ALA   A CB  1 
ATOM   873  N  N   . ALA   A 1 118 ? -6.412  -7.323  -2.720  1   30.55 ? 168 ALA   A N   1 
ATOM   874  C  CA  . ALA   A 1 118 ? -6.331  -8.627  -2.062  1   30.87 ? 168 ALA   A CA  1 
ATOM   875  C  C   . ALA   A 1 118 ? -4.873  -9.059  -1.895  1   30.88 ? 168 ALA   A C   1 
ATOM   876  O  O   . ALA   A 1 118 ? -4.495  -9.576  -0.843  1   30.93 ? 168 ALA   A O   1 
ATOM   877  C  CB  . ALA   A 1 118 ? -7.106  -9.666  -2.869  1   31.21 ? 168 ALA   A CB  1 
ATOM   878  N  N   . TRP   A 1 119 ? -4.048  -8.809  -2.916  1   30.97 ? 169 TRP   A N   1 
ATOM   879  C  CA  . TRP   A 1 119 ? -2.626  -9.140  -2.887  1   31.39 ? 169 TRP   A CA  1 
ATOM   880  C  C   . TRP   A 1 119 ? -1.915  -8.329  -1.815  1   30.01 ? 169 TRP   A C   1 
ATOM   881  O  O   . TRP   A 1 119 ? -1.079  -8.871  -1.089  1   29.78 ? 169 TRP   A O   1 
ATOM   882  C  CB  . TRP   A 1 119 ? -1.982  -8.842  -4.254  1   32.45 ? 169 TRP   A CB  1 
ATOM   883  C  CG  . TRP   A 1 119 ? -2.348  -9.768  -5.379  1   34.58 ? 169 TRP   A CG  1 
ATOM   884  C  CD1 . TRP   A 1 119 ? -3.144  -10.876 -5.325  1   35.97 ? 169 TRP   A CD1 1 
ATOM   885  C  CD2 . TRP   A 1 119 ? -1.873  -9.683  -6.726  1   35.25 ? 169 TRP   A CD2 1 
ATOM   886  N  NE1 . TRP   A 1 119 ? -3.206  -11.474 -6.558  1   36.51 ? 169 TRP   A NE1 1 
ATOM   887  C  CE2 . TRP   A 1 119 ? -2.438  -10.759 -7.439  1   36.26 ? 169 TRP   A CE2 1 
ATOM   888  C  CE3 . TRP   A 1 119 ? -1.061  -8.774  -7.411  1   36.15 ? 169 TRP   A CE3 1 
ATOM   889  C  CZ2 . TRP   A 1 119 ? -2.192  -10.965 -8.796  1   37.04 ? 169 TRP   A CZ2 1 
ATOM   890  C  CZ3 . TRP   A 1 119 ? -0.804  -8.991  -8.751  1   37.29 ? 169 TRP   A CZ3 1 
ATOM   891  C  CH2 . TRP   A 1 119 ? -1.377  -10.067 -9.432  1   37.32 ? 169 TRP   A CH2 1 
ATOM   892  N  N   . MET   A 1 120 ? -2.240  -7.032  -1.711  1   29.18 ? 170 MET   A N   1 
ATOM   893  C  CA  . MET   A 1 120 ? -1.644  -6.156  -0.701  1   28.81 ? 170 MET   A CA  1 
ATOM   894  C  C   . MET   A 1 120 ? -2.000  -6.657  0.697   1   29    ? 170 MET   A C   1 
ATOM   895  O  O   . MET   A 1 120 ? -1.132  -6.707  1.560   1   29.45 ? 170 MET   A O   1 
ATOM   896  C  CB  . MET   A 1 120 ? -2.123  -4.706  -0.883  1   28.79 ? 170 MET   A CB  1 
ATOM   897  C  CG  . MET   A 1 120 ? -1.450  -3.983  -2.029  1   30.72 ? 170 MET   A CG  1 
ATOM   898  S  SD  . MET   A 1 120 ? -2.105  -2.311  -2.233  1   36.16 ? 170 MET   A SD  1 
ATOM   899  C  CE  . MET   A 1 120 ? -1.421  -1.521  -0.758  1   32.17 ? 170 MET   A CE  1 
ATOM   900  N  N   . ALA   A 1 121 ? -3.259  -7.068  0.904   1   28.73 ? 171 ALA   A N   1 
ATOM   901  C  CA  . ALA   A 1 121 ? -3.722  -7.579  2.195   1   29.3  ? 171 ALA   A CA  1 
ATOM   902  C  C   . ALA   A 1 121 ? -3.068  -8.919  2.534   1   29.66 ? 171 ALA   A C   1 
ATOM   903  O  O   . ALA   A 1 121 ? -2.783  -9.177  3.700   1   29.73 ? 171 ALA   A O   1 
ATOM   904  C  CB  . ALA   A 1 121 ? -5.241  -7.710  2.194   1   29.5  ? 171 ALA   A CB  1 
ATOM   905  N  N   . THR   A 1 122 ? -2.814  -9.768  1.523   1   29.61 ? 172 THR   A N   1 
ATOM   906  C  CA  . THR   A 1 122 ? -2.137  -11.045 1.750   1   29.67 ? 172 THR   A CA  1 
ATOM   907  C  C   . THR   A 1 122 ? -0.704  -10.777 2.175   1   29.6  ? 172 THR   A C   1 
ATOM   908  O  O   . THR   A 1 122 ? -0.273  -11.307 3.197   1   30.34 ? 172 THR   A O   1 
ATOM   909  C  CB  . THR   A 1 122 ? -2.197  -11.938 0.501   1   31.28 ? 172 THR   A CB  1 
ATOM   910  O  OG1 . THR   A 1 122 ? -3.557  -12.240 0.203   1   32.62 ? 172 THR   A OG1 1 
ATOM   911  C  CG2 . THR   A 1 122 ? -1.427  -13.237 0.673   1   32.02 ? 172 THR   A CG2 1 
ATOM   912  N  N   . TYR   A 1 123 ? 0.031   -9.908  1.443   1   28.68 ? 173 TYR   A N   1 
ATOM   913  C  CA  . TYR   A 1 123 ? 1.413   -9.598  1.813   1   28.78 ? 173 TYR   A CA  1 
ATOM   914  C  C   . TYR   A 1 123 ? 1.472   -8.967  3.205   1   29.58 ? 173 TYR   A C   1 
ATOM   915  O  O   . TYR   A 1 123 ? 2.268   -9.387  4.037   1   29.88 ? 173 TYR   A O   1 
ATOM   916  C  CB  . TYR   A 1 123 ? 2.108   -8.693  0.775   1   28.47 ? 173 TYR   A CB  1 
ATOM   917  C  CG  . TYR   A 1 123 ? 3.605   -8.619  0.991   1   28.92 ? 173 TYR   A CG  1 
ATOM   918  C  CD1 . TYR   A 1 123 ? 4.155   -7.717  1.890   1   29.38 ? 173 TYR   A CD1 1 
ATOM   919  C  CD2 . TYR   A 1 123 ? 4.466   -9.484  0.328   1   29.97 ? 173 TYR   A CD2 1 
ATOM   920  C  CE1 . TYR   A 1 123 ? 5.521   -7.687  2.138   1   30.44 ? 173 TYR   A CE1 1 
ATOM   921  C  CE2 . TYR   A 1 123 ? 5.839   -9.437  0.541   1   30.7  ? 173 TYR   A CE2 1 
ATOM   922  C  CZ  . TYR   A 1 123 ? 6.363   -8.553  1.463   1   31.52 ? 173 TYR   A CZ  1 
ATOM   923  O  OH  . TYR   A 1 123 ? 7.718   -8.500  1.678   1   32.8  ? 173 TYR   A OH  1 
ATOM   924  N  N   . LEU   A 1 124 ? 0.597   -8.000  3.463   1   29.72 ? 174 LEU   A N   1 
ATOM   925  C  CA  . LEU   A 1 124 ? 0.510   -7.313  4.744   1   31.18 ? 174 LEU   A CA  1 
ATOM   926  C  C   . LEU   A 1 124 ? 0.259   -8.299  5.887   1   32.44 ? 174 LEU   A C   1 
ATOM   927  O  O   . LEU   A 1 124 ? 1.028   -8.301  6.828   1   32.52 ? 174 LEU   A O   1 
ATOM   928  C  CB  . LEU   A 1 124 ? -0.590  -6.238  4.685   1   31.6  ? 174 LEU   A CB  1 
ATOM   929  C  CG  . LEU   A 1 124 ? -0.778  -5.321  5.892   1   33.78 ? 174 LEU   A CG  1 
ATOM   930  C  CD1 . LEU   A 1 124 ? 0.511   -4.612  6.261   1   33.82 ? 174 LEU   A CD1 1 
ATOM   931  C  CD2 . LEU   A 1 124 ? -1.858  -4.289  5.605   1   34.89 ? 174 LEU   A CD2 1 
ATOM   932  N  N   . ASN   A 1 125 ? -0.720  -9.198  5.769   1   33.11 ? 175 ASN   A N   1 
ATOM   933  C  CA  . ASN   A 1 125 ? -1.019  -10.136 6.854   1   34.31 ? 175 ASN   A CA  1 
ATOM   934  C  C   . ASN   A 1 125 ? 0.008   -11.271 7.013   1   34.85 ? 175 ASN   A C   1 
ATOM   935  O  O   . ASN   A 1 125 ? 0.276   -11.669 8.146   1   35.43 ? 175 ASN   A O   1 
ATOM   936  C  CB  . ASN   A 1 125 ? -2.439  -10.667 6.732   1   36.51 ? 175 ASN   A CB  1 
ATOM   937  C  CG  . ASN   A 1 125 ? -3.440  -9.568  7.005   1   40.75 ? 175 ASN   A CG  1 
ATOM   938  O  OD1 . ASN   A 1 125 ? -3.223  -8.691  7.860   1   41.99 ? 175 ASN   A OD1 1 
ATOM   939  N  ND2 . ASN   A 1 125 ? -4.555  -9.573  6.293   1   41.85 ? 175 ASN   A ND2 1 
ATOM   940  N  N   . ASP   A 1 126 ? 0.614   -11.759 5.922   1   34.55 ? 176 ASP   A N   1 
ATOM   941  C  CA  . ASP   A 1 126 ? 1.601   -12.839 6.034   1   34.74 ? 176 ASP   A CA  1 
ATOM   942  C  C   . ASP   A 1 126 ? 2.998   -12.367 6.387   1   34.64 ? 176 ASP   A C   1 
ATOM   943  O  O   . ASP   A 1 126 ? 3.696   -13.042 7.149   1   34.97 ? 176 ASP   A O   1 
ATOM   944  C  CB  . ASP   A 1 126 ? 1.686   -13.653 4.730   1   36.52 ? 176 ASP   A CB  1 
ATOM   945  C  CG  . ASP   A 1 126 ? 0.414   -14.361 4.326   1   41.35 ? 176 ASP   A CG  1 
ATOM   946  O  OD1 . ASP   A 1 126 ? -0.581  -14.286 5.089   1   42.47 ? 176 ASP   A OD1 1 
ATOM   947  O  OD2 . ASP   A 1 126 ? 0.403   -14.980 3.241   1   42.95 ? 176 ASP   A OD2 1 
ATOM   948  N  N   . HIS   A 1 127 ? 3.443   -11.248 5.796   1   33.58 ? 177 HIS   A N   1 
ATOM   949  C  CA  . HIS   A 1 127 ? 4.817   -10.802 5.972   1   33.44 ? 177 HIS   A CA  1 
ATOM   950  C  C   . HIS   A 1 127 ? 4.978   -9.476  6.711   1   33.25 ? 177 HIS   A C   1 
ATOM   951  O  O   . HIS   A 1 127 ? 6.111   -9.144  7.073   1   34.07 ? 177 HIS   A O   1 
ATOM   952  C  CB  . HIS   A 1 127 ? 5.534   -10.764 4.612   1   34.36 ? 177 HIS   A CB  1 
ATOM   953  C  CG  . HIS   A 1 127 ? 5.478   -12.076 3.881   1   36.25 ? 177 HIS   A CG  1 
ATOM   954  N  ND1 . HIS   A 1 127 ? 6.270   -13.144 4.258   1   38.06 ? 177 HIS   A ND1 1 
ATOM   955  C  CD2 . HIS   A 1 127 ? 4.706   -12.454 2.835   1   37.31 ? 177 HIS   A CD2 1 
ATOM   956  C  CE1 . HIS   A 1 127 ? 5.959   -14.133 3.439   1   38.53 ? 177 HIS   A CE1 1 
ATOM   957  N  NE2 . HIS   A 1 127 ? 5.028   -13.765 2.558   1   38.39 ? 177 HIS   A NE2 1 
ATOM   958  N  N   . LEU   A 1 128 ? 3.883   -8.736  6.977   1   31.87 ? 178 LEU   A N   1 
ATOM   959  C  CA  . LEU   A 1 128 ? 4.004   -7.490  7.730   1   31.71 ? 178 LEU   A CA  1 
ATOM   960  C  C   . LEU   A 1 128 ? 3.223   -7.502  9.106   1   32.47 ? 178 LEU   A C   1 
ATOM   961  O  O   . LEU   A 1 128 ? 3.775   -6.880  10.006  1   32.72 ? 178 LEU   A O   1 
ATOM   962  C  CB  . LEU   A 1 128 ? 3.672   -6.243  6.875   1   30.94 ? 178 LEU   A CB  1 
ATOM   963  C  CG  . LEU   A 1 128 ? 4.501   -6.064  5.577   1   31.62 ? 178 LEU   A CG  1 
ATOM   964  C  CD1 . LEU   A 1 128 ? 3.952   -4.932  4.711   1   31.82 ? 178 LEU   A CD1 1 
ATOM   965  C  CD2 . LEU   A 1 128 ? 5.973   -5.812  5.877   1   32.27 ? 178 LEU   A CD2 1 
ATOM   966  N  N   . GLU   A 1 129 ? 2.015   -8.233  9.295   1   33.27 ? 179 GLU   A N   1 
ATOM   967  C  CA  . GLU   A 1 129 ? 1.187   -8.427  10.560  1   33.81 ? 179 GLU   A CA  1 
ATOM   968  C  C   . GLU   A 1 129 ? 2.273   -8.729  11.693  1   34.78 ? 179 GLU   A C   1 
ATOM   969  O  O   . GLU   A 1 129 ? 2.359   -7.954  12.641  1   35.09 ? 179 GLU   A O   1 
ATOM   970  C  CB  . GLU   A 1 129 ? -0.011  -9.578  10.444  1   35.08 ? 179 GLU   A CB  1 
ATOM   971  C  CG  . GLU   A 1 129 ? -1.539  -9.481  10.951  1   33.72 ? 179 GLU   A CG  1 
ATOM   972  C  CD  . GLU   A 1 129 ? -2.447  -10.757 11.094  1   29.38 ? 179 GLU   A CD  1 
ATOM   973  O  OE1 . GLU   A 1 129 ? -1.782  -11.819 11.152  1   39.74 ? 179 GLU   A OE1 1 
ATOM   974  O  OE2 . GLU   A 1 129 ? -3.734  -10.763 11.140  1   6.87  ? 179 GLU   A OE2 1 
ATOM   975  N  N   . PRO   A 1 130 ? 3.236   -9.690  11.524  1   34.63 ? 180 PRO   A N   1 
ATOM   976  C  CA  . PRO   A 1 130 ? 4.223   -9.956  12.597  1   34.09 ? 180 PRO   A CA  1 
ATOM   977  C  C   . PRO   A 1 130 ? 5.219   -8.845  12.978  1   33    ? 180 PRO   A C   1 
ATOM   978  O  O   . PRO   A 1 130 ? 5.391   -8.617  14.175  1   32.91 ? 180 PRO   A O   1 
ATOM   979  C  CB  . PRO   A 1 130 ? 4.975   -11.188 12.086  1   35.17 ? 180 PRO   A CB  1 
ATOM   980  C  CG  . PRO   A 1 130 ? 4.035   -11.844 11.144  1   35.91 ? 180 PRO   A CG  1 
ATOM   981  C  CD  . PRO   A 1 130 ? 3.344   -10.709 10.459  1   34.33 ? 180 PRO   A CD  1 
ATOM   982  N  N   . TRP   A 1 131 ? 5.892   -8.174  12.010  1   31.48 ? 181 TRP   A N   1 
ATOM   983  C  CA  . TRP   A 1 131 ? 6.831   -7.099  12.359  1   30.66 ? 181 TRP   A CA  1 
ATOM   984  C  C   . TRP   A 1 131 ? 6.093   -5.955  13.031  1   30.31 ? 181 TRP   A C   1 
ATOM   985  O  O   . TRP   A 1 131 ? 6.590   -5.391  14.003  1   30.38 ? 181 TRP   A O   1 
ATOM   986  C  CB  . TRP   A 1 131 ? 7.593   -6.552  11.127  1   30.02 ? 181 TRP   A CB  1 
ATOM   987  C  CG  . TRP   A 1 131 ? 8.607   -5.487  11.462  1   29.79 ? 181 TRP   A CG  1 
ATOM   988  C  CD1 . TRP   A 1 131 ? 9.930   -5.676  11.723  1   30.5  ? 181 TRP   A CD1 1 
ATOM   989  C  CD2 . TRP   A 1 131 ? 8.378   -4.069  11.552  1   29.78 ? 181 TRP   A CD2 1 
ATOM   990  N  NE1 . TRP   A 1 131 ? 10.543  -4.468  11.965  1   30.79 ? 181 TRP   A NE1 1 
ATOM   991  C  CE2 . TRP   A 1 131 ? 9.612   -3.466  11.871  1   30.48 ? 181 TRP   A CE2 1 
ATOM   992  C  CE3 . TRP   A 1 131 ? 7.253   -3.249  11.380  1   30.09 ? 181 TRP   A CE3 1 
ATOM   993  C  CZ2 . TRP   A 1 131 ? 9.745   -2.090  12.050  1   30.99 ? 181 TRP   A CZ2 1 
ATOM   994  C  CZ3 . TRP   A 1 131 ? 7.388   -1.886  11.561  1   30.87 ? 181 TRP   A CZ3 1 
ATOM   995  C  CH2 . TRP   A 1 131 ? 8.623   -1.318  11.880  1   31.06 ? 181 TRP   A CH2 1 
ATOM   996  N  N   . ILE   A 1 132 ? 4.907   -5.608  12.518  1   30.28 ? 182 ILE   A N   1 
ATOM   997  C  CA  . ILE   A 1 132 ? 4.112   -4.521  13.091  1   31.04 ? 182 ILE   A CA  1 
ATOM   998  C  C   . ILE   A 1 132 ? 3.747   -4.818  14.547  1   31.96 ? 182 ILE   A C   1 
ATOM   999  O  O   . ILE   A 1 132 ? 3.936   -3.965  15.402  1   32.06 ? 182 ILE   A O   1 
ATOM   1000 C  CB  . ILE   A 1 132 ? 2.877   -4.211  12.211  1   30.89 ? 182 ILE   A CB  1 
ATOM   1001 C  CG1 . ILE   A 1 132 ? 3.318   -3.610  10.866  1   31.24 ? 182 ILE   A CG1 1 
ATOM   1002 C  CG2 . ILE   A 1 132 ? 1.907   -3.271  12.930  1   31.29 ? 182 ILE   A CG2 1 
ATOM   1003 C  CD1 . ILE   A 1 132 ? 2.278   -3.655  9.814   1   32.17 ? 182 ILE   A CD1 1 
ATOM   1004 N  N   . GLN   A 1 133 ? 3.327   -6.052  14.833  1   32.68 ? 183 GLN   A N   1 
ATOM   1005 C  CA  . GLN   A 1 133 ? 2.962   -6.474  16.188  1   33.88 ? 183 GLN   A CA  1 
ATOM   1006 C  C   . GLN   A 1 133 ? 4.118   -6.318  17.182  1   34.19 ? 183 GLN   A C   1 
ATOM   1007 O  O   . GLN   A 1 133 ? 3.906   -5.864  18.300  1   34.96 ? 183 GLN   A O   1 
ATOM   1008 C  CB  . GLN   A 1 133 ? 2.481   -7.938  16.175  1   35.66 ? 183 GLN   A CB  1 
ATOM   1009 N  N   . GLU   A 1 134 ? 5.332   -6.679  16.776  1   33.65 ? 184 GLU   A N   1 
ATOM   1010 C  CA  . GLU   A 1 134 ? 6.502   -6.612  17.647  1   33.68 ? 184 GLU   A CA  1 
ATOM   1011 C  C   . GLU   A 1 134 ? 7.208   -5.267  17.676  1   33.2  ? 184 GLU   A C   1 
ATOM   1012 O  O   . GLU   A 1 134 ? 8.150   -5.103  18.448  1   33.29 ? 184 GLU   A O   1 
ATOM   1013 C  CB  . GLU   A 1 134 ? 7.504   -7.712  17.270  1   35.99 ? 184 GLU   A CB  1 
ATOM   1014 C  CG  . GLU   A 1 134 ? 6.899   -9.103  17.289  1   41    ? 184 GLU   A CG  1 
ATOM   1015 C  CD  . GLU   A 1 134 ? 6.426   -9.566  18.653  1   48.3  ? 184 GLU   A CD  1 
ATOM   1016 O  OE1 . GLU   A 1 134 ? 7.118   -9.279  19.657  1   49.71 ? 184 GLU   A OE1 1 
ATOM   1017 O  OE2 . GLU   A 1 134 ? 5.371   -10.237 18.716  1   50.91 ? 184 GLU   A OE2 1 
ATOM   1018 N  N   . ASN   A 1 135 ? 6.798   -4.313  16.823  1   32.36 ? 185 ASN   A N   1 
ATOM   1019 C  CA  . ASN   A 1 135 ? 7.450   -3.011  16.787  1   31.72 ? 185 ASN   A CA  1 
ATOM   1020 C  C   . ASN   A 1 135 ? 6.527   -1.862  17.199  1   31.42 ? 185 ASN   A C   1 
ATOM   1021 O  O   . ASN   A 1 135 ? 6.710   -0.727  16.758  1   31.44 ? 185 ASN   A O   1 
ATOM   1022 C  CB  . ASN   A 1 135 ? 8.114   -2.765  15.434  1   32.44 ? 185 ASN   A CB  1 
ATOM   1023 C  CG  . ASN   A 1 135 ? 9.393   -3.561  15.287  1   35.16 ? 185 ASN   A CG  1 
ATOM   1024 O  OD1 . ASN   A 1 135 ? 10.490  -3.074  15.574  1   37.45 ? 185 ASN   A OD1 1 
ATOM   1025 N  ND2 . ASN   A 1 135 ? 9.281   -4.811  14.876  1   34.3  ? 185 ASN   A ND2 1 
ATOM   1026 N  N   . GLY   A 1 136 ? 5.573   -2.156  18.075  1   30.63 ? 186 GLY   A N   1 
ATOM   1027 C  CA  . GLY   A 1 136 ? 4.690   -1.144  18.629  1   30.45 ? 186 GLY   A CA  1 
ATOM   1028 C  C   . GLY   A 1 136 ? 3.298   -1.041  18.051  1   29.64 ? 186 GLY   A C   1 
ATOM   1029 O  O   . GLY   A 1 136 ? 2.491   -0.245  18.538  1   29.75 ? 186 GLY   A O   1 
ATOM   1030 N  N   . GLY   A 1 137 ? 3.017   -1.819  17.017  1   28.3  ? 187 GLY   A N   1 
ATOM   1031 C  CA  . GLY   A 1 137 ? 1.724   -1.798  16.347  1   27.61 ? 187 GLY   A CA  1 
ATOM   1032 C  C   . GLY   A 1 137 ? 1.461   -0.508  15.593  1   26.68 ? 187 GLY   A C   1 
ATOM   1033 O  O   . GLY   A 1 137 ? 2.280   0.414   15.622  1   26.44 ? 187 GLY   A O   1 
ATOM   1034 N  N   . TRP   A 1 138 ? 0.303   -0.414  14.929  1   26.27 ? 188 TRP   A N   1 
ATOM   1035 C  CA  . TRP   A 1 138 ? -0.076  0.805   14.216  1   26.6  ? 188 TRP   A CA  1 
ATOM   1036 C  C   . TRP   A 1 138 ? -0.204  2.017   15.151  1   27.13 ? 188 TRP   A C   1 
ATOM   1037 O  O   . TRP   A 1 138 ? -0.075  3.150   14.689  1   27.33 ? 188 TRP   A O   1 
ATOM   1038 C  CB  . TRP   A 1 138 ? -1.365  0.596   13.411  1   26.59 ? 188 TRP   A CB  1 
ATOM   1039 C  CG  . TRP   A 1 138 ? -1.180  -0.230  12.172  1   27.24 ? 188 TRP   A CG  1 
ATOM   1040 C  CD1 . TRP   A 1 138 ? -1.634  -1.498  11.953  1   28.08 ? 188 TRP   A CD1 1 
ATOM   1041 C  CD2 . TRP   A 1 138 ? -0.461  0.150   10.991  1   27.2  ? 188 TRP   A CD2 1 
ATOM   1042 N  NE1 . TRP   A 1 138 ? -1.289  -1.910  10.685  1   28.44 ? 188 TRP   A NE1 1 
ATOM   1043 C  CE2 . TRP   A 1 138 ? -0.574  -0.912  10.071  1   28    ? 188 TRP   A CE2 1 
ATOM   1044 C  CE3 . TRP   A 1 138 ? 0.222   1.310   10.599  1   27.76 ? 188 TRP   A CE3 1 
ATOM   1045 C  CZ2 . TRP   A 1 138 ? -0.003  -0.861  8.798   1   28.47 ? 188 TRP   A CZ2 1 
ATOM   1046 C  CZ3 . TRP   A 1 138 ? 0.774   1.361   9.334   1   28.37 ? 188 TRP   A CZ3 1 
ATOM   1047 C  CH2 . TRP   A 1 138 ? 0.660   0.285   8.451   1   28.37 ? 188 TRP   A CH2 1 
ATOM   1048 N  N   . ALA   A 1 139 ? -0.426  1.787   16.461  1   27.06 ? 189 ALA   A N   1 
ATOM   1049 C  CA  . ALA   A 1 139 ? -0.508  2.872   17.439  1   27.32 ? 189 ALA   A CA  1 
ATOM   1050 C  C   . ALA   A 1 139 ? 0.842   3.595   17.535  1   27.88 ? 189 ALA   A C   1 
ATOM   1051 O  O   . ALA   A 1 139 ? 0.872   4.822   17.663  1   27.97 ? 189 ALA   A O   1 
ATOM   1052 C  CB  . ALA   A 1 139 ? -0.910  2.325   18.800  1   27.06 ? 189 ALA   A CB  1 
ATOM   1053 N  N   . THR   A 1 140 ? 1.952   2.843   17.452  1   27.67 ? 190 THR   A N   1 
ATOM   1054 C  CA  . THR   A 1 140 ? 3.287   3.438   17.472  1   28.47 ? 190 THR   A CA  1 
ATOM   1055 C  C   . THR   A 1 140 ? 3.533   4.271   16.205  1   29.66 ? 190 THR   A C   1 
ATOM   1056 O  O   . THR   A 1 140 ? 4.035   5.387   16.305  1   30.09 ? 190 THR   A O   1 
ATOM   1057 C  CB  . THR   A 1 140 ? 4.350   2.378   17.739  1   29.86 ? 190 THR   A CB  1 
ATOM   1058 O  OG1 . THR   A 1 140 ? 4.257   1.997   19.115  1   30.82 ? 190 THR   A OG1 1 
ATOM   1059 C  CG2 . THR   A 1 140 ? 5.760   2.873   17.452  1   30.5  ? 190 THR   A CG2 1 
ATOM   1060 N  N   . PHE   A 1 141 ? 3.093   3.787   15.027  1   30.13 ? 191 PHE   A N   1 
ATOM   1061 C  CA  . PHE   A 1 141 ? 3.238   4.560   13.782  1   31.12 ? 191 PHE   A CA  1 
ATOM   1062 C  C   . PHE   A 1 141 ? 2.526   5.915   13.896  1   32.02 ? 191 PHE   A C   1 
ATOM   1063 O  O   . PHE   A 1 141 ? 3.098   6.938   13.521  1   32.41 ? 191 PHE   A O   1 
ATOM   1064 C  CB  . PHE   A 1 141 ? 2.703   3.773   12.571  1   31.13 ? 191 PHE   A CB  1 
ATOM   1065 C  CG  . PHE   A 1 141 ? 2.710   4.571   11.287  1   31.99 ? 191 PHE   A CG  1 
ATOM   1066 C  CD1 . PHE   A 1 141 ? 3.901   4.994   10.722  1   32.83 ? 191 PHE   A CD1 1 
ATOM   1067 C  CD2 . PHE   A 1 141 ? 1.524   4.918   10.660  1   32.91 ? 191 PHE   A CD2 1 
ATOM   1068 C  CE1 . PHE   A 1 141 ? 3.905   5.749   9.553   1   33.61 ? 191 PHE   A CE1 1 
ATOM   1069 C  CE2 . PHE   A 1 141 ? 1.531   5.670   9.491   1   33.57 ? 191 PHE   A CE2 1 
ATOM   1070 C  CZ  . PHE   A 1 141 ? 2.720   6.082   8.947   1   33.5  ? 191 PHE   A CZ  1 
ATOM   1071 N  N   . VAL   A 1 142 ? 1.307   5.918   14.459  1   32.38 ? 192 VAL   A N   1 
ATOM   1072 C  CA  . VAL   A 1 142 ? 0.509   7.127   14.651  1   33.41 ? 192 VAL   A CA  1 
ATOM   1073 C  C   . VAL   A 1 142 ? 1.195   8.190   15.570  1   34.8  ? 192 VAL   A C   1 
ATOM   1074 O  O   . VAL   A 1 142 ? 1.261   9.344   15.136  1   35.32 ? 192 VAL   A O   1 
ATOM   1075 C  CB  . VAL   A 1 142 ? -0.931  6.798   15.115  1   33.96 ? 192 VAL   A CB  1 
ATOM   1076 C  CG1 . VAL   A 1 142 ? -1.695  8.058   15.523  1   34.7  ? 192 VAL   A CG1 1 
ATOM   1077 C  CG2 . VAL   A 1 142 ? -1.688  6.061   14.021  1   34.34 ? 192 VAL   A CG2 1 
ATOM   1078 N  N   . GLU   A 1 143 ? 1.697   7.844   16.799  1   35    ? 193 GLU   A N   1 
ATOM   1079 C  CA  . GLU   A 1 143 ? 2.326   8.896   17.642  1   36.19 ? 193 GLU   A CA  1 
ATOM   1080 C  C   . GLU   A 1 143 ? 3.722   9.282   17.136  1   37.5  ? 193 GLU   A C   1 
ATOM   1081 O  O   . GLU   A 1 143 ? 4.144   10.414  17.365  1   37.98 ? 193 GLU   A O   1 
ATOM   1082 C  CB  . GLU   A 1 143 ? 2.335   8.598   19.175  1   37.96 ? 193 GLU   A CB  1 
ATOM   1083 C  CG  . GLU   A 1 143 ? 1.539   9.609   20.034  1   37.79 ? 193 GLU   A CG  1 
ATOM   1084 C  CD  . GLU   A 1 143 ? 2.295   10.599  20.915  1   38.44 ? 193 GLU   A CD  1 
ATOM   1085 O  OE1 . GLU   A 1 143 ? 3.523   10.402  21.074  1   44.04 ? 193 GLU   A OE1 1 
ATOM   1086 O  OE2 . GLU   A 1 143 ? 1.678   11.563  21.443  1   27.83 ? 193 GLU   A OE2 1 
ATOM   1087 N  N   . LEU   A 1 144 ? 4.427   8.376   16.432  1   38.11 ? 194 LEU   A N   1 
ATOM   1088 C  CA  . LEU   A 1 144 ? 5.741   8.706   15.889  1   39.94 ? 194 LEU   A CA  1 
ATOM   1089 C  C   . LEU   A 1 144 ? 5.598   9.647   14.687  1   41.57 ? 194 LEU   A C   1 
ATOM   1090 O  O   . LEU   A 1 144 ? 6.385   10.580  14.544  1   41.87 ? 194 LEU   A O   1 
ATOM   1091 C  CB  . LEU   A 1 144 ? 6.537   7.457   15.481  1   40.57 ? 194 LEU   A CB  1 
ATOM   1092 C  CG  . LEU   A 1 144 ? 7.106   6.576   16.600  1   42.67 ? 194 LEU   A CG  1 
ATOM   1093 C  CD1 . LEU   A 1 144 ? 7.952   5.462   16.019  1   43.24 ? 194 LEU   A CD1 1 
ATOM   1094 C  CD2 . LEU   A 1 144 ? 7.944   7.377   17.570  1   43.71 ? 194 LEU   A CD2 1 
ATOM   1095 N  N   . TYR   A 1 145 ? 4.593   9.411   13.833  1   42.33 ? 195 TYR   A N   1 
ATOM   1096 C  CA  . TYR   A 1 145 ? 4.370   10.265  12.670  1   43.61 ? 195 TYR   A CA  1 
ATOM   1097 C  C   . TYR   A 1 145 ? 3.727   11.586  13.081  1   45.21 ? 195 TYR   A C   1 
ATOM   1098 O  O   . TYR   A 1 145 ? 4.128   12.646  12.605  1   45.65 ? 195 TYR   A O   1 
ATOM   1099 C  CB  . TYR   A 1 145 ? 3.528   9.562   11.596  1   43.34 ? 195 TYR   A CB  1 
ATOM   1100 C  CG  . TYR   A 1 145 ? 3.401   10.397  10.345  1   43.79 ? 195 TYR   A CG  1 
ATOM   1101 C  CD1 . TYR   A 1 145 ? 4.515   10.707  9.577   1   44.65 ? 195 TYR   A CD1 1 
ATOM   1102 C  CD2 . TYR   A 1 145 ? 2.176   10.911  9.951   1   44.7  ? 195 TYR   A CD2 1 
ATOM   1103 C  CE1 . TYR   A 1 145 ? 4.412   11.512  8.450   1   45.47 ? 195 TYR   A CE1 1 
ATOM   1104 C  CE2 . TYR   A 1 145 ? 2.059   11.706  8.818   1   45.67 ? 195 TYR   A CE2 1 
ATOM   1105 C  CZ  . TYR   A 1 145 ? 3.181   12.006  8.070   1   46.39 ? 195 TYR   A CZ  1 
ATOM   1106 O  OH  . TYR   A 1 145 ? 3.071   12.795  6.950   1   47.72 ? 195 TYR   A OH  1 
ATOM   1107 N  N   . GLY   A 1 146 ? 2.753   11.514  13.974  1   45.87 ? 196 GLY   A N   1 
ATOM   1108 C  CA  . GLY   A 1 146 ? 2.073   12.700  14.470  1   46.94 ? 196 GLY   A CA  1 
ATOM   1109 C  C   . GLY   A 1 146 ? 2.816   13.350  15.617  1   47.84 ? 196 GLY   A C   1 
ATOM   1110 O  O   . GLY   A 1 146 ? 3.647   14.235  15.405  1   48.39 ? 196 GLY   A O   1 
HETATM 1111 N  N1  . A1AFG B 2 .   ? 13.316  1.723   0.131   1   31.42 ? 301 A1AFG A N1  1 
HETATM 1112 N  N3  . A1AFG B 2 .   ? 8.873   2.719   -6.394  1   31.97 ? 301 A1AFG A N3  1 
HETATM 1113 C  C4  . A1AFG B 2 .   ? 12.936  0.980   -2.220  1   32.11 ? 301 A1AFG A C4  1 
HETATM 1114 C  C5  . A1AFG B 2 .   ? 14.016  0.097   -2.089  1   32.26 ? 301 A1AFG A C5  1 
HETATM 1115 C  C6  . A1AFG B 2 .   ? 14.425  -0.638  -3.199  1   32.43 ? 301 A1AFG A C6  1 
HETATM 1116 C  C7  . A1AFG B 2 .   ? 12.407  1.750   -1.030  1   31.7  ? 301 A1AFG A C7  1 
HETATM 1117 C  C8  . A1AFG B 2 .   ? 13.914  0.406   0.387   1   32    ? 301 A1AFG A C8  1 
HETATM 1118 C  C10 . A1AFG B 2 .   ? 11.048  1.947   -3.614  1   32.12 ? 301 A1AFG A C10 1 
HETATM 1119 C  C13 . A1AFG B 2 .   ? 7.032   3.495   -5.133  1   31.69 ? 301 A1AFG A C13 1 
HETATM 1120 C  C15 . A1AFG B 2 .   ? 5.522   4.009   -7.389  1   31.81 ? 301 A1AFG A C15 1 
HETATM 1121 C  C17 . A1AFG B 2 .   ? 5.746   4.004   -4.992  1   31.74 ? 301 A1AFG A C17 1 
HETATM 1122 C  C20 . A1AFG B 2 .   ? 11.548  4.092   2.302   1   30.59 ? 301 A1AFG A C20 1 
HETATM 1123 C  C21 . A1AFG B 2 .   ? 12.537  4.304   3.258   1   30.99 ? 301 A1AFG A C21 1 
HETATM 1124 C  C22 . A1AFG B 2 .   ? 13.725  3.573   3.134   1   30.69 ? 301 A1AFG A C22 1 
HETATM 1125 C  C24 . A1AFG B 2 .   ? 12.308  5.313   4.325   1   31.99 ? 301 A1AFG A C24 1 
HETATM 1126 C  C26 . A1AFG B 2 .   ? 12.343  5.120   5.716   1   32.54 ? 301 A1AFG A C26 1 
HETATM 1127 C  C28 . A1AFG B 2 .   ? 11.875  7.455   2.922   1   33.1  ? 301 A1AFG A C28 1 
HETATM 1128 C  C1  . A1AFG B 2 .   ? 13.810  -0.476  -4.428  1   32.61 ? 301 A1AFG A C1  1 
HETATM 1129 C  C2  . A1AFG B 2 .   ? 12.754  0.407   -4.571  1   32.51 ? 301 A1AFG A C2  1 
HETATM 1130 C  C3  . A1AFG B 2 .   ? 12.295  1.124   -3.465  1   32.21 ? 301 A1AFG A C3  1 
HETATM 1131 C  C9  . A1AFG B 2 .   ? 14.768  -0.031  -0.786  1   32.13 ? 301 A1AFG A C9  1 
HETATM 1132 O  O1  . A1AFG B 2 .   ? 10.484  2.430   -2.637  1   32.2  ? 301 A1AFG A O1  1 
HETATM 1133 N  N2  . A1AFG B 2 .   ? 10.541  2.075   -4.889  1   31.93 ? 301 A1AFG A N2  1 
HETATM 1134 C  C11 . A1AFG B 2 .   ? 9.288   2.585   -5.165  1   31.84 ? 301 A1AFG A C11 1 
HETATM 1135 C  C12 . A1AFG B 2 .   ? 7.574   3.241   -6.397  1   31.82 ? 301 A1AFG A C12 1 
HETATM 1136 S  S1  . A1AFG B 2 .   ? 8.178   3.061   -3.897  1   31.43 ? 301 A1AFG A S1  1 
HETATM 1137 C  C14 . A1AFG B 2 .   ? 6.807   3.499   -7.533  1   31.87 ? 301 A1AFG A C14 1 
HETATM 1138 C  C16 . A1AFG B 2 .   ? 4.995   4.256   -6.131  1   31.72 ? 301 A1AFG A C16 1 
HETATM 1139 C  C18 . A1AFG B 2 .   ? 13.005  2.553   1.197   1   30.87 ? 301 A1AFG A C18 1 
HETATM 1140 C  C19 . A1AFG B 2 .   ? 11.769  3.215   1.258   1   30.47 ? 301 A1AFG A C19 1 
HETATM 1141 N  N4  . A1AFG B 2 .   ? 13.961  2.718   2.125   1   30.71 ? 301 A1AFG A N4  1 
HETATM 1142 C  C23 . A1AFG B 2 .   ? 14.813  3.673   4.173   1   30.81 ? 301 A1AFG A C23 1 
HETATM 1143 O  O2  . A1AFG B 2 .   ? 15.428  4.711   4.348   1   30.77 ? 301 A1AFG A O2  1 
HETATM 1144 O  O3  . A1AFG B 2 .   ? 14.995  2.596   4.877   1   31.19 ? 301 A1AFG A O3  1 
HETATM 1145 C  C25 . A1AFG B 2 .   ? 11.940  6.637   4.167   1   32.92 ? 301 A1AFG A C25 1 
HETATM 1146 N  N5  . A1AFG B 2 .   ? 11.741  7.129   5.410   1   33.38 ? 301 A1AFG A N5  1 
HETATM 1147 N  N6  . A1AFG B 2 .   ? 12.000  6.208   6.384   1   33.06 ? 301 A1AFG A N6  1 
HETATM 1148 C  C27 . A1AFG B 2 .   ? 11.287  8.452   5.797   1   34.36 ? 301 A1AFG A C27 1 
HETATM 1149 C  C29 . A1AFG B 2 .   ? 9.802   8.729   6.079   1   35.67 ? 301 A1AFG A C29 1 
HETATM 1150 C  C30 . A1AFG B 2 .   ? 8.923   8.330   4.873   1   35.91 ? 301 A1AFG A C30 1 
HETATM 1151 C  C31 . A1AFG B 2 .   ? 7.439   8.628   5.164   1   36.1  ? 301 A1AFG A C31 1 
HETATM 1152 C  C32 . A1AFG B 2 .   ? 7.266   10.130  5.434   1   36.3  ? 301 A1AFG A C32 1 
HETATM 1153 C  C33 . A1AFG B 2 .   ? 8.120   10.537  6.648   1   36.32 ? 301 A1AFG A C33 1 
HETATM 1154 C  C34 . A1AFG B 2 .   ? 9.602   10.234  6.355   1   35.96 ? 301 A1AFG A C34 1 
HETATM 1155 C  C35 . A1AFG B 2 .   ? 7.672   9.737   7.883   1   36.36 ? 301 A1AFG A C35 1 
HETATM 1156 C  C36 . A1AFG B 2 .   ? 9.329   7.936   7.315   1   35.96 ? 301 A1AFG A C36 1 
HETATM 1157 C  C37 . A1AFG B 2 .   ? 6.992   7.827   6.398   1   36.3  ? 301 A1AFG A C37 1 
HETATM 1158 C  C38 . A1AFG B 2 .   ? 7.845   8.234   7.612   1   36.37 ? 301 A1AFG A C38 1 
HETATM 1159 CD CD  . CD    C 3 .   ? -2.762  16.872  4.664   1   36.77 ? 302 CD    A CD  1 
HETATM 1160 CD CD  . CD    D 3 .   ? 17.156  2.737   5.824   0.5 34.33 ? 303 CD    A CD  1 
HETATM 1161 O  O   . HOH   E 4 .   ? 3.655   -1.566  -13.639 1   53.58 ? 401 HOH   A O   1 
HETATM 1162 O  O   . HOH   E 4 .   ? -5.505  14.500  7.294   1   53.92 ? 402 HOH   A O   1 
HETATM 1163 O  O   . HOH   E 4 .   ? -1.311  -16.644 2.281   1   47.75 ? 403 HOH   A O   1 
HETATM 1164 O  O   . HOH   E 4 .   ? 6.846   -9.612  9.531   1   61.17 ? 404 HOH   A O   1 
HETATM 1165 O  O   . HOH   E 4 .   ? -7.171  4.641   14.957  1   36.03 ? 405 HOH   A O   1 
HETATM 1166 O  O   . HOH   E 4 .   ? 21.284  -4.930  5.024   1   49.85 ? 406 HOH   A O   1 
HETATM 1167 O  O   . HOH   E 4 .   ? -10.473 -7.138  -3.069  1   35.47 ? 407 HOH   A O   1 
HETATM 1168 O  O   . HOH   E 4 .   ? 16.659  6.159   2.537   1   35.98 ? 408 HOH   A O   1 
HETATM 1169 O  O   . HOH   E 4 .   ? 12.802  -10.183 -4.735  1   48.64 ? 409 HOH   A O   1 
HETATM 1170 O  O   . HOH   E 4 .   ? 2.126   14.006  -2.566  1   67.64 ? 410 HOH   A O   1 
HETATM 1171 O  O   . HOH   E 4 .   ? -11.692 -4.009  -9.526  1   39.79 ? 411 HOH   A O   1 
HETATM 1172 O  O   . HOH   E 4 .   ? 21.633  -2.204  7.847   1   55.56 ? 412 HOH   A O   1 
HETATM 1173 O  O   . HOH   E 4 .   ? -12.211 4.248   5.092   1   36.8  ? 413 HOH   A O   1 
HETATM 1174 O  O   . HOH   E 4 .   ? -3.686  10.339  12.750  1   43.3  ? 414 HOH   A O   1 
HETATM 1175 O  O   . HOH   E 4 .   ? -4.265  -3.642  12.499  1   51    ? 415 HOH   A O   1 
HETATM 1176 O  O   . HOH   E 4 .   ? -5.200  4.848   4.698   1   37.86 ? 416 HOH   A O   1 
HETATM 1177 O  O   . HOH   E 4 .   ? -12.593 -6.484  -9.806  1   43.2  ? 417 HOH   A O   1 
HETATM 1178 O  O   . HOH   E 4 .   ? -11.438 3.228   -10.280 1   49.04 ? 418 HOH   A O   1 
HETATM 1179 O  O   . HOH   E 4 .   ? -0.880  6.202   19.140  1   29.75 ? 419 HOH   A O   1 
HETATM 1180 O  O   . HOH   E 4 .   ? 5.511   2.710   -14.608 1   57.15 ? 420 HOH   A O   1 
HETATM 1181 O  O   . HOH   E 4 .   ? 3.071   -13.967 -13.147 1   52.68 ? 421 HOH   A O   1 
HETATM 1182 O  O   . HOH   E 4 .   ? 5.915   5.117   -12.756 1   56.88 ? 422 HOH   A O   1 
HETATM 1183 O  O   . HOH   E 4 .   ? 13.107  -0.240  -11.247 1   51.93 ? 423 HOH   A O   1 
HETATM 1184 O  O   . HOH   E 4 .   ? 0.374   5.789   -4.676  1   31.43 ? 424 HOH   A O   1 
HETATM 1185 O  O   . HOH   E 4 .   ? 8.445   1.165   15.861  1   36.36 ? 425 HOH   A O   1 
HETATM 1186 O  O   . HOH   E 4 .   ? -6.331  -10.852 0.759   1   43.58 ? 426 HOH   A O   1 
HETATM 1187 O  O   . HOH   E 4 .   ? 0.514   -1.430  20.049  1   38.93 ? 427 HOH   A O   1 
HETATM 1188 O  O   . HOH   E 4 .   ? -3.413  -10.742 -12.264 1   36.94 ? 428 HOH   A O   1 
HETATM 1189 O  O   . HOH   E 4 .   ? 0.734   4.816   -11.359 1   38.71 ? 429 HOH   A O   1 
HETATM 1190 O  O   . HOH   E 4 .   ? -2.799  8.919   -6.417  1   55.69 ? 430 HOH   A O   1 
HETATM 1191 O  O   . HOH   E 4 .   ? -4.509  -12.946 -2.335  1   44.6  ? 431 HOH   A O   1 
HETATM 1192 O  O   . HOH   E 4 .   ? 19.544  -3.728  8.749   1   67.62 ? 432 HOH   A O   1 
HETATM 1193 O  O   . HOH   E 4 .   ? -11.668 0.865   4.716   1   43.38 ? 433 HOH   A O   1 
HETATM 1194 O  O   . HOH   E 4 .   ? 1.211   14.780  3.961   1   43.33 ? 434 HOH   A O   1 
HETATM 1195 O  O   . HOH   E 4 .   ? 8.667   -13.404 1.043   1   66.24 ? 435 HOH   A O   1 
HETATM 1196 O  O   . HOH   E 4 .   ? 6.550   1.550   20.693  1   47.6  ? 436 HOH   A O   1 
HETATM 1197 O  O   . HOH   E 4 .   ? 1.932   -10.428 -17.010 1   54.93 ? 437 HOH   A O   1 
HETATM 1198 O  O   . HOH   E 4 .   ? 7.683   -12.994 6.737   1   54.74 ? 438 HOH   A O   1 
HETATM 1199 O  O   . HOH   E 4 .   ? 6.424   15.723  8.025   1   25.67 ? 439 HOH   A O   1 
HETATM 1200 O  O   . HOH   E 4 .   ? -3.139  15.241  9.536   1   49.01 ? 440 HOH   A O   1 
HETATM 1201 O  O   . HOH   E 4 .   ? -9.835  -9.616  12.116  1   44.73 ? 441 HOH   A O   1 
HETATM 1202 O  O   . HOH   E 4 .   ? -9.778  14.511  -6.310  1   55.82 ? 442 HOH   A O   1 
HETATM 1203 O  O   . HOH   E 4 .   ? -1.579  -2.573  15.459  1   39.92 ? 443 HOH   A O   1 
HETATM 1204 O  O   . HOH   E 4 .   ? -9.590  -6.415  12.790  1   41.42 ? 444 HOH   A O   1 
HETATM 1205 O  O   . HOH   E 4 .   ? 11.023  4.465   8.987   1   41.76 ? 445 HOH   A O   1 
HETATM 1206 O  O   . HOH   E 4 .   ? -2.339  -15.441 -8.016  1   46.74 ? 446 HOH   A O   1 
HETATM 1207 O  O   . HOH   E 4 .   ? 13.753  3.812   -11.778 1   52.96 ? 447 HOH   A O   1 
HETATM 1208 O  O   . HOH   E 4 .   ? -3.970  8.581   -13.745 1   67.11 ? 448 HOH   A O   1 
HETATM 1209 O  O   . HOH   E 4 .   ? 0.059   6.051   -13.721 1   48.46 ? 449 HOH   A O   1 
HETATM 1210 O  O   . HOH   E 4 .   ? -1.833  -0.663  17.345  0.5 28.67 ? 450 HOH   A O   1 
HETATM 1211 O  O   . HOH   E 4 .   ? 4.741   0.239   -15.560 1   64.48 ? 451 HOH   A O   1 
HETATM 1212 O  O   . HOH   E 4 .   ? 15.306  6.335   -9.546  1   68.18 ? 452 HOH   A O   1 
HETATM 1213 O  O   . HOH   E 4 .   ? 14.742  -9.179  -2.537  1   58.73 ? 453 HOH   A O   1 
HETATM 1214 O  O   . HOH   E 4 .   ? -11.710 1.388   10.896  1   57.24 ? 454 HOH   A O   1 
HETATM 1215 O  O   . HOH   E 4 .   ? 4.381   15.311  11.200  1   71.07 ? 455 HOH   A O   1 
HETATM 1216 O  O   . HOH   E 4 .   ? 1.280   -2.838  -13.278 1   50.53 ? 456 HOH   A O   1 
HETATM 1217 O  O   . HOH   E 4 .   ? 15.885  0.123   9.117   1   50.52 ? 457 HOH   A O   1 
HETATM 1218 O  O   . HOH   E 4 .   ? 15.697  1.959   -12.044 1   67.26 ? 458 HOH   A O   1 
HETATM 1219 O  O   . HOH   E 4 .   ? -3.715  -13.776 9.769   1   59.82 ? 459 HOH   A O   1 
HETATM 1220 O  O   . HOH   E 4 .   ? 5.938   13.191  17.250  1   79.07 ? 460 HOH   A O   1 
HETATM 1221 O  O   . HOH   E 4 .   ? -11.522 -3.750  -16.543 1   50.53 ? 461 HOH   A O   1 
HETATM 1222 O  O   . HOH   E 4 .   ? 6.645   0.732   -17.413 1   63.82 ? 462 HOH   A O   1 
HETATM 1223 O  O   . HOH   E 4 .   ? -14.755 -1.967  -0.727  1   61.28 ? 463 HOH   A O   1 
HETATM 1224 O  O   . HOH   E 4 .   ? 7.910   -10.492 -10.890 1   59.89 ? 464 HOH   A O   1 
HETATM 1225 O  O   . HOH   E 4 .   ? -11.996 1.189   -8.516  1   55.88 ? 465 HOH   A O   1 
HETATM 1226 O  O   . HOH   E 4 .   ? 15.674  -2.906  9.553   1   61.23 ? 466 HOH   A O   1 
HETATM 1227 O  O   . HOH   E 4 .   ? 3.611   4.900   -11.420 1   53.88 ? 467 HOH   A O   1 
HETATM 1228 O  O   . HOH   E 4 .   ? 0.949   12.873  18.552  1   63.51 ? 468 HOH   A O   1 
HETATM 1229 O  O   . HOH   E 4 .   ? 11.002  2.147   11.877  1   44.11 ? 469 HOH   A O   1 
HETATM 1230 O  O   . HOH   E 4 .   ? -13.649 -0.893  15.054  1   59.03 ? 470 HOH   A O   1 
HETATM 1231 O  O   . HOH   E 4 .   ? -10.291 -10.183 -6.434  1   52.55 ? 471 HOH   A O   1 
HETATM 1232 O  O   . HOH   E 4 .   ? -8.110  11.047  13.914  1   54.58 ? 472 HOH   A O   1 
HETATM 1233 O  O   . HOH   E 4 .   ? -1.093  -5.205  12.458  1   38.78 ? 473 HOH   A O   1 
HETATM 1234 O  O   . HOH   E 4 .   ? -12.647 -2.151  -7.569  1   49.94 ? 474 HOH   A O   1 
HETATM 1235 O  O   . HOH   E 4 .   ? -11.588 -0.288  -17.223 1   51.64 ? 475 HOH   A O   1 
HETATM 1236 O  O   . HOH   E 4 .   ? 10.277  -3.073  20.459  1   65.84 ? 476 HOH   A O   1 
HETATM 1237 O  O   . HOH   E 4 .   ? 16.805  -2.260  -9.471  1   68.94 ? 477 HOH   A O   1 
HETATM 1238 O  O   . HOH   E 4 .   ? 8.543   -0.794  19.899  1   52.48 ? 478 HOH   A O   1 
HETATM 1239 O  O   . HOH   E 4 .   ? 8.584   7.194   -8.863  1   58.58 ? 479 HOH   A O   1 
HETATM 1240 O  O   . HOH   E 4 .   ? -16.365 2.543   -8.198  1   91.99 ? 480 HOH   A O   1 
HETATM 1241 O  O   . HOH   E 4 .   ? -14.496 -5.315  -11.680 1   62.96 ? 481 HOH   A O   1 
HETATM 1242 O  O   . HOH   E 4 .   ? 17.573  -0.561  -11.425 1   69.46 ? 482 HOH   A O   1 
HETATM 1243 O  O   . HOH   E 4 .   ? 4.807   -9.988  -14.111 1   52.74 ? 483 HOH   A O   1 
HETATM 1244 O  O   . HOH   E 4 .   ? -9.306  -7.578  0.120   1   57.1  ? 484 HOH   A O   1 
HETATM 1245 O  O   . HOH   E 4 .   ? -0.462  15.613  13.716  1   64.57 ? 485 HOH   A O   1 
# 
